data_6SOZ
#
_entry.id   6SOZ
#
_cell.length_a   128.180
_cell.length_b   117.870
_cell.length_c   134.550
_cell.angle_alpha   90.000
_cell.angle_beta   111.450
_cell.angle_gamma   90.000
#
_symmetry.space_group_name_H-M   'C 1 2 1'
#
loop_
_entity.id
_entity.type
_entity.pdbx_description
1 polymer 'ESAG6, subunit of heterodimeric transferrin receptor'
2 polymer 'ESAG7, subunit of heterodimeric transferrin receptor'
3 polymer Serotransferrin
4 branched alpha-D-mannopyranose-(1-4)-2-acetamido-2-deoxy-beta-D-glucopyranose-(1-4)-2-acetamido-2-deoxy-beta-D-glucopyranose
5 branched 2-acetamido-2-deoxy-beta-D-glucopyranose-(1-4)-2-acetamido-2-deoxy-beta-D-glucopyranose
6 non-polymer 2-acetamido-2-deoxy-beta-D-glucopyranose
7 non-polymer 'FE (III) ION'
#
loop_
_entity_poly.entity_id
_entity_poly.type
_entity_poly.pdbx_seq_one_letter_code
_entity_poly.pdbx_strand_id
1 'polypeptide(L)'
;MRFWFVLLALLGKEIYAYENERNALNATAANKVCGLSTYLKGIAHRVNSESAVVTEKLSDLKMRSIQLQLSVMRNRVPSG
EQDCKDIRTLLKTVLRNEFTFQQELEEMRNASALAAAAAGLAAGRLEEWIFVFAQAAGRSSQFCISVGKTGPAEYNNLQE
CFDGTIGPETLYKIEDSRVKESAKTSLQLHEVLSSISFGSLGVKNIRGGNGKDGCNLVRTDTDGVLEGGSPTRHNLTWGG
GVMNFGSYQNGSMYVEGGEYGDATEYGAVRWTEDPSKVSIFKDVIRLFARFQEAKNAVVKKIKTTVDELTKCIGQKEAEL
TNDQLYEEFIWETINRLELSKRVSEQSAFGEEEETIVKFNYTAEPVRGPFTVAGANAAAIHLSVSTAALCRSALLLGVL
;
A
2 'polypeptide(L)'
;MRFWFVLLALLGKEIYAYENERNALNATAANKVCGLSTYLKGIAHRVNSESAVVTEKLSDLKMRSIQLQLSVMRNRVPSG
EQDCKDIRTLLKTVLRNEFTFQQELEEMRNASALAAAAAGIAAGRLEEWIFVFAQAAGGSSQFCISVGTNIPAEYNNLQE
CFDGTIGPETLYKIEDSRVKESAQKSLQLHEVLSSISFSSLGAESIVEKGENRGCNLMRTADGGLLKDVCLNRNFTWGGG
VLNFGYCVAGNLKIKGGEYGDVGSHDAVRWTEDPSKVSIFKDVIRLFARFQEVKNAVVKKIKTTVDELTKCIGQKEAELT
NDQLYEEFEVIQKYLWFL
;
B
3 'polypeptide(L)'
;DKTVRWCAVSEHEATKCQSFRDHMKSVIPSDGPSVACVKKASYLDCIRAIAANEADAVTLDAGLVYDAYLAPNNLKPVVA
EFYGSKEDPQTFYYAVAVVKKDSGFQMNQLRGKKSCHTGLGRSAGWNIPIGLLYCDLPEPRKPLEKAVANFFSGSCAPCA
DGTDFPQLCQLCPGCGCSTLNQYFGYSGAFKCLKDGAGDVAFVKHSTIFENLANKADRDQYELLCLDNTRKPVDEYKDCH
LAQVPSHTVVARSMGGKEDLIWELLNQAQEHFGKDKSKEFQLFSSPHGKDLLFKDSAHGFLKVPPRMDAKMYLGYEYVTA
IRNLREGTCPEAPTDECKPVKWCALSHHERLKCDEWSVNSVGKIECVSAETTEDCIAKIMNGEADAMSLDGGFVYIAGKC
GLVPVLAENYNKSDNCEDTPEAGYFAVAVVKKSASDLTWDNLKGKKSCHTAVGRTAGWNIPMGLLYNKINHCRFDEFFSE
GCAPGSKKDSSLCKLCMGSGLNLCEPNNKEGYYGYTGAFRCLVEKGDVAFVKHQTVPQNTGGKNPDPWAKNLNEKDYELL
CLDGTRKPVEEYANCHLARAPNHAVVTRKDKEACVHKILRQQQHLFGSNVTDCSGNFCLFRSETKDLLFRDDTVCLAKLH
DRNTYEKYLGEEYVKAVGNLRKCSTSSLLEACTFRRP
;
C
#
# COMPACT_ATOMS: atom_id res chain seq x y z
N ASN A 20 5.44 17.49 10.45
CA ASN A 20 4.57 16.77 11.39
C ASN A 20 5.20 15.46 11.93
N GLU A 21 4.85 15.09 13.19
CA GLU A 21 5.31 13.87 13.86
C GLU A 21 4.86 12.62 13.11
N ARG A 22 5.73 11.61 13.05
CA ARG A 22 5.43 10.32 12.42
C ARG A 22 5.61 9.25 13.47
N ASN A 23 4.50 8.86 14.11
CA ASN A 23 4.46 7.88 15.19
C ASN A 23 3.99 6.49 14.74
N ALA A 24 3.90 5.54 15.68
CA ALA A 24 3.52 4.16 15.41
C ALA A 24 2.60 3.61 16.48
N LEU A 25 2.04 2.39 16.23
CA LEU A 25 1.17 1.65 17.15
C LEU A 25 2.09 1.02 18.17
N ASN A 26 1.79 1.23 19.43
CA ASN A 26 2.61 0.75 20.52
C ASN A 26 2.39 -0.74 20.77
N ALA A 27 3.48 -1.45 21.16
CA ALA A 27 3.49 -2.89 21.42
C ALA A 27 2.45 -3.35 22.43
N THR A 28 2.07 -2.50 23.39
CA THR A 28 1.05 -2.91 24.35
C THR A 28 -0.32 -3.01 23.64
N ALA A 29 -0.66 -2.07 22.74
CA ALA A 29 -1.93 -2.15 22.04
C ALA A 29 -1.95 -3.41 21.22
N ALA A 30 -0.87 -3.67 20.43
CA ALA A 30 -0.70 -4.86 19.58
C ALA A 30 -0.83 -6.18 20.38
N ASN A 31 -0.21 -6.23 21.57
CA ASN A 31 -0.26 -7.37 22.49
C ASN A 31 -1.65 -7.66 23.05
N LYS A 32 -2.43 -6.61 23.42
CA LYS A 32 -3.79 -6.78 23.93
C LYS A 32 -4.76 -7.23 22.83
N VAL A 33 -4.51 -6.79 21.59
CA VAL A 33 -5.32 -7.18 20.44
C VAL A 33 -5.00 -8.64 20.14
N CYS A 34 -3.71 -9.00 20.24
CA CYS A 34 -3.26 -10.37 20.03
C CYS A 34 -3.84 -11.28 21.08
N GLY A 35 -3.79 -10.85 22.32
CA GLY A 35 -4.36 -11.60 23.43
C GLY A 35 -5.80 -12.00 23.16
N LEU A 36 -6.63 -11.00 22.78
CA LEU A 36 -8.04 -11.19 22.44
C LEU A 36 -8.18 -12.25 21.35
N SER A 37 -7.31 -12.16 20.33
CA SER A 37 -7.28 -13.08 19.21
C SER A 37 -6.99 -14.52 19.67
N THR A 38 -6.06 -14.70 20.62
CA THR A 38 -5.80 -16.03 21.09
C THR A 38 -6.95 -16.52 21.96
N TYR A 39 -7.75 -15.60 22.58
CA TYR A 39 -8.90 -16.00 23.41
C TYR A 39 -10.00 -16.52 22.51
N LEU A 40 -10.17 -15.84 21.36
CA LEU A 40 -11.19 -16.19 20.37
C LEU A 40 -10.88 -17.55 19.70
N LYS A 41 -9.58 -17.84 19.53
CA LYS A 41 -9.10 -19.13 19.03
C LYS A 41 -9.34 -20.21 20.10
N GLY A 42 -9.34 -19.80 21.37
CA GLY A 42 -9.58 -20.64 22.54
C GLY A 42 -11.03 -21.07 22.67
N ILE A 43 -11.97 -20.26 22.12
CA ILE A 43 -13.43 -20.52 22.15
C ILE A 43 -13.75 -21.91 21.60
N ALA A 44 -13.03 -22.37 20.56
CA ALA A 44 -13.19 -23.71 19.98
C ALA A 44 -12.96 -24.80 21.04
N HIS A 45 -11.95 -24.60 21.88
CA HIS A 45 -11.60 -25.53 22.93
C HIS A 45 -12.56 -25.35 24.05
N ARG A 46 -13.02 -24.11 24.32
CA ARG A 46 -13.97 -23.79 25.39
C ARG A 46 -15.30 -24.49 25.19
N VAL A 47 -15.88 -24.41 23.98
CA VAL A 47 -17.13 -25.11 23.65
C VAL A 47 -16.96 -26.64 23.76
N ASN A 48 -15.79 -27.16 23.39
CA ASN A 48 -15.50 -28.58 23.45
C ASN A 48 -15.48 -29.09 24.88
N SER A 49 -14.88 -28.33 25.81
CA SER A 49 -14.80 -28.69 27.23
C SER A 49 -16.18 -28.68 27.84
N GLU A 50 -16.91 -27.58 27.58
CA GLU A 50 -18.26 -27.39 28.07
C GLU A 50 -19.23 -28.49 27.56
N SER A 51 -19.02 -28.97 26.34
CA SER A 51 -19.83 -30.03 25.77
C SER A 51 -19.43 -31.38 26.33
N ALA A 52 -18.16 -31.53 26.75
CA ALA A 52 -17.65 -32.78 27.35
C ALA A 52 -18.21 -33.00 28.76
N VAL A 53 -18.57 -31.89 29.43
CA VAL A 53 -19.20 -31.82 30.74
C VAL A 53 -20.61 -32.38 30.62
N VAL A 54 -21.31 -32.03 29.54
CA VAL A 54 -22.69 -32.42 29.27
C VAL A 54 -22.80 -33.90 28.99
N THR A 55 -21.91 -34.42 28.12
CA THR A 55 -21.96 -35.85 27.77
C THR A 55 -21.56 -36.72 28.97
N GLU A 56 -20.79 -36.17 29.95
CA GLU A 56 -20.46 -36.85 31.21
C GLU A 56 -21.76 -37.07 31.99
N LYS A 57 -22.52 -35.96 32.13
CA LYS A 57 -23.79 -35.86 32.84
C LYS A 57 -24.86 -36.73 32.16
N LEU A 58 -24.87 -36.78 30.83
CA LEU A 58 -25.84 -37.56 30.06
C LEU A 58 -25.59 -39.05 30.19
N SER A 59 -24.29 -39.45 30.25
CA SER A 59 -23.88 -40.84 30.44
C SER A 59 -24.26 -41.31 31.83
N ASP A 60 -24.09 -40.43 32.82
CA ASP A 60 -24.45 -40.69 34.21
C ASP A 60 -25.94 -40.99 34.28
N LEU A 61 -26.76 -40.23 33.53
CA LEU A 61 -28.22 -40.36 33.44
C LEU A 61 -28.58 -41.74 32.87
N LYS A 62 -27.86 -42.18 31.81
CA LYS A 62 -28.10 -43.47 31.17
C LYS A 62 -27.69 -44.62 32.06
N MET A 63 -26.72 -44.39 32.95
CA MET A 63 -26.24 -45.36 33.95
C MET A 63 -27.35 -45.62 34.96
N ARG A 64 -27.81 -44.52 35.58
CA ARG A 64 -28.89 -44.47 36.56
C ARG A 64 -30.17 -45.17 36.11
N SER A 65 -30.56 -45.01 34.82
CA SER A 65 -31.79 -45.63 34.28
C SER A 65 -31.70 -47.16 34.25
N ILE A 66 -30.48 -47.73 33.99
CA ILE A 66 -30.24 -49.20 34.02
C ILE A 66 -30.36 -49.68 35.49
N GLN A 67 -29.72 -48.93 36.40
CA GLN A 67 -29.70 -49.17 37.83
C GLN A 67 -31.13 -49.23 38.39
N LEU A 68 -31.98 -48.30 37.93
CA LEU A 68 -33.37 -48.19 38.35
C LEU A 68 -34.11 -49.38 37.81
N GLN A 69 -33.90 -49.72 36.51
CA GLN A 69 -34.54 -50.87 35.86
C GLN A 69 -34.22 -52.17 36.55
N LEU A 70 -32.99 -52.30 37.06
CA LEU A 70 -32.56 -53.46 37.78
C LEU A 70 -33.29 -53.55 39.09
N SER A 71 -33.44 -52.40 39.82
CA SER A 71 -34.13 -52.32 41.13
C SER A 71 -35.58 -52.68 41.00
N VAL A 72 -36.22 -52.27 39.90
CA VAL A 72 -37.61 -52.53 39.55
C VAL A 72 -37.79 -54.06 39.42
N MET A 73 -36.91 -54.71 38.63
CA MET A 73 -36.95 -56.16 38.46
C MET A 73 -36.61 -56.91 39.74
N ARG A 74 -35.74 -56.35 40.58
CA ARG A 74 -35.36 -56.98 41.84
C ARG A 74 -36.31 -56.61 42.99
N ASN A 75 -37.28 -55.69 42.71
CA ASN A 75 -38.33 -55.12 43.59
C ASN A 75 -37.75 -54.40 44.81
N ARG A 76 -36.58 -53.74 44.65
CA ARG A 76 -35.82 -53.07 45.71
C ARG A 76 -35.98 -51.57 45.78
N VAL A 77 -36.88 -51.04 44.95
CA VAL A 77 -37.19 -49.62 44.91
C VAL A 77 -37.78 -49.33 46.28
N PRO A 78 -37.17 -48.42 47.06
CA PRO A 78 -37.63 -48.16 48.43
C PRO A 78 -39.11 -47.82 48.58
N SER A 79 -39.63 -48.00 49.83
CA SER A 79 -41.00 -47.64 50.20
C SER A 79 -40.88 -46.14 49.89
N GLY A 80 -41.63 -45.75 48.86
CA GLY A 80 -41.68 -44.45 48.20
C GLY A 80 -41.90 -43.45 49.31
N GLU A 81 -40.91 -42.55 49.51
CA GLU A 81 -40.99 -41.46 50.50
C GLU A 81 -41.42 -40.37 49.51
N GLN A 82 -40.77 -40.40 48.32
CA GLN A 82 -41.11 -39.54 47.19
C GLN A 82 -41.99 -40.42 46.28
N ASP A 83 -42.26 -39.97 45.05
CA ASP A 83 -43.09 -40.76 44.17
C ASP A 83 -42.30 -41.91 43.57
N CYS A 84 -42.24 -43.01 44.34
CA CYS A 84 -41.62 -44.26 43.91
C CYS A 84 -42.76 -45.24 43.62
N LYS A 85 -44.00 -44.93 44.08
CA LYS A 85 -45.15 -45.79 43.86
C LYS A 85 -45.54 -45.90 42.36
N ASP A 86 -45.29 -44.84 41.57
CA ASP A 86 -45.59 -44.87 40.14
C ASP A 86 -44.31 -44.85 39.29
N ILE A 87 -43.45 -45.88 39.46
CA ILE A 87 -42.21 -46.07 38.67
C ILE A 87 -42.58 -46.37 37.23
N ARG A 88 -43.77 -46.98 37.02
CA ARG A 88 -44.41 -47.32 35.74
C ARG A 88 -44.42 -46.08 34.81
N THR A 89 -44.83 -44.90 35.33
CA THR A 89 -44.90 -43.63 34.60
C THR A 89 -43.58 -42.85 34.65
N LEU A 90 -42.86 -42.92 35.78
CA LEU A 90 -41.60 -42.21 35.99
C LEU A 90 -40.40 -42.85 35.23
N LEU A 91 -40.64 -44.03 34.60
CA LEU A 91 -39.68 -44.76 33.76
C LEU A 91 -40.07 -44.53 32.31
N LYS A 92 -41.37 -44.45 32.02
CA LYS A 92 -41.92 -44.19 30.68
C LYS A 92 -41.38 -42.84 30.20
N THR A 93 -41.51 -41.81 31.08
CA THR A 93 -41.08 -40.43 30.85
C THR A 93 -39.58 -40.34 30.72
N VAL A 94 -38.83 -41.13 31.52
CA VAL A 94 -37.36 -41.15 31.50
C VAL A 94 -36.81 -41.71 30.17
N LEU A 95 -37.38 -42.84 29.66
CA LEU A 95 -36.96 -43.46 28.40
C LEU A 95 -37.25 -42.57 27.16
N ARG A 96 -38.22 -41.61 27.30
CA ARG A 96 -38.62 -40.62 26.28
C ARG A 96 -37.83 -39.31 26.41
N ASN A 97 -37.49 -38.91 27.66
CA ASN A 97 -36.66 -37.74 27.99
C ASN A 97 -35.20 -37.98 27.56
N GLU A 98 -34.70 -39.23 27.72
CA GLU A 98 -33.38 -39.71 27.30
C GLU A 98 -33.20 -39.48 25.79
N PHE A 99 -34.30 -39.65 25.02
CA PHE A 99 -34.37 -39.48 23.57
C PHE A 99 -34.43 -38.01 23.14
N THR A 100 -35.15 -37.17 23.89
CA THR A 100 -35.29 -35.73 23.61
C THR A 100 -33.97 -35.00 23.86
N PHE A 101 -33.27 -35.35 24.95
CA PHE A 101 -31.97 -34.77 25.34
C PHE A 101 -30.93 -35.00 24.25
N GLN A 102 -31.01 -36.17 23.55
CA GLN A 102 -30.11 -36.50 22.44
C GLN A 102 -30.35 -35.57 21.24
N GLN A 103 -31.61 -35.13 21.00
CA GLN A 103 -31.91 -34.17 19.93
C GLN A 103 -31.49 -32.76 20.32
N GLU A 104 -31.62 -32.41 21.62
CA GLU A 104 -31.25 -31.12 22.17
C GLU A 104 -29.75 -30.95 22.22
N LEU A 105 -29.04 -32.07 22.42
CA LEU A 105 -27.57 -32.16 22.45
C LEU A 105 -27.02 -31.73 21.10
N GLU A 106 -27.64 -32.24 20.02
CA GLU A 106 -27.21 -31.98 18.66
C GLU A 106 -27.49 -30.55 18.22
N GLU A 107 -28.58 -29.94 18.75
CA GLU A 107 -28.93 -28.54 18.49
C GLU A 107 -27.86 -27.67 19.14
N MET A 108 -27.37 -28.10 20.32
CA MET A 108 -26.35 -27.45 21.15
C MET A 108 -24.98 -27.49 20.45
N ARG A 109 -24.64 -28.68 19.90
CA ARG A 109 -23.38 -28.92 19.19
C ARG A 109 -23.31 -28.16 17.91
N ASN A 110 -24.47 -28.01 17.24
CA ASN A 110 -24.61 -27.22 16.01
C ASN A 110 -24.11 -25.79 16.27
N ALA A 111 -24.59 -25.20 17.40
CA ALA A 111 -24.25 -23.89 17.91
C ALA A 111 -22.80 -23.85 18.33
N SER A 112 -22.28 -24.96 18.92
CA SER A 112 -20.87 -25.04 19.36
C SER A 112 -19.89 -24.85 18.18
N ALA A 113 -20.20 -25.42 17.00
CA ALA A 113 -19.36 -25.29 15.81
C ALA A 113 -19.47 -23.88 15.20
N LEU A 114 -20.67 -23.25 15.25
CA LEU A 114 -20.89 -21.91 14.72
C LEU A 114 -20.18 -20.88 15.58
N ALA A 115 -20.32 -20.99 16.92
CA ALA A 115 -19.64 -20.11 17.89
C ALA A 115 -18.16 -20.14 17.61
N ALA A 116 -17.56 -21.38 17.55
CA ALA A 116 -16.15 -21.70 17.24
C ALA A 116 -15.65 -20.95 15.95
N ALA A 117 -16.39 -21.14 14.84
CA ALA A 117 -16.10 -20.57 13.55
C ALA A 117 -16.18 -19.04 13.58
N ALA A 118 -17.26 -18.49 14.14
CA ALA A 118 -17.46 -17.05 14.25
C ALA A 118 -16.31 -16.39 15.03
N ALA A 119 -15.90 -17.04 16.15
CA ALA A 119 -14.79 -16.58 16.99
C ALA A 119 -13.49 -16.63 16.21
N GLY A 120 -13.32 -17.72 15.44
CA GLY A 120 -12.18 -17.97 14.56
C GLY A 120 -11.99 -16.83 13.59
N LEU A 121 -13.12 -16.42 12.94
CA LEU A 121 -13.20 -15.32 11.99
C LEU A 121 -12.69 -14.04 12.61
N ALA A 122 -13.27 -13.65 13.75
CA ALA A 122 -12.89 -12.48 14.54
C ALA A 122 -11.37 -12.47 14.86
N ALA A 123 -10.83 -13.65 15.28
CA ALA A 123 -9.41 -13.86 15.59
C ALA A 123 -8.51 -13.70 14.34
N GLY A 124 -8.93 -14.28 13.21
CA GLY A 124 -8.19 -14.20 11.95
C GLY A 124 -8.04 -12.77 11.48
N ARG A 125 -9.16 -11.99 11.55
CA ARG A 125 -9.24 -10.57 11.16
C ARG A 125 -8.26 -9.76 11.95
N LEU A 126 -8.30 -9.86 13.30
CA LEU A 126 -7.36 -9.16 14.16
C LEU A 126 -5.89 -9.57 13.86
N GLU A 127 -5.62 -10.91 13.78
CA GLU A 127 -4.28 -11.45 13.54
C GLU A 127 -3.66 -10.84 12.29
N GLU A 128 -4.43 -10.77 11.18
CA GLU A 128 -3.95 -10.19 9.94
C GLU A 128 -3.56 -8.72 10.12
N TRP A 129 -4.39 -7.98 10.86
CA TRP A 129 -4.13 -6.57 11.11
C TRP A 129 -2.78 -6.35 11.78
N ILE A 130 -2.62 -6.91 13.00
CA ILE A 130 -1.42 -6.74 13.81
C ILE A 130 -0.15 -7.28 13.12
N PHE A 131 -0.28 -8.43 12.45
CA PHE A 131 0.83 -9.04 11.74
C PHE A 131 1.34 -8.15 10.59
N VAL A 132 0.44 -7.40 9.94
CA VAL A 132 0.82 -6.50 8.85
C VAL A 132 1.66 -5.34 9.45
N PHE A 133 1.25 -4.81 10.59
CA PHE A 133 2.00 -3.78 11.26
C PHE A 133 3.37 -4.27 11.77
N ALA A 134 3.43 -5.50 12.33
CA ALA A 134 4.64 -6.15 12.87
C ALA A 134 5.73 -6.38 11.83
N GLN A 135 5.33 -6.66 10.58
CA GLN A 135 6.24 -6.92 9.46
C GLN A 135 6.76 -5.64 8.84
N ALA A 136 5.93 -4.56 8.92
CA ALA A 136 6.22 -3.23 8.36
C ALA A 136 7.27 -2.57 9.23
N ALA A 137 8.52 -3.07 9.12
CA ALA A 137 9.64 -2.63 9.93
C ALA A 137 11.01 -2.75 9.24
N GLY A 138 11.75 -1.67 9.24
CA GLY A 138 13.07 -1.61 8.62
C GLY A 138 14.15 -0.95 9.47
N ARG A 139 15.25 -0.58 8.79
CA ARG A 139 16.45 0.02 9.36
C ARG A 139 16.19 1.46 9.82
N SER A 140 17.25 2.18 10.30
CA SER A 140 17.22 3.59 10.70
C SER A 140 16.06 3.98 11.62
N SER A 141 15.64 3.08 12.55
CA SER A 141 14.51 3.31 13.49
C SER A 141 13.22 3.76 12.79
N GLN A 142 12.85 3.00 11.74
CA GLN A 142 11.65 3.16 10.93
C GLN A 142 10.81 1.89 11.14
N PHE A 143 9.55 2.04 11.59
CA PHE A 143 8.70 0.92 11.99
C PHE A 143 7.23 1.29 12.14
N CYS A 144 6.35 0.28 12.36
CA CYS A 144 4.92 0.47 12.55
C CYS A 144 4.44 -0.01 13.95
N ILE A 145 5.31 -0.73 14.69
CA ILE A 145 5.06 -1.16 16.08
C ILE A 145 6.26 -0.75 16.96
N SER A 146 5.98 0.06 17.98
CA SER A 146 6.97 0.62 18.88
C SER A 146 7.11 -0.07 20.26
N VAL A 147 8.25 0.15 20.93
CA VAL A 147 8.59 -0.31 22.27
C VAL A 147 8.91 1.02 22.94
N GLY A 148 7.86 1.73 23.35
CA GLY A 148 8.00 3.06 23.93
C GLY A 148 8.19 4.09 22.85
N LYS A 149 9.24 4.93 22.95
CA LYS A 149 9.46 5.90 21.89
C LYS A 149 10.51 5.39 20.84
N THR A 150 10.71 4.05 20.74
CA THR A 150 11.63 3.45 19.76
C THR A 150 11.09 2.16 19.22
N GLY A 151 11.89 1.50 18.38
CA GLY A 151 11.52 0.22 17.78
C GLY A 151 12.49 -0.17 16.69
N PRO A 152 12.13 -1.08 15.78
CA PRO A 152 10.87 -1.84 15.68
C PRO A 152 10.75 -2.82 16.80
N ALA A 153 9.50 -3.15 17.18
CA ALA A 153 9.23 -4.16 18.19
C ALA A 153 9.56 -5.50 17.52
N GLU A 154 10.27 -6.36 18.25
CA GLU A 154 10.62 -7.70 17.74
C GLU A 154 9.76 -8.75 18.44
N TYR A 155 10.03 -10.05 18.20
CA TYR A 155 9.24 -11.10 18.82
C TYR A 155 9.32 -11.17 20.36
N ASN A 156 10.43 -10.60 20.95
CA ASN A 156 10.70 -10.49 22.41
C ASN A 156 9.64 -9.61 23.07
N ASN A 157 9.31 -8.50 22.39
CA ASN A 157 8.19 -7.61 22.67
C ASN A 157 7.10 -8.33 21.84
N LEU A 158 5.80 -8.00 21.94
CA LEU A 158 4.82 -8.76 21.09
C LEU A 158 4.82 -10.31 21.31
N GLN A 159 4.95 -10.75 22.57
CA GLN A 159 4.97 -12.18 22.88
C GLN A 159 3.55 -12.79 22.90
N GLU A 160 2.51 -11.94 22.89
CA GLU A 160 1.12 -12.43 22.84
C GLU A 160 0.74 -12.68 21.41
N CYS A 161 1.56 -12.16 20.47
CA CYS A 161 1.42 -12.28 19.02
C CYS A 161 2.19 -13.44 18.44
N PHE A 162 3.51 -13.52 18.79
CA PHE A 162 4.44 -14.49 18.22
C PHE A 162 5.08 -15.49 19.18
N ASP A 163 5.63 -16.54 18.59
CA ASP A 163 6.32 -17.68 19.18
C ASP A 163 7.83 -17.44 19.07
N GLY A 164 8.28 -17.02 17.89
CA GLY A 164 9.66 -16.75 17.52
C GLY A 164 9.73 -15.52 16.63
N THR A 165 10.89 -15.25 15.98
CA THR A 165 11.03 -14.06 15.15
C THR A 165 9.85 -13.94 14.21
N ILE A 166 9.33 -12.69 14.13
CA ILE A 166 8.16 -12.26 13.36
C ILE A 166 8.16 -12.92 12.00
N GLY A 167 7.10 -13.67 11.76
CA GLY A 167 6.87 -14.39 10.52
C GLY A 167 5.49 -15.03 10.46
N PRO A 168 5.09 -15.59 9.31
CA PRO A 168 3.76 -16.20 9.22
C PRO A 168 3.68 -17.47 10.01
N GLU A 169 4.82 -18.17 10.18
CA GLU A 169 4.81 -19.43 10.88
C GLU A 169 4.94 -19.32 12.38
N THR A 170 5.20 -18.11 12.92
CA THR A 170 5.39 -17.87 14.36
C THR A 170 4.16 -17.26 15.04
N LEU A 171 3.05 -17.05 14.32
CA LEU A 171 1.81 -16.52 14.89
C LEU A 171 1.19 -17.67 15.68
N TYR A 172 0.27 -17.43 16.65
CA TYR A 172 -0.27 -18.60 17.36
C TYR A 172 -1.33 -19.37 16.59
N LYS A 173 -1.20 -20.70 16.57
CA LYS A 173 -2.14 -21.62 15.91
C LYS A 173 -3.16 -22.19 16.92
N ILE A 174 -4.28 -22.76 16.42
CA ILE A 174 -5.41 -23.16 17.29
C ILE A 174 -5.03 -24.25 18.30
N GLU A 175 -4.15 -25.19 17.95
CA GLU A 175 -3.80 -26.22 18.91
C GLU A 175 -2.54 -25.89 19.71
N ASP A 176 -1.93 -24.67 19.50
CA ASP A 176 -0.73 -24.24 20.24
C ASP A 176 -1.08 -24.11 21.71
N SER A 177 -0.11 -24.47 22.55
CA SER A 177 -0.18 -24.44 24.02
C SER A 177 -0.82 -23.16 24.55
N ARG A 178 -0.38 -21.98 24.05
CA ARG A 178 -0.90 -20.66 24.41
C ARG A 178 -2.43 -20.53 24.25
N VAL A 179 -2.98 -21.03 23.14
CA VAL A 179 -4.41 -21.01 22.84
C VAL A 179 -5.11 -22.01 23.74
N LYS A 180 -4.52 -23.22 23.95
CA LYS A 180 -5.07 -24.29 24.82
C LYS A 180 -5.15 -23.87 26.31
N GLU A 181 -4.10 -23.14 26.78
CA GLU A 181 -4.00 -22.68 28.15
C GLU A 181 -4.91 -21.48 28.37
N SER A 182 -5.14 -20.64 27.33
CA SER A 182 -6.02 -19.46 27.44
C SER A 182 -7.50 -19.87 27.56
N ALA A 183 -7.81 -21.09 27.07
CA ALA A 183 -9.14 -21.67 27.05
C ALA A 183 -9.52 -22.13 28.42
N LYS A 184 -8.50 -22.45 29.24
CA LYS A 184 -8.63 -22.96 30.61
C LYS A 184 -8.97 -21.88 31.64
N THR A 185 -8.80 -20.59 31.30
CA THR A 185 -9.05 -19.48 32.24
C THR A 185 -10.53 -19.25 32.55
N SER A 186 -10.77 -18.53 33.64
CA SER A 186 -12.09 -18.15 34.14
C SER A 186 -12.53 -16.79 33.56
N LEU A 187 -11.79 -16.27 32.56
CA LEU A 187 -12.13 -15.01 31.91
C LEU A 187 -13.26 -15.20 30.96
N GLN A 188 -14.20 -14.24 31.00
CA GLN A 188 -15.39 -14.24 30.17
C GLN A 188 -15.17 -13.34 28.98
N LEU A 189 -15.92 -13.58 27.89
CA LEU A 189 -15.86 -12.84 26.64
C LEU A 189 -15.84 -11.34 26.84
N HIS A 190 -16.82 -10.82 27.60
CA HIS A 190 -16.95 -9.39 27.83
C HIS A 190 -15.69 -8.74 28.42
N GLU A 191 -15.03 -9.45 29.37
CA GLU A 191 -13.83 -8.99 30.09
C GLU A 191 -12.70 -8.76 29.16
N VAL A 192 -12.49 -9.78 28.28
CA VAL A 192 -11.43 -9.84 27.24
C VAL A 192 -11.72 -8.83 26.16
N LEU A 193 -12.99 -8.66 25.77
CA LEU A 193 -13.36 -7.64 24.80
C LEU A 193 -13.04 -6.24 25.32
N SER A 194 -13.39 -5.98 26.58
CA SER A 194 -13.09 -4.68 27.18
C SER A 194 -11.57 -4.35 27.22
N SER A 195 -10.71 -5.37 27.37
CA SER A 195 -9.25 -5.19 27.42
C SER A 195 -8.65 -4.44 26.18
N ILE A 196 -9.41 -4.34 25.06
CA ILE A 196 -8.93 -3.64 23.88
C ILE A 196 -9.68 -2.32 23.65
N SER A 197 -10.64 -1.95 24.52
CA SER A 197 -11.36 -0.68 24.40
C SER A 197 -10.43 0.51 24.63
N PHE A 198 -10.82 1.69 24.13
CA PHE A 198 -10.06 2.93 24.30
C PHE A 198 -9.92 3.27 25.78
N GLY A 199 -10.96 2.99 26.57
CA GLY A 199 -10.94 3.21 28.01
C GLY A 199 -9.86 2.41 28.72
N SER A 200 -9.85 1.07 28.50
CA SER A 200 -8.89 0.14 29.11
C SER A 200 -7.46 0.35 28.61
N LEU A 201 -7.31 0.62 27.30
CA LEU A 201 -6.01 0.87 26.73
C LEU A 201 -5.49 2.27 27.06
N GLY A 202 -6.13 3.31 26.53
CA GLY A 202 -5.72 4.70 26.74
C GLY A 202 -4.73 5.18 25.71
N VAL A 203 -4.69 6.50 25.46
CA VAL A 203 -3.80 7.10 24.46
C VAL A 203 -2.33 6.70 24.65
N LYS A 204 -1.87 6.63 25.93
CA LYS A 204 -0.51 6.23 26.35
C LYS A 204 -0.11 4.86 25.82
N ASN A 205 -1.07 3.90 25.84
CA ASN A 205 -0.89 2.51 25.41
C ASN A 205 -1.17 2.23 23.92
N ILE A 206 -1.76 3.21 23.20
CA ILE A 206 -2.06 3.08 21.77
C ILE A 206 -0.93 3.73 20.92
N ARG A 207 -0.73 5.07 21.03
CA ARG A 207 0.31 5.80 20.29
C ARG A 207 1.69 5.65 20.96
N GLY A 208 2.71 5.44 20.14
CA GLY A 208 4.10 5.30 20.54
C GLY A 208 5.09 5.59 19.40
N GLY A 209 6.36 5.35 19.67
CA GLY A 209 7.46 5.55 18.73
C GLY A 209 8.03 6.95 18.83
N ASN A 210 9.08 7.23 18.05
CA ASN A 210 9.69 8.57 17.99
C ASN A 210 8.81 9.39 17.02
N GLY A 211 9.06 10.68 16.86
CA GLY A 211 8.26 11.47 15.93
C GLY A 211 8.72 11.34 14.49
N LYS A 212 9.54 10.32 14.18
CA LYS A 212 10.11 10.14 12.85
C LYS A 212 10.39 8.67 12.48
N ASP A 213 9.37 7.80 12.64
CA ASP A 213 9.50 6.37 12.33
C ASP A 213 8.94 5.99 10.94
N GLY A 214 8.53 6.98 10.15
CA GLY A 214 8.01 6.84 8.79
C GLY A 214 7.03 5.72 8.49
N CYS A 215 6.04 5.47 9.39
CA CYS A 215 5.05 4.41 9.18
C CYS A 215 3.85 4.90 8.37
N ASN A 216 3.79 4.46 7.09
CA ASN A 216 2.74 4.84 6.15
C ASN A 216 1.39 4.15 6.37
N LEU A 217 1.38 2.94 7.02
CA LEU A 217 0.13 2.19 7.33
C LEU A 217 -0.84 2.99 8.21
N VAL A 218 -0.28 3.95 8.93
CA VAL A 218 -0.92 4.76 9.93
C VAL A 218 -1.18 6.21 9.44
N ARG A 219 -0.92 6.47 8.14
CA ARG A 219 -1.13 7.76 7.46
C ARG A 219 -2.14 7.62 6.32
N THR A 220 -3.24 8.39 6.36
CA THR A 220 -4.21 8.37 5.26
C THR A 220 -4.04 9.62 4.37
N ASP A 221 -3.30 10.64 4.84
CA ASP A 221 -3.00 11.85 4.05
C ASP A 221 -2.16 11.43 2.83
N THR A 222 -1.96 12.36 1.86
CA THR A 222 -1.20 12.09 0.62
C THR A 222 0.18 11.45 0.95
N ASP A 223 0.58 10.42 0.14
CA ASP A 223 1.82 9.61 0.25
C ASP A 223 1.87 8.70 1.52
N GLY A 224 0.70 8.24 2.00
CA GLY A 224 0.60 7.35 3.15
C GLY A 224 0.21 5.96 2.72
N VAL A 225 -1.07 5.60 2.92
CA VAL A 225 -1.61 4.32 2.46
C VAL A 225 -1.59 4.29 0.91
N LEU A 226 -1.83 5.47 0.30
CA LEU A 226 -1.82 5.68 -1.15
C LEU A 226 -0.79 6.73 -1.49
N GLU A 227 -0.13 6.56 -2.66
CA GLU A 227 0.90 7.48 -3.18
C GLU A 227 0.33 8.52 -4.14
N GLY A 228 0.42 9.78 -3.71
CA GLY A 228 -0.08 10.93 -4.45
C GLY A 228 -1.58 11.08 -4.33
N GLY A 229 -2.13 10.54 -3.26
CA GLY A 229 -3.57 10.59 -2.99
C GLY A 229 -3.93 10.05 -1.62
N SER A 230 -5.24 10.03 -1.32
CA SER A 230 -5.77 9.59 -0.03
C SER A 230 -7.02 8.72 -0.22
N PRO A 231 -7.29 7.74 0.67
CA PRO A 231 -8.51 6.95 0.51
C PRO A 231 -9.75 7.73 0.97
N THR A 232 -10.27 8.56 0.05
CA THR A 232 -11.42 9.45 0.28
C THR A 232 -12.77 8.78 0.07
N ARG A 233 -12.81 7.67 -0.70
CA ARG A 233 -14.04 6.92 -0.95
C ARG A 233 -14.48 6.21 0.30
N HIS A 234 -13.50 5.68 1.05
CA HIS A 234 -13.76 4.89 2.24
C HIS A 234 -12.97 5.32 3.43
N ASN A 235 -13.61 5.22 4.60
CA ASN A 235 -13.03 5.49 5.91
C ASN A 235 -12.43 4.14 6.37
N LEU A 236 -11.12 3.98 6.10
CA LEU A 236 -10.33 2.78 6.40
C LEU A 236 -10.46 2.44 7.86
N THR A 237 -10.79 1.16 8.09
CA THR A 237 -10.93 0.57 9.40
C THR A 237 -10.12 -0.74 9.48
N TRP A 238 -9.27 -0.84 10.51
CA TRP A 238 -8.49 -2.04 10.82
C TRP A 238 -9.27 -2.75 11.91
N GLY A 239 -9.29 -4.07 11.84
CA GLY A 239 -10.15 -4.88 12.68
C GLY A 239 -11.50 -4.75 11.99
N GLY A 240 -12.58 -4.86 12.74
CA GLY A 240 -13.89 -4.71 12.14
C GLY A 240 -14.46 -3.35 12.46
N GLY A 241 -13.60 -2.45 12.92
CA GLY A 241 -13.96 -1.13 13.39
C GLY A 241 -13.34 -0.82 14.74
N VAL A 242 -12.11 -1.38 14.95
CA VAL A 242 -11.30 -1.22 16.16
C VAL A 242 -10.52 0.10 16.04
N MET A 243 -9.75 0.24 14.91
CA MET A 243 -8.91 1.40 14.57
C MET A 243 -9.52 2.03 13.31
N ASN A 244 -10.20 3.18 13.49
CA ASN A 244 -10.92 3.88 12.43
C ASN A 244 -10.26 5.16 11.94
N PHE A 245 -9.96 5.19 10.63
CA PHE A 245 -9.33 6.31 9.97
C PHE A 245 -10.35 7.04 9.11
N GLY A 246 -10.02 8.28 8.77
CA GLY A 246 -10.79 9.16 7.89
C GLY A 246 -10.08 9.26 6.57
N SER A 247 -10.06 10.45 5.97
CA SER A 247 -9.37 10.56 4.69
C SER A 247 -7.98 11.24 4.76
N TYR A 248 -7.73 12.16 5.72
CA TYR A 248 -6.44 12.85 5.72
C TYR A 248 -5.67 12.83 7.06
N GLN A 249 -5.41 11.63 7.60
CA GLN A 249 -4.65 11.49 8.86
C GLN A 249 -3.12 11.58 8.65
N ASN A 250 -2.47 12.50 9.39
CA ASN A 250 -1.03 12.82 9.37
C ASN A 250 -0.07 11.64 9.45
N GLY A 251 -0.40 10.65 10.26
CA GLY A 251 0.49 9.52 10.52
C GLY A 251 1.12 9.70 11.88
N SER A 252 0.72 10.80 12.54
CA SER A 252 1.13 11.28 13.87
C SER A 252 0.57 10.40 14.96
N MET A 253 -0.38 9.53 14.62
CA MET A 253 -1.04 8.62 15.55
C MET A 253 -1.83 9.36 16.65
N TYR A 254 -2.52 10.46 16.28
CA TYR A 254 -3.39 11.23 17.16
C TYR A 254 -4.67 10.39 17.32
N VAL A 255 -4.93 9.90 18.55
CA VAL A 255 -6.06 9.00 18.85
C VAL A 255 -7.10 9.63 19.81
N GLU A 256 -8.38 9.36 19.48
CA GLU A 256 -9.58 9.73 20.23
C GLU A 256 -10.48 8.50 20.24
N GLY A 257 -11.36 8.41 21.23
CA GLY A 257 -12.29 7.30 21.33
C GLY A 257 -13.48 7.50 20.41
N GLY A 258 -13.87 6.44 19.70
CA GLY A 258 -14.98 6.48 18.75
C GLY A 258 -15.22 5.19 17.99
N GLU A 259 -16.34 5.12 17.25
CA GLU A 259 -16.73 3.94 16.48
C GLU A 259 -16.54 4.13 14.97
N TYR A 260 -16.95 3.14 14.14
CA TYR A 260 -16.73 3.14 12.70
C TYR A 260 -17.16 4.45 11.97
N GLY A 261 -18.40 4.89 12.17
CA GLY A 261 -18.89 6.09 11.50
C GLY A 261 -18.32 7.41 11.99
N ASP A 262 -17.68 7.41 13.17
CA ASP A 262 -17.17 8.60 13.88
C ASP A 262 -15.95 9.32 13.28
N ALA A 263 -15.10 8.62 12.50
CA ALA A 263 -13.90 9.21 11.93
C ALA A 263 -14.18 10.39 10.99
N THR A 264 -13.41 11.49 11.15
CA THR A 264 -13.54 12.70 10.33
C THR A 264 -12.33 12.86 9.38
N GLU A 265 -12.42 13.79 8.41
CA GLU A 265 -11.37 14.05 7.41
C GLU A 265 -10.05 14.48 8.03
N TYR A 266 -10.09 15.51 8.88
CA TYR A 266 -8.89 16.07 9.50
C TYR A 266 -8.80 15.79 11.00
N GLY A 267 -9.66 14.90 11.50
CA GLY A 267 -9.70 14.52 12.91
C GLY A 267 -8.72 13.45 13.33
N ALA A 268 -8.88 12.97 14.57
CA ALA A 268 -8.04 11.92 15.16
C ALA A 268 -8.54 10.56 14.72
N VAL A 269 -7.67 9.54 14.88
CA VAL A 269 -7.98 8.13 14.62
C VAL A 269 -8.99 7.73 15.72
N ARG A 270 -10.05 7.01 15.33
CA ARG A 270 -11.06 6.64 16.32
C ARG A 270 -10.88 5.21 16.79
N TRP A 271 -10.44 5.05 18.04
CA TRP A 271 -10.28 3.73 18.64
C TRP A 271 -11.59 3.38 19.37
N THR A 272 -12.10 2.14 19.17
CA THR A 272 -13.36 1.68 19.73
C THR A 272 -13.47 1.94 21.22
N GLU A 273 -14.60 2.52 21.61
CA GLU A 273 -14.90 2.79 23.01
C GLU A 273 -15.56 1.55 23.61
N ASP A 274 -16.42 0.88 22.80
CA ASP A 274 -17.16 -0.33 23.16
C ASP A 274 -16.94 -1.45 22.11
N PRO A 275 -16.05 -2.42 22.42
CA PRO A 275 -15.78 -3.51 21.48
C PRO A 275 -16.95 -4.42 21.17
N SER A 276 -18.05 -4.33 21.95
CA SER A 276 -19.25 -5.13 21.67
C SER A 276 -19.99 -4.60 20.43
N LYS A 277 -19.74 -3.31 20.10
CA LYS A 277 -20.31 -2.59 18.96
C LYS A 277 -19.61 -2.91 17.63
N VAL A 278 -18.45 -3.63 17.66
CA VAL A 278 -17.61 -3.97 16.49
C VAL A 278 -18.17 -5.17 15.69
N SER A 279 -18.24 -5.00 14.35
CA SER A 279 -18.76 -5.95 13.35
C SER A 279 -18.43 -7.42 13.60
N ILE A 280 -17.13 -7.73 13.79
CA ILE A 280 -16.64 -9.10 13.94
C ILE A 280 -17.04 -9.75 15.28
N PHE A 281 -17.17 -8.94 16.37
CA PHE A 281 -17.54 -9.44 17.70
C PHE A 281 -19.04 -9.67 17.85
N LYS A 282 -19.86 -9.01 16.98
CA LYS A 282 -21.33 -9.10 16.94
C LYS A 282 -21.87 -10.53 16.84
N ASP A 283 -21.32 -11.34 15.93
CA ASP A 283 -21.74 -12.74 15.77
C ASP A 283 -21.18 -13.63 16.85
N VAL A 284 -19.98 -13.30 17.37
CA VAL A 284 -19.30 -14.09 18.41
C VAL A 284 -20.12 -14.03 19.68
N ILE A 285 -20.46 -12.80 20.15
CA ILE A 285 -21.29 -12.56 21.33
C ILE A 285 -22.57 -13.39 21.19
N ARG A 286 -23.26 -13.21 20.02
CA ARG A 286 -24.52 -13.87 19.65
C ARG A 286 -24.44 -15.39 19.62
N LEU A 287 -23.46 -15.97 18.89
CA LEU A 287 -23.38 -17.42 18.74
C LEU A 287 -22.82 -18.12 19.96
N PHE A 288 -21.92 -17.46 20.72
CA PHE A 288 -21.41 -18.07 21.95
C PHE A 288 -22.49 -18.11 23.00
N ALA A 289 -23.34 -17.08 23.00
CA ALA A 289 -24.47 -16.96 23.90
C ALA A 289 -25.47 -18.03 23.57
N ARG A 290 -25.76 -18.25 22.26
CA ARG A 290 -26.68 -19.28 21.73
C ARG A 290 -26.28 -20.66 22.25
N PHE A 291 -24.97 -20.99 22.15
CA PHE A 291 -24.41 -22.24 22.65
C PHE A 291 -24.65 -22.33 24.17
N GLN A 292 -24.10 -21.36 24.94
CA GLN A 292 -24.16 -21.31 26.40
C GLN A 292 -25.57 -21.45 26.97
N GLU A 293 -26.57 -20.79 26.34
CA GLU A 293 -28.00 -20.83 26.71
C GLU A 293 -28.52 -22.23 26.55
N ALA A 294 -28.24 -22.83 25.35
CA ALA A 294 -28.63 -24.20 24.99
C ALA A 294 -27.95 -25.23 25.92
N LYS A 295 -26.68 -24.99 26.29
CA LYS A 295 -25.90 -25.83 27.19
C LYS A 295 -26.55 -25.88 28.56
N ASN A 296 -26.77 -24.70 29.19
CA ASN A 296 -27.37 -24.55 30.53
C ASN A 296 -28.73 -25.20 30.67
N ALA A 297 -29.58 -25.04 29.64
CA ALA A 297 -30.91 -25.60 29.51
C ALA A 297 -30.91 -27.15 29.54
N VAL A 298 -29.97 -27.78 28.78
CA VAL A 298 -29.80 -29.24 28.70
C VAL A 298 -29.30 -29.80 30.02
N VAL A 299 -28.31 -29.12 30.63
CA VAL A 299 -27.70 -29.47 31.91
C VAL A 299 -28.73 -29.45 33.05
N LYS A 300 -29.65 -28.46 33.04
CA LYS A 300 -30.72 -28.35 34.04
C LYS A 300 -31.65 -29.56 33.95
N LYS A 301 -32.06 -29.91 32.70
CA LYS A 301 -32.96 -31.02 32.37
C LYS A 301 -32.43 -32.39 32.78
N ILE A 302 -31.15 -32.65 32.50
CA ILE A 302 -30.43 -33.87 32.90
C ILE A 302 -30.41 -33.94 34.43
N LYS A 303 -30.16 -32.78 35.11
CA LYS A 303 -30.10 -32.73 36.55
C LYS A 303 -31.39 -33.13 37.16
N THR A 304 -32.49 -32.48 36.75
CA THR A 304 -33.83 -32.76 37.27
C THR A 304 -34.22 -34.22 37.11
N THR A 305 -33.96 -34.85 35.93
CA THR A 305 -34.30 -36.26 35.68
C THR A 305 -33.45 -37.23 36.50
N VAL A 306 -32.17 -36.92 36.71
CA VAL A 306 -31.23 -37.74 37.50
C VAL A 306 -31.66 -37.74 38.94
N ASP A 307 -32.11 -36.57 39.40
CA ASP A 307 -32.55 -36.34 40.78
C ASP A 307 -33.81 -37.10 41.13
N GLU A 308 -34.65 -37.37 40.13
CA GLU A 308 -35.84 -38.18 40.28
C GLU A 308 -35.45 -39.67 40.36
N LEU A 309 -34.48 -40.09 39.52
CA LEU A 309 -33.98 -41.44 39.44
C LEU A 309 -33.21 -41.90 40.64
N THR A 310 -32.20 -41.11 41.08
CA THR A 310 -31.36 -41.42 42.24
C THR A 310 -32.16 -41.66 43.53
N LYS A 311 -33.44 -41.23 43.56
CA LYS A 311 -34.33 -41.41 44.71
C LYS A 311 -34.81 -42.86 44.81
N CYS A 312 -35.27 -43.46 43.70
CA CYS A 312 -35.80 -44.81 43.70
C CYS A 312 -34.83 -45.92 43.20
N ILE A 313 -33.57 -45.99 43.70
CA ILE A 313 -32.65 -47.05 43.19
C ILE A 313 -32.32 -48.11 44.26
N GLY A 314 -31.71 -47.69 45.36
CA GLY A 314 -31.40 -48.64 46.41
C GLY A 314 -29.91 -48.77 46.28
N GLN A 315 -29.26 -48.93 47.43
CA GLN A 315 -27.84 -49.00 47.71
C GLN A 315 -27.20 -50.20 47.03
N LYS A 316 -27.91 -51.34 46.94
CA LYS A 316 -27.38 -52.56 46.32
C LYS A 316 -27.07 -52.35 44.80
N GLU A 317 -28.09 -51.83 44.08
CA GLU A 317 -28.13 -51.52 42.64
C GLU A 317 -27.46 -50.20 42.34
N ALA A 318 -27.36 -49.35 43.34
CA ALA A 318 -26.76 -48.04 43.20
C ALA A 318 -25.26 -48.12 43.07
N GLU A 319 -24.65 -49.08 43.79
CA GLU A 319 -23.23 -49.34 43.83
C GLU A 319 -22.70 -49.99 42.50
N LEU A 320 -23.62 -50.75 41.85
CA LEU A 320 -23.39 -51.43 40.58
C LEU A 320 -23.07 -50.42 39.48
N THR A 321 -21.93 -50.58 38.84
CA THR A 321 -21.52 -49.74 37.72
C THR A 321 -20.69 -50.48 36.65
N ASN A 322 -20.76 -49.95 35.39
CA ASN A 322 -20.09 -50.41 34.15
C ASN A 322 -20.39 -51.87 33.81
N ASP A 323 -19.36 -52.65 33.47
CA ASP A 323 -19.40 -54.06 33.14
C ASP A 323 -20.23 -54.93 34.11
N GLN A 324 -20.17 -54.70 35.46
CA GLN A 324 -20.99 -55.49 36.41
C GLN A 324 -22.44 -55.09 36.29
N LEU A 325 -22.71 -53.85 35.85
CA LEU A 325 -24.08 -53.39 35.73
C LEU A 325 -24.72 -54.15 34.60
N TYR A 326 -24.11 -54.09 33.40
CA TYR A 326 -24.65 -54.79 32.25
C TYR A 326 -24.74 -56.26 32.50
N GLU A 327 -23.70 -56.84 33.06
CA GLU A 327 -23.61 -58.24 33.39
C GLU A 327 -24.85 -58.71 34.26
N GLU A 328 -25.14 -57.99 35.36
CA GLU A 328 -26.25 -58.31 36.25
C GLU A 328 -27.61 -57.89 35.67
N PHE A 329 -27.62 -56.90 34.73
CA PHE A 329 -28.86 -56.48 34.09
C PHE A 329 -29.31 -57.50 33.08
N ILE A 330 -28.37 -58.03 32.31
CA ILE A 330 -28.65 -59.08 31.34
C ILE A 330 -28.99 -60.38 32.09
N TRP A 331 -28.29 -60.67 33.21
CA TRP A 331 -28.48 -61.82 34.10
C TRP A 331 -29.92 -61.96 34.49
N GLU A 332 -30.51 -60.80 34.83
CA GLU A 332 -31.87 -60.57 35.34
C GLU A 332 -32.92 -60.60 34.23
N THR A 333 -32.61 -59.98 33.06
CA THR A 333 -33.51 -59.93 31.89
C THR A 333 -33.70 -61.35 31.32
N ILE A 334 -32.62 -62.13 31.26
CA ILE A 334 -32.66 -63.53 30.85
C ILE A 334 -33.47 -64.38 31.88
N ASN A 335 -33.35 -64.08 33.20
CA ASN A 335 -34.04 -64.77 34.29
C ASN A 335 -35.55 -64.50 34.27
N ARG A 336 -35.91 -63.20 34.13
CA ARG A 336 -37.31 -62.77 34.09
C ARG A 336 -37.99 -63.25 32.84
N LEU A 337 -37.22 -63.43 31.74
CA LEU A 337 -37.76 -63.93 30.49
C LEU A 337 -38.07 -65.44 30.54
N GLU A 338 -37.29 -66.20 31.32
CA GLU A 338 -37.47 -67.63 31.52
C GLU A 338 -38.60 -67.88 32.50
N LEU A 339 -38.92 -66.83 33.27
CA LEU A 339 -40.02 -66.86 34.24
C LEU A 339 -41.36 -66.77 33.51
N SER A 340 -41.44 -65.85 32.50
CA SER A 340 -42.63 -65.66 31.66
C SER A 340 -42.86 -66.88 30.78
N LYS A 341 -41.77 -67.48 30.27
CA LYS A 341 -41.80 -68.69 29.44
C LYS A 341 -42.35 -69.92 30.21
N ARG A 342 -42.48 -69.80 31.55
CA ARG A 342 -43.02 -70.85 32.39
C ARG A 342 -44.17 -70.33 33.28
N TYR B 18 7.89 4.06 -13.66
CA TYR B 18 8.63 2.81 -13.89
C TYR B 18 9.10 2.18 -12.57
N GLU B 19 9.90 2.91 -11.79
CA GLU B 19 10.40 2.42 -10.50
C GLU B 19 9.47 2.92 -9.41
N ASN B 20 8.88 4.13 -9.62
CA ASN B 20 7.89 4.81 -8.77
C ASN B 20 6.47 4.22 -8.97
N GLU B 21 6.38 3.21 -9.89
CA GLU B 21 5.20 2.44 -10.31
C GLU B 21 4.59 1.62 -9.15
N ARG B 22 3.31 1.84 -8.89
CA ARG B 22 2.65 1.11 -7.83
C ARG B 22 1.41 0.41 -8.35
N ASN B 23 1.57 -0.88 -8.72
CA ASN B 23 0.51 -1.73 -9.27
C ASN B 23 -0.61 -2.04 -8.26
N ALA B 24 -1.77 -2.36 -8.80
CA ALA B 24 -2.91 -2.72 -7.99
C ALA B 24 -3.24 -4.19 -8.23
N LEU B 25 -4.00 -4.79 -7.34
CA LEU B 25 -4.44 -6.18 -7.40
C LEU B 25 -5.66 -6.22 -8.33
N ASN B 26 -5.82 -7.27 -9.19
CA ASN B 26 -7.02 -7.35 -10.04
C ASN B 26 -8.24 -7.80 -9.19
N ALA B 27 -9.39 -7.10 -9.34
CA ALA B 27 -10.69 -7.43 -8.75
C ALA B 27 -11.02 -8.94 -8.82
N THR B 28 -10.69 -9.58 -9.97
CA THR B 28 -10.88 -11.01 -10.23
C THR B 28 -10.07 -11.84 -9.22
N ALA B 29 -8.82 -11.42 -8.95
CA ALA B 29 -7.97 -12.08 -7.97
C ALA B 29 -8.55 -11.86 -6.60
N ALA B 30 -9.05 -10.63 -6.31
CA ALA B 30 -9.66 -10.28 -5.01
C ALA B 30 -10.92 -11.11 -4.71
N ASN B 31 -11.78 -11.29 -5.72
CA ASN B 31 -12.98 -12.08 -5.64
C ASN B 31 -12.66 -13.53 -5.37
N LYS B 32 -11.63 -14.08 -6.03
CA LYS B 32 -11.26 -15.48 -5.83
C LYS B 32 -10.79 -15.76 -4.38
N VAL B 33 -10.13 -14.79 -3.76
CA VAL B 33 -9.66 -14.88 -2.37
C VAL B 33 -10.91 -14.87 -1.48
N CYS B 34 -11.87 -13.95 -1.75
CA CYS B 34 -13.13 -13.86 -1.01
C CYS B 34 -13.96 -15.08 -1.17
N GLY B 35 -13.90 -15.67 -2.36
CA GLY B 35 -14.61 -16.89 -2.70
C GLY B 35 -14.23 -17.98 -1.73
N LEU B 36 -12.90 -18.23 -1.63
CA LEU B 36 -12.32 -19.20 -0.72
C LEU B 36 -12.72 -18.82 0.70
N SER B 37 -12.65 -17.51 1.02
CA SER B 37 -13.00 -16.99 2.33
C SER B 37 -14.42 -17.36 2.77
N THR B 38 -15.41 -17.25 1.86
CA THR B 38 -16.77 -17.59 2.26
C THR B 38 -16.94 -19.11 2.34
N TYR B 39 -16.18 -19.91 1.49
CA TYR B 39 -16.21 -21.39 1.59
C TYR B 39 -15.76 -21.82 2.97
N LEU B 40 -14.66 -21.20 3.47
CA LEU B 40 -14.05 -21.42 4.77
C LEU B 40 -15.01 -21.07 5.89
N LYS B 41 -15.83 -20.01 5.70
CA LYS B 41 -16.86 -19.61 6.68
C LYS B 41 -18.00 -20.68 6.71
N GLY B 42 -18.15 -21.39 5.58
CA GLY B 42 -19.15 -22.43 5.39
C GLY B 42 -18.76 -23.78 5.95
N ILE B 43 -17.47 -23.95 6.34
CA ILE B 43 -16.99 -25.21 6.90
C ILE B 43 -17.75 -25.56 8.20
N ALA B 44 -18.15 -24.53 8.98
CA ALA B 44 -18.98 -24.71 10.19
C ALA B 44 -20.29 -25.44 9.85
N HIS B 45 -21.03 -24.93 8.87
CA HIS B 45 -22.28 -25.56 8.44
C HIS B 45 -22.02 -26.97 7.85
N ARG B 46 -20.89 -27.14 7.08
CA ARG B 46 -20.48 -28.40 6.44
C ARG B 46 -20.26 -29.51 7.44
N VAL B 47 -19.55 -29.21 8.56
CA VAL B 47 -19.29 -30.19 9.61
C VAL B 47 -20.60 -30.54 10.26
N ASN B 48 -21.47 -29.54 10.51
CA ASN B 48 -22.78 -29.72 11.13
C ASN B 48 -23.67 -30.67 10.31
N SER B 49 -23.71 -30.49 8.97
CA SER B 49 -24.50 -31.30 8.02
C SER B 49 -24.01 -32.73 8.01
N GLU B 50 -22.69 -32.91 7.81
CA GLU B 50 -22.02 -34.21 7.78
C GLU B 50 -22.11 -34.94 9.11
N SER B 51 -22.11 -34.21 10.25
CA SER B 51 -22.24 -34.76 11.60
C SER B 51 -23.66 -35.26 11.80
N ALA B 52 -24.64 -34.54 11.22
CA ALA B 52 -26.05 -34.83 11.30
C ALA B 52 -26.38 -36.13 10.61
N VAL B 53 -25.66 -36.48 9.54
CA VAL B 53 -25.87 -37.73 8.83
C VAL B 53 -25.55 -38.90 9.72
N VAL B 54 -24.44 -38.81 10.47
CA VAL B 54 -23.97 -39.84 11.41
C VAL B 54 -25.01 -40.12 12.48
N THR B 55 -25.64 -39.07 13.00
CA THR B 55 -26.68 -39.20 14.02
C THR B 55 -27.94 -39.83 13.43
N GLU B 56 -28.21 -39.61 12.12
CA GLU B 56 -29.33 -40.26 11.44
C GLU B 56 -29.06 -41.77 11.34
N LYS B 57 -27.81 -42.13 10.98
CA LYS B 57 -27.32 -43.51 10.88
C LYS B 57 -27.30 -44.18 12.23
N LEU B 58 -27.10 -43.38 13.28
CA LEU B 58 -27.11 -43.86 14.66
C LEU B 58 -28.53 -44.09 15.16
N SER B 59 -29.49 -43.22 14.75
CA SER B 59 -30.90 -43.28 15.12
C SER B 59 -31.53 -44.57 14.59
N ASP B 60 -31.12 -44.96 13.37
CA ASP B 60 -31.53 -46.18 12.70
C ASP B 60 -31.03 -47.39 13.52
N LEU B 61 -29.78 -47.31 14.07
CA LEU B 61 -29.20 -48.36 14.90
C LEU B 61 -30.01 -48.54 16.19
N LYS B 62 -30.47 -47.42 16.81
CA LYS B 62 -31.26 -47.48 18.04
C LYS B 62 -32.65 -48.03 17.80
N MET B 63 -33.22 -47.71 16.64
CA MET B 63 -34.52 -48.22 16.23
C MET B 63 -34.40 -49.72 15.91
N ARG B 64 -33.30 -50.14 15.28
CA ARG B 64 -33.08 -51.55 14.94
C ARG B 64 -32.67 -52.39 16.12
N SER B 65 -32.14 -51.78 17.16
CA SER B 65 -31.77 -52.56 18.33
C SER B 65 -33.00 -52.77 19.21
N ILE B 66 -33.97 -51.82 19.16
CA ILE B 66 -35.24 -51.94 19.89
C ILE B 66 -36.11 -53.03 19.21
N GLN B 67 -35.85 -53.23 17.93
CA GLN B 67 -36.45 -54.27 17.10
C GLN B 67 -35.90 -55.63 17.56
N LEU B 68 -34.59 -55.69 17.93
CA LEU B 68 -33.93 -56.91 18.41
C LEU B 68 -34.45 -57.30 19.79
N GLN B 69 -34.54 -56.33 20.71
CA GLN B 69 -35.01 -56.52 22.09
C GLN B 69 -36.45 -57.05 22.11
N LEU B 70 -37.26 -56.63 21.13
CA LEU B 70 -38.62 -57.13 21.03
C LEU B 70 -38.58 -58.55 20.54
N SER B 71 -37.57 -58.92 19.71
CA SER B 71 -37.41 -60.30 19.21
C SER B 71 -36.87 -61.18 20.30
N VAL B 72 -36.04 -60.64 21.20
CA VAL B 72 -35.50 -61.38 22.33
C VAL B 72 -36.65 -61.75 23.27
N MET B 73 -37.56 -60.80 23.48
CA MET B 73 -38.71 -60.96 24.38
C MET B 73 -39.81 -61.93 23.88
N ARG B 74 -40.01 -62.06 22.57
CA ARG B 74 -40.98 -62.98 21.97
C ARG B 74 -40.48 -64.41 22.07
N ASN B 75 -39.15 -64.57 22.25
CA ASN B 75 -38.39 -65.80 22.20
C ASN B 75 -38.54 -66.33 20.79
N ARG B 76 -38.87 -65.37 19.91
CA ARG B 76 -39.05 -65.58 18.51
C ARG B 76 -38.00 -64.77 17.82
N VAL B 77 -36.76 -65.13 18.18
CA VAL B 77 -35.50 -64.64 17.65
C VAL B 77 -35.21 -65.65 16.58
N PRO B 78 -35.03 -65.26 15.30
CA PRO B 78 -34.66 -66.23 14.28
C PRO B 78 -33.47 -67.08 14.76
N SER B 79 -33.64 -68.40 14.68
CA SER B 79 -32.65 -69.44 15.05
C SER B 79 -31.64 -69.58 13.89
N GLY B 80 -31.05 -68.43 13.55
CA GLY B 80 -30.06 -68.26 12.50
C GLY B 80 -28.83 -68.79 13.20
N GLU B 81 -28.19 -69.78 12.54
CA GLU B 81 -26.96 -70.50 12.95
C GLU B 81 -25.79 -69.58 12.76
N GLN B 82 -26.08 -68.41 12.14
CA GLN B 82 -25.26 -67.25 11.82
C GLN B 82 -25.31 -66.47 13.16
N ASP B 83 -24.86 -67.14 14.27
CA ASP B 83 -24.65 -66.69 15.66
C ASP B 83 -25.68 -65.81 16.38
N CYS B 84 -26.93 -66.29 16.48
CA CYS B 84 -28.01 -65.64 17.22
C CYS B 84 -28.37 -66.53 18.42
N LYS B 85 -27.52 -67.53 18.73
CA LYS B 85 -27.78 -68.46 19.84
C LYS B 85 -27.45 -67.84 21.19
N ASP B 86 -26.36 -67.06 21.25
CA ASP B 86 -25.97 -66.37 22.48
C ASP B 86 -26.76 -65.09 22.63
N ILE B 87 -27.80 -65.16 23.46
CA ILE B 87 -28.69 -64.04 23.75
C ILE B 87 -27.93 -63.06 24.66
N ARG B 88 -27.14 -63.60 25.61
CA ARG B 88 -26.36 -62.85 26.58
C ARG B 88 -25.46 -61.76 25.93
N THR B 89 -24.51 -62.16 25.07
CA THR B 89 -23.55 -61.25 24.42
C THR B 89 -24.22 -60.29 23.43
N LEU B 90 -25.35 -60.69 22.84
CA LEU B 90 -26.14 -59.83 21.93
C LEU B 90 -26.59 -58.57 22.69
N LEU B 91 -27.30 -58.78 23.82
CA LEU B 91 -27.81 -57.73 24.69
C LEU B 91 -26.70 -56.96 25.42
N LYS B 92 -25.51 -57.59 25.61
CA LYS B 92 -24.37 -56.96 26.29
C LYS B 92 -23.79 -55.92 25.41
N THR B 93 -23.73 -56.21 24.10
CA THR B 93 -23.19 -55.28 23.10
C THR B 93 -24.20 -54.17 22.85
N VAL B 94 -25.49 -54.48 22.97
CA VAL B 94 -26.57 -53.52 22.79
C VAL B 94 -26.48 -52.38 23.82
N LEU B 95 -26.28 -52.76 25.11
CA LEU B 95 -26.11 -51.82 26.23
C LEU B 95 -24.77 -51.09 26.13
N ARG B 96 -23.71 -51.81 25.72
CA ARG B 96 -22.37 -51.27 25.55
C ARG B 96 -22.43 -50.16 24.51
N ASN B 97 -23.10 -50.41 23.37
CA ASN B 97 -23.26 -49.46 22.26
C ASN B 97 -23.82 -48.11 22.69
N GLU B 98 -24.80 -48.15 23.60
CA GLU B 98 -25.46 -46.97 24.17
C GLU B 98 -24.45 -45.97 24.81
N PHE B 99 -23.22 -46.45 25.11
CA PHE B 99 -22.15 -45.68 25.74
C PHE B 99 -20.91 -45.51 24.85
N THR B 100 -20.48 -46.60 24.19
CA THR B 100 -19.31 -46.60 23.32
C THR B 100 -19.44 -45.62 22.17
N PHE B 101 -20.62 -45.50 21.59
CA PHE B 101 -20.82 -44.61 20.46
C PHE B 101 -20.77 -43.14 20.83
N GLN B 102 -21.44 -42.71 21.91
CA GLN B 102 -21.46 -41.28 22.28
C GLN B 102 -20.09 -40.72 22.64
N GLN B 103 -19.17 -41.57 23.13
CA GLN B 103 -17.83 -41.04 23.43
C GLN B 103 -16.92 -40.94 22.16
N GLU B 104 -17.28 -41.65 21.07
CA GLU B 104 -16.54 -41.62 19.81
C GLU B 104 -17.13 -40.52 18.92
N LEU B 105 -18.41 -40.22 19.17
CA LEU B 105 -19.18 -39.18 18.52
C LEU B 105 -18.73 -37.83 19.11
N GLU B 106 -18.29 -37.84 20.38
CA GLU B 106 -17.75 -36.68 21.09
C GLU B 106 -16.43 -36.32 20.42
N GLU B 107 -15.62 -37.35 20.15
CA GLU B 107 -14.33 -37.25 19.49
C GLU B 107 -14.43 -36.59 18.13
N MET B 108 -15.50 -36.92 17.36
CA MET B 108 -15.71 -36.35 16.02
C MET B 108 -16.22 -34.88 16.11
N ARG B 109 -17.05 -34.56 17.13
CA ARG B 109 -17.54 -33.20 17.35
C ARG B 109 -16.42 -32.32 17.85
N ASN B 110 -15.47 -32.90 18.64
CA ASN B 110 -14.35 -32.13 19.16
C ASN B 110 -13.58 -31.63 17.90
N ALA B 111 -13.31 -32.54 16.95
CA ALA B 111 -12.64 -32.27 15.68
C ALA B 111 -13.42 -31.35 14.75
N SER B 112 -14.77 -31.40 14.82
CA SER B 112 -15.66 -30.56 14.01
C SER B 112 -15.54 -29.07 14.40
N ALA B 113 -15.60 -28.79 15.74
CA ALA B 113 -15.46 -27.45 16.30
C ALA B 113 -14.14 -26.82 15.87
N LEU B 114 -13.02 -27.59 16.05
CA LEU B 114 -11.66 -27.18 15.73
C LEU B 114 -11.45 -26.87 14.31
N ALA B 115 -11.91 -27.74 13.39
CA ALA B 115 -11.80 -27.52 11.95
C ALA B 115 -12.60 -26.28 11.58
N ALA B 116 -13.86 -26.18 12.09
CA ALA B 116 -14.74 -25.02 11.89
C ALA B 116 -14.03 -23.70 12.28
N ALA B 117 -13.36 -23.67 13.47
CA ALA B 117 -12.64 -22.51 14.00
C ALA B 117 -11.41 -22.14 13.17
N ALA B 118 -10.52 -23.15 12.94
CA ALA B 118 -9.26 -23.04 12.20
C ALA B 118 -9.52 -22.46 10.84
N ALA B 119 -10.65 -22.90 10.24
CA ALA B 119 -11.11 -22.44 8.93
C ALA B 119 -11.48 -20.99 9.02
N GLY B 120 -12.18 -20.64 10.11
CA GLY B 120 -12.63 -19.29 10.42
C GLY B 120 -11.47 -18.34 10.53
N ILE B 121 -10.37 -18.84 11.15
CA ILE B 121 -9.15 -18.04 11.29
C ILE B 121 -8.66 -17.65 9.88
N ALA B 122 -8.43 -18.69 8.99
CA ALA B 122 -7.99 -18.55 7.58
C ALA B 122 -8.87 -17.57 6.80
N ALA B 123 -10.20 -17.68 6.99
CA ALA B 123 -11.22 -16.82 6.38
C ALA B 123 -11.00 -15.36 6.74
N GLY B 124 -10.83 -15.09 8.05
CA GLY B 124 -10.60 -13.76 8.60
C GLY B 124 -9.29 -13.13 8.14
N ARG B 125 -8.23 -13.95 8.04
CA ARG B 125 -6.92 -13.51 7.60
C ARG B 125 -7.01 -13.00 6.16
N LEU B 126 -7.68 -13.79 5.31
CA LEU B 126 -7.90 -13.46 3.91
C LEU B 126 -8.84 -12.25 3.79
N GLU B 127 -9.95 -12.25 4.57
CA GLU B 127 -10.92 -11.17 4.56
C GLU B 127 -10.29 -9.83 4.90
N GLU B 128 -9.57 -9.73 6.05
CA GLU B 128 -8.93 -8.49 6.46
C GLU B 128 -8.10 -7.92 5.31
N TRP B 129 -7.18 -8.74 4.77
CA TRP B 129 -6.31 -8.39 3.64
C TRP B 129 -7.06 -7.69 2.54
N ILE B 130 -8.01 -8.38 1.93
CA ILE B 130 -8.78 -7.86 0.81
C ILE B 130 -9.60 -6.64 1.20
N PHE B 131 -10.31 -6.71 2.32
CA PHE B 131 -11.11 -5.61 2.82
C PHE B 131 -10.29 -4.32 3.02
N VAL B 132 -9.07 -4.44 3.54
CA VAL B 132 -8.21 -3.29 3.71
C VAL B 132 -7.83 -2.75 2.31
N PHE B 133 -7.47 -3.65 1.38
CA PHE B 133 -7.12 -3.23 0.01
C PHE B 133 -8.31 -2.54 -0.67
N ALA B 134 -9.53 -3.05 -0.42
CA ALA B 134 -10.74 -2.50 -1.00
C ALA B 134 -11.07 -1.11 -0.44
N GLN B 135 -10.69 -0.84 0.81
CA GLN B 135 -10.95 0.45 1.44
C GLN B 135 -9.92 1.50 1.07
N ALA B 136 -8.73 1.07 0.64
CA ALA B 136 -7.60 1.90 0.23
C ALA B 136 -7.77 2.38 -1.23
N ALA B 137 -8.88 3.09 -1.46
CA ALA B 137 -9.32 3.63 -2.74
C ALA B 137 -9.66 5.11 -2.56
N GLY B 138 -9.31 5.94 -3.53
CA GLY B 138 -9.56 7.37 -3.36
C GLY B 138 -10.09 8.24 -4.47
N GLY B 139 -11.40 8.15 -4.73
CA GLY B 139 -12.06 8.97 -5.73
C GLY B 139 -11.73 8.61 -7.17
N SER B 140 -10.44 8.70 -7.56
CA SER B 140 -9.93 8.34 -8.88
C SER B 140 -8.41 8.16 -8.85
N SER B 141 -7.85 7.53 -9.90
CA SER B 141 -6.42 7.33 -10.20
C SER B 141 -5.63 6.48 -9.19
N GLN B 142 -5.81 6.66 -7.86
CA GLN B 142 -5.09 5.85 -6.88
C GLN B 142 -6.01 4.97 -6.06
N PHE B 143 -5.65 3.66 -5.98
CA PHE B 143 -6.39 2.59 -5.30
C PHE B 143 -5.56 1.28 -5.28
N CYS B 144 -6.05 0.24 -4.57
CA CYS B 144 -5.32 -1.04 -4.46
C CYS B 144 -5.96 -2.22 -5.20
N ILE B 145 -7.27 -2.17 -5.50
CA ILE B 145 -7.98 -3.19 -6.29
C ILE B 145 -8.52 -2.50 -7.53
N SER B 146 -8.05 -2.93 -8.72
CA SER B 146 -8.41 -2.29 -9.99
C SER B 146 -9.34 -3.09 -10.91
N VAL B 147 -9.90 -2.38 -11.89
CA VAL B 147 -10.74 -2.97 -12.92
C VAL B 147 -10.31 -2.50 -14.33
N GLY B 148 -9.14 -1.87 -14.41
CA GLY B 148 -8.62 -1.37 -15.68
C GLY B 148 -8.84 0.11 -15.88
N THR B 149 -9.96 0.62 -15.33
CA THR B 149 -10.36 2.02 -15.41
C THR B 149 -9.60 2.89 -14.40
N ASN B 150 -9.83 4.22 -14.44
CA ASN B 150 -9.25 5.18 -13.51
C ASN B 150 -10.13 5.29 -12.25
N ILE B 151 -11.10 4.38 -12.15
CA ILE B 151 -12.04 4.31 -11.03
C ILE B 151 -11.72 3.03 -10.24
N PRO B 152 -11.54 3.12 -8.91
CA PRO B 152 -11.28 1.89 -8.13
C PRO B 152 -12.43 0.89 -8.20
N ALA B 153 -12.16 -0.37 -7.84
CA ALA B 153 -13.21 -1.40 -7.86
C ALA B 153 -14.23 -1.11 -6.78
N GLU B 154 -15.51 -1.28 -7.11
CA GLU B 154 -16.59 -1.05 -6.17
C GLU B 154 -17.29 -2.36 -5.87
N TYR B 155 -18.20 -2.36 -4.89
CA TYR B 155 -18.94 -3.53 -4.41
C TYR B 155 -19.58 -4.40 -5.52
N ASN B 156 -19.98 -3.80 -6.67
CA ASN B 156 -20.56 -4.52 -7.81
C ASN B 156 -19.49 -5.37 -8.52
N ASN B 157 -18.24 -4.87 -8.52
CA ASN B 157 -17.10 -5.58 -9.09
C ASN B 157 -16.64 -6.66 -8.11
N LEU B 158 -16.72 -6.36 -6.80
CA LEU B 158 -16.29 -7.23 -5.71
C LEU B 158 -17.47 -8.02 -5.08
N GLN B 159 -18.32 -8.62 -5.97
CA GLN B 159 -19.53 -9.39 -5.62
C GLN B 159 -19.32 -10.55 -4.64
N GLU B 160 -18.14 -11.21 -4.65
CA GLU B 160 -17.86 -12.34 -3.73
C GLU B 160 -17.40 -11.86 -2.36
N CYS B 161 -16.97 -10.59 -2.26
CA CYS B 161 -16.48 -9.96 -1.04
C CYS B 161 -17.53 -9.27 -0.24
N PHE B 162 -18.35 -8.42 -0.91
CA PHE B 162 -19.36 -7.56 -0.28
C PHE B 162 -20.76 -7.79 -0.79
N ASP B 163 -21.74 -7.54 0.10
CA ASP B 163 -23.18 -7.63 -0.14
C ASP B 163 -23.72 -6.18 -0.15
N GLY B 164 -23.01 -5.30 -0.88
CA GLY B 164 -23.36 -3.88 -1.00
C GLY B 164 -22.17 -2.98 -0.73
N THR B 165 -22.43 -1.66 -0.55
CA THR B 165 -21.46 -0.57 -0.29
C THR B 165 -20.31 -0.99 0.63
N ILE B 166 -19.04 -0.91 0.13
CA ILE B 166 -17.81 -1.31 0.84
C ILE B 166 -17.70 -0.73 2.27
N GLY B 167 -17.72 -1.65 3.25
CA GLY B 167 -17.67 -1.38 4.67
C GLY B 167 -17.61 -2.63 5.53
N PRO B 168 -17.50 -2.49 6.87
CA PRO B 168 -17.36 -3.68 7.70
C PRO B 168 -18.62 -4.54 7.86
N GLU B 169 -19.81 -3.92 7.80
CA GLU B 169 -21.07 -4.66 7.96
C GLU B 169 -21.58 -5.27 6.67
N THR B 170 -20.99 -4.86 5.52
CA THR B 170 -21.35 -5.36 4.19
C THR B 170 -20.57 -6.68 3.80
N LEU B 171 -19.55 -7.08 4.60
CA LEU B 171 -18.80 -8.31 4.37
C LEU B 171 -19.68 -9.44 4.88
N TYR B 172 -19.51 -10.64 4.31
CA TYR B 172 -20.29 -11.82 4.68
C TYR B 172 -19.95 -12.38 6.06
N LYS B 173 -20.99 -12.61 6.87
CA LYS B 173 -20.89 -13.18 8.22
C LYS B 173 -21.09 -14.71 8.14
N ILE B 174 -20.77 -15.49 9.19
CA ILE B 174 -20.88 -16.95 9.09
C ILE B 174 -22.37 -17.40 8.95
N GLU B 175 -23.32 -16.68 9.55
CA GLU B 175 -24.73 -17.04 9.42
C GLU B 175 -25.40 -16.43 8.16
N ASP B 176 -24.67 -15.60 7.41
CA ASP B 176 -25.13 -14.95 6.18
C ASP B 176 -25.57 -15.92 5.07
N SER B 177 -26.41 -15.39 4.16
CA SER B 177 -27.01 -15.98 2.97
C SER B 177 -26.09 -16.94 2.18
N ARG B 178 -25.06 -16.40 1.51
CA ARG B 178 -24.20 -17.19 0.64
C ARG B 178 -23.25 -18.12 1.37
N VAL B 179 -22.94 -17.86 2.65
CA VAL B 179 -22.05 -18.73 3.43
C VAL B 179 -22.69 -20.10 3.55
N LYS B 180 -24.01 -20.12 3.85
CA LYS B 180 -24.82 -21.32 4.00
C LYS B 180 -24.95 -22.07 2.66
N GLU B 181 -25.16 -21.36 1.54
CA GLU B 181 -25.30 -22.06 0.25
C GLU B 181 -23.96 -22.51 -0.32
N SER B 182 -22.87 -21.86 0.11
CA SER B 182 -21.51 -22.26 -0.26
C SER B 182 -21.18 -23.62 0.42
N ALA B 183 -21.75 -23.86 1.64
CA ALA B 183 -21.56 -25.10 2.38
C ALA B 183 -22.20 -26.33 1.71
N GLN B 184 -23.09 -26.13 0.72
CA GLN B 184 -23.72 -27.24 -0.01
C GLN B 184 -23.35 -27.24 -1.50
N LYS B 185 -22.19 -26.66 -1.81
CA LYS B 185 -21.67 -26.51 -3.18
C LYS B 185 -20.99 -27.77 -3.77
N SER B 186 -20.89 -28.89 -2.99
CA SER B 186 -20.23 -30.14 -3.45
C SER B 186 -18.72 -30.00 -3.79
N LEU B 187 -18.18 -28.78 -3.59
CA LEU B 187 -16.79 -28.46 -3.80
C LEU B 187 -16.04 -29.02 -2.63
N GLN B 188 -14.95 -29.68 -2.89
CA GLN B 188 -14.15 -30.18 -1.79
C GLN B 188 -13.03 -29.18 -1.47
N LEU B 189 -12.58 -29.12 -0.19
CA LEU B 189 -11.54 -28.18 0.29
C LEU B 189 -10.40 -28.10 -0.69
N HIS B 190 -9.82 -29.26 -1.07
CA HIS B 190 -8.67 -29.34 -1.98
C HIS B 190 -8.87 -28.64 -3.30
N GLU B 191 -10.09 -28.69 -3.82
CA GLU B 191 -10.46 -28.07 -5.09
C GLU B 191 -10.48 -26.56 -4.89
N VAL B 192 -11.20 -26.05 -3.86
CA VAL B 192 -11.32 -24.61 -3.57
C VAL B 192 -9.98 -24.03 -3.29
N LEU B 193 -9.14 -24.74 -2.53
CA LEU B 193 -7.83 -24.22 -2.26
C LEU B 193 -7.03 -24.05 -3.55
N SER B 194 -7.05 -25.08 -4.41
CA SER B 194 -6.33 -25.04 -5.70
C SER B 194 -6.74 -23.87 -6.58
N SER B 195 -8.00 -23.40 -6.43
CA SER B 195 -8.54 -22.26 -7.18
C SER B 195 -7.70 -20.98 -7.03
N ILE B 196 -7.16 -20.73 -5.84
CA ILE B 196 -6.38 -19.53 -5.64
C ILE B 196 -4.89 -19.76 -5.87
N SER B 197 -4.49 -20.89 -6.48
CA SER B 197 -3.06 -21.10 -6.76
C SER B 197 -2.63 -20.19 -7.91
N PHE B 198 -1.33 -20.03 -8.10
CA PHE B 198 -0.81 -19.16 -9.15
C PHE B 198 -1.24 -19.62 -10.53
N SER B 199 -1.17 -20.93 -10.79
CA SER B 199 -1.56 -21.58 -12.04
C SER B 199 -3.03 -21.31 -12.33
N SER B 200 -3.87 -21.70 -11.40
CA SER B 200 -5.31 -21.52 -11.49
C SER B 200 -5.76 -20.04 -11.64
N LEU B 201 -4.91 -19.06 -11.27
CA LEU B 201 -5.26 -17.67 -11.42
C LEU B 201 -4.64 -17.07 -12.67
N GLY B 202 -3.35 -17.32 -12.85
CA GLY B 202 -2.57 -16.80 -13.96
C GLY B 202 -1.94 -15.46 -13.59
N ALA B 203 -0.62 -15.34 -13.76
CA ALA B 203 0.19 -14.14 -13.49
C ALA B 203 -0.54 -12.80 -13.77
N GLU B 204 -1.15 -12.71 -14.95
CA GLU B 204 -1.85 -11.54 -15.49
C GLU B 204 -3.08 -11.19 -14.71
N SER B 205 -3.92 -12.20 -14.44
CA SER B 205 -5.18 -12.00 -13.74
C SER B 205 -5.02 -11.71 -12.22
N ILE B 206 -3.77 -11.73 -11.67
CA ILE B 206 -3.57 -11.47 -10.23
C ILE B 206 -3.31 -9.98 -10.01
N VAL B 207 -2.30 -9.43 -10.73
CA VAL B 207 -1.85 -8.04 -10.61
C VAL B 207 -2.03 -7.29 -11.93
N GLU B 208 -2.45 -6.01 -11.86
CA GLU B 208 -2.62 -5.14 -13.01
C GLU B 208 -1.26 -4.50 -13.23
N LYS B 209 -0.44 -5.16 -14.09
CA LYS B 209 0.93 -4.75 -14.40
C LYS B 209 0.92 -3.60 -15.38
N GLY B 210 2.00 -2.82 -15.34
CA GLY B 210 2.26 -1.69 -16.23
C GLY B 210 1.31 -0.51 -16.06
N GLU B 211 0.89 -0.26 -14.81
CA GLU B 211 -0.01 0.82 -14.45
C GLU B 211 0.32 1.34 -13.04
N ASN B 212 0.46 2.67 -12.89
CA ASN B 212 0.75 3.28 -11.59
C ASN B 212 -0.54 3.72 -10.95
N ARG B 213 -1.06 2.87 -10.06
CA ARG B 213 -2.29 3.08 -9.31
C ARG B 213 -2.04 3.55 -7.85
N GLY B 214 -0.79 3.89 -7.53
CA GLY B 214 -0.35 4.42 -6.24
C GLY B 214 -0.58 3.61 -4.96
N CYS B 215 -0.82 2.27 -5.08
CA CYS B 215 -1.08 1.39 -3.95
C CYS B 215 0.18 1.06 -3.17
N ASN B 216 0.39 1.72 -2.02
CA ASN B 216 1.58 1.55 -1.18
C ASN B 216 1.59 0.23 -0.40
N LEU B 217 0.40 -0.39 -0.22
CA LEU B 217 0.21 -1.63 0.54
C LEU B 217 0.91 -2.81 -0.13
N MET B 218 1.26 -2.66 -1.42
CA MET B 218 1.97 -3.67 -2.15
C MET B 218 3.44 -3.27 -2.50
N ARG B 219 4.08 -2.39 -1.68
CA ARG B 219 5.48 -1.95 -1.88
C ARG B 219 6.29 -2.07 -0.62
N THR B 220 7.29 -2.94 -0.62
CA THR B 220 8.14 -3.12 0.56
C THR B 220 9.28 -2.14 0.52
N ALA B 221 9.59 -1.61 -0.70
CA ALA B 221 10.65 -0.62 -0.92
C ALA B 221 10.30 0.71 -0.23
N ASP B 222 11.26 1.67 -0.18
CA ASP B 222 11.07 3.01 0.40
C ASP B 222 9.84 3.70 -0.21
N GLY B 223 9.11 4.43 0.62
CA GLY B 223 7.91 5.11 0.19
C GLY B 223 6.69 4.21 0.00
N GLY B 224 6.77 2.99 0.52
CA GLY B 224 5.69 2.01 0.47
C GLY B 224 5.09 1.80 1.84
N LEU B 225 5.46 0.71 2.51
CA LEU B 225 4.96 0.46 3.86
C LEU B 225 5.67 1.42 4.82
N LEU B 226 6.96 1.66 4.54
CA LEU B 226 7.82 2.59 5.27
C LEU B 226 8.14 3.72 4.30
N LYS B 227 8.14 4.97 4.77
CA LYS B 227 8.31 6.12 3.89
C LYS B 227 9.75 6.37 3.42
N ASP B 228 10.79 6.01 4.19
CA ASP B 228 12.16 6.32 3.77
C ASP B 228 13.11 5.14 3.46
N VAL B 229 12.70 3.91 3.80
CA VAL B 229 13.58 2.75 3.72
C VAL B 229 12.88 1.45 3.17
N CYS B 230 13.68 0.46 2.71
CA CYS B 230 13.19 -0.88 2.36
C CYS B 230 12.95 -1.56 3.71
N LEU B 231 12.10 -2.60 3.76
CA LEU B 231 11.89 -3.34 4.99
C LEU B 231 13.16 -4.12 5.36
N ASN B 232 13.33 -4.45 6.65
CA ASN B 232 14.42 -5.24 7.20
C ASN B 232 14.18 -6.74 6.93
N ARG B 233 12.99 -7.06 6.39
CA ARG B 233 12.51 -8.42 6.23
C ARG B 233 11.56 -8.57 5.05
N ASN B 234 11.12 -9.81 4.83
CA ASN B 234 10.15 -10.23 3.83
C ASN B 234 8.73 -9.86 4.36
N PHE B 235 7.76 -9.70 3.49
CA PHE B 235 6.39 -9.32 3.89
C PHE B 235 5.37 -10.26 3.24
N THR B 236 4.25 -10.55 3.92
CA THR B 236 3.19 -11.39 3.36
C THR B 236 1.75 -10.92 3.70
N TRP B 237 0.92 -10.81 2.65
CA TRP B 237 -0.52 -10.59 2.74
C TRP B 237 -1.14 -11.97 2.64
N GLY B 238 -2.20 -12.21 3.40
CA GLY B 238 -2.70 -13.55 3.55
C GLY B 238 -1.69 -14.20 4.50
N GLY B 239 -1.54 -15.50 4.42
CA GLY B 239 -0.59 -16.09 5.34
C GLY B 239 0.56 -16.65 4.57
N GLY B 240 0.77 -16.12 3.40
CA GLY B 240 1.78 -16.65 2.50
C GLY B 240 1.20 -16.78 1.11
N VAL B 241 -0.01 -16.16 0.92
CA VAL B 241 -0.65 -16.11 -0.39
C VAL B 241 0.16 -15.17 -1.25
N LEU B 242 0.22 -13.87 -0.88
CA LEU B 242 1.02 -12.86 -1.59
C LEU B 242 2.27 -12.65 -0.81
N ASN B 243 3.42 -12.81 -1.44
CA ASN B 243 4.72 -12.66 -0.76
C ASN B 243 5.64 -11.64 -1.43
N PHE B 244 6.39 -10.86 -0.63
CA PHE B 244 7.28 -9.85 -1.15
C PHE B 244 8.64 -9.96 -0.54
N GLY B 245 9.65 -9.48 -1.29
CA GLY B 245 11.04 -9.36 -0.87
C GLY B 245 11.21 -8.14 0.01
N TYR B 246 12.42 -7.88 0.53
CA TYR B 246 12.51 -6.72 1.42
C TYR B 246 12.45 -5.35 0.70
N CYS B 247 12.70 -5.30 -0.63
CA CYS B 247 12.70 -4.03 -1.38
C CYS B 247 12.06 -4.13 -2.82
N VAL B 248 10.74 -4.38 -2.82
CA VAL B 248 9.95 -4.51 -4.04
C VAL B 248 9.44 -3.13 -4.41
N ALA B 249 9.87 -2.67 -5.59
CA ALA B 249 9.48 -1.40 -6.21
C ALA B 249 9.13 -1.60 -7.68
N GLY B 250 8.25 -0.74 -8.14
CA GLY B 250 7.86 -0.72 -9.53
C GLY B 250 6.98 -1.86 -9.97
N ASN B 251 7.17 -2.26 -11.24
CA ASN B 251 6.43 -3.31 -11.90
C ASN B 251 6.61 -4.64 -11.19
N LEU B 252 5.54 -5.11 -10.57
CA LEU B 252 5.49 -6.35 -9.80
C LEU B 252 5.75 -7.60 -10.66
N LYS B 253 6.90 -8.24 -10.36
CA LYS B 253 7.39 -9.44 -11.04
C LYS B 253 6.88 -10.75 -10.36
N ILE B 254 5.55 -11.02 -10.52
CA ILE B 254 4.92 -12.18 -9.89
C ILE B 254 5.30 -13.45 -10.59
N LYS B 255 5.67 -14.40 -9.74
CA LYS B 255 6.03 -15.77 -10.08
C LYS B 255 5.35 -16.63 -9.01
N GLY B 256 5.17 -17.91 -9.32
CA GLY B 256 4.58 -18.87 -8.41
C GLY B 256 5.61 -19.33 -7.40
N GLY B 257 5.19 -19.38 -6.15
CA GLY B 257 6.04 -19.78 -5.04
C GLY B 257 5.43 -19.37 -3.72
N GLU B 258 6.12 -19.66 -2.61
CA GLU B 258 5.68 -19.45 -1.23
C GLU B 258 6.57 -18.45 -0.46
N TYR B 259 6.27 -18.14 0.81
CA TYR B 259 7.07 -17.22 1.62
C TYR B 259 8.56 -17.57 1.61
N GLY B 260 8.85 -18.88 1.62
CA GLY B 260 10.23 -19.35 1.58
C GLY B 260 10.97 -19.16 0.27
N ASP B 261 10.21 -18.96 -0.83
CA ASP B 261 10.68 -18.81 -2.22
C ASP B 261 11.06 -17.38 -2.62
N VAL B 262 11.03 -16.40 -1.67
CA VAL B 262 11.35 -14.97 -1.92
C VAL B 262 12.83 -14.69 -1.55
N GLY B 263 13.75 -15.09 -2.41
CA GLY B 263 15.17 -14.97 -2.12
C GLY B 263 15.81 -13.61 -2.34
N SER B 264 15.29 -12.87 -3.34
CA SER B 264 15.77 -11.56 -3.74
C SER B 264 14.91 -10.47 -3.14
N HIS B 265 15.35 -9.21 -3.30
CA HIS B 265 14.65 -8.02 -2.81
C HIS B 265 13.52 -7.69 -3.77
N ASP B 266 13.68 -8.14 -5.02
CA ASP B 266 12.80 -7.93 -6.16
C ASP B 266 11.52 -8.78 -6.10
N ALA B 267 11.68 -10.01 -5.57
CA ALA B 267 10.76 -11.13 -5.57
C ALA B 267 9.35 -10.84 -5.06
N VAL B 268 8.34 -11.18 -5.91
CA VAL B 268 6.91 -11.15 -5.61
C VAL B 268 6.47 -12.56 -5.95
N ARG B 269 5.90 -13.24 -4.98
CA ARG B 269 5.48 -14.61 -5.13
C ARG B 269 4.07 -14.90 -4.64
N TRP B 270 3.22 -15.41 -5.55
CA TRP B 270 1.85 -15.82 -5.22
C TRP B 270 1.89 -17.34 -5.14
N THR B 271 1.24 -17.91 -4.10
CA THR B 271 1.24 -19.34 -3.77
C THR B 271 0.94 -20.25 -4.94
N GLU B 272 1.69 -21.36 -5.05
CA GLU B 272 1.49 -22.40 -6.07
C GLU B 272 0.85 -23.65 -5.48
N ASP B 273 1.13 -23.90 -4.19
CA ASP B 273 0.63 -25.04 -3.44
C ASP B 273 0.03 -24.50 -2.15
N PRO B 274 -1.28 -24.15 -2.18
CA PRO B 274 -1.93 -23.59 -0.97
C PRO B 274 -1.82 -24.40 0.31
N SER B 275 -1.41 -25.68 0.23
CA SER B 275 -1.21 -26.52 1.42
C SER B 275 0.10 -26.17 2.12
N LYS B 276 0.96 -25.43 1.43
CA LYS B 276 2.24 -24.97 1.97
C LYS B 276 2.04 -23.65 2.72
N VAL B 277 0.87 -22.99 2.53
CA VAL B 277 0.51 -21.71 3.15
C VAL B 277 0.17 -21.92 4.59
N SER B 278 0.82 -21.16 5.49
CA SER B 278 0.65 -21.18 6.93
C SER B 278 -0.77 -21.35 7.40
N ILE B 279 -1.65 -20.41 6.97
CA ILE B 279 -3.02 -20.36 7.48
C ILE B 279 -3.89 -21.54 7.04
N PHE B 280 -3.63 -22.11 5.86
CA PHE B 280 -4.42 -23.23 5.38
C PHE B 280 -4.06 -24.57 6.02
N LYS B 281 -2.78 -24.73 6.42
CA LYS B 281 -2.24 -25.94 7.03
C LYS B 281 -3.15 -26.58 8.07
N ASP B 282 -3.51 -25.81 9.11
CA ASP B 282 -4.38 -26.24 10.22
C ASP B 282 -5.79 -26.59 9.78
N VAL B 283 -6.33 -25.87 8.77
CA VAL B 283 -7.69 -26.12 8.22
C VAL B 283 -7.68 -27.49 7.56
N ILE B 284 -6.63 -27.73 6.77
CA ILE B 284 -6.50 -28.97 6.05
C ILE B 284 -6.43 -30.11 7.05
N ARG B 285 -5.54 -29.94 8.02
CA ARG B 285 -5.25 -30.90 9.08
C ARG B 285 -6.45 -31.30 9.92
N LEU B 286 -7.13 -30.29 10.48
CA LEU B 286 -8.27 -30.49 11.38
C LEU B 286 -9.56 -30.88 10.66
N PHE B 287 -9.73 -30.57 9.35
CA PHE B 287 -10.90 -31.02 8.60
C PHE B 287 -10.74 -32.52 8.27
N ALA B 288 -9.48 -32.88 7.96
CA ALA B 288 -9.03 -34.24 7.74
C ALA B 288 -9.25 -35.08 9.03
N ARG B 289 -8.92 -34.54 10.23
CA ARG B 289 -9.15 -35.16 11.55
C ARG B 289 -10.60 -35.58 11.67
N PHE B 290 -11.54 -34.61 11.49
CA PHE B 290 -13.00 -34.76 11.57
C PHE B 290 -13.51 -35.79 10.60
N GLN B 291 -13.10 -35.67 9.33
CA GLN B 291 -13.47 -36.61 8.29
C GLN B 291 -13.03 -38.02 8.63
N GLU B 292 -11.71 -38.19 9.03
CA GLU B 292 -11.07 -39.43 9.47
C GLU B 292 -11.94 -40.13 10.50
N VAL B 293 -12.32 -39.41 11.57
CA VAL B 293 -13.17 -39.89 12.68
C VAL B 293 -14.59 -40.22 12.19
N LYS B 294 -15.23 -39.25 11.48
CA LYS B 294 -16.58 -39.36 10.95
C LYS B 294 -16.75 -40.67 10.24
N ASN B 295 -15.82 -40.97 9.36
CA ASN B 295 -15.83 -42.16 8.54
C ASN B 295 -15.54 -43.45 9.34
N ALA B 296 -14.81 -43.34 10.45
CA ALA B 296 -14.50 -44.50 11.30
C ALA B 296 -15.67 -44.86 12.15
N VAL B 297 -16.46 -43.84 12.56
CA VAL B 297 -17.69 -44.00 13.35
C VAL B 297 -18.77 -44.65 12.48
N VAL B 298 -18.91 -44.15 11.22
CA VAL B 298 -19.87 -44.63 10.23
C VAL B 298 -19.64 -46.14 9.94
N LYS B 299 -18.36 -46.58 9.78
CA LYS B 299 -18.04 -48.01 9.57
C LYS B 299 -18.39 -48.88 10.82
N LYS B 300 -18.22 -48.32 12.05
CA LYS B 300 -18.54 -48.97 13.32
C LYS B 300 -20.05 -49.25 13.38
N ILE B 301 -20.85 -48.23 13.00
CA ILE B 301 -22.33 -48.32 12.94
C ILE B 301 -22.72 -49.39 11.93
N LYS B 302 -22.11 -49.35 10.71
CA LYS B 302 -22.36 -50.31 9.64
C LYS B 302 -22.15 -51.74 10.09
N THR B 303 -20.94 -52.09 10.63
CA THR B 303 -20.64 -53.45 11.11
C THR B 303 -21.59 -53.90 12.23
N THR B 304 -22.00 -52.98 13.13
CA THR B 304 -22.92 -53.28 14.23
C THR B 304 -24.32 -53.56 13.68
N VAL B 305 -24.87 -52.65 12.82
CA VAL B 305 -26.20 -52.78 12.21
C VAL B 305 -26.29 -54.12 11.50
N ASP B 306 -25.25 -54.49 10.74
CA ASP B 306 -25.16 -55.73 10.00
C ASP B 306 -25.20 -56.97 10.87
N GLU B 307 -24.65 -56.89 12.09
CA GLU B 307 -24.66 -58.03 13.02
C GLU B 307 -25.97 -58.17 13.80
N LEU B 308 -26.67 -57.05 14.05
CA LEU B 308 -27.92 -57.05 14.77
C LEU B 308 -29.07 -57.51 13.89
N THR B 309 -29.14 -56.99 12.66
CA THR B 309 -30.18 -57.31 11.67
C THR B 309 -30.43 -58.80 11.44
N LYS B 310 -29.35 -59.62 11.42
CA LYS B 310 -29.47 -61.07 11.21
C LYS B 310 -30.16 -61.80 12.39
N CYS B 311 -30.36 -61.09 13.53
CA CYS B 311 -31.04 -61.65 14.70
C CYS B 311 -32.47 -61.14 14.89
N ILE B 312 -32.85 -59.99 14.29
CA ILE B 312 -34.22 -59.44 14.40
C ILE B 312 -35.21 -60.36 13.65
N GLY B 313 -36.35 -60.65 14.30
CA GLY B 313 -37.42 -61.48 13.77
C GLY B 313 -38.22 -60.73 12.73
N GLN B 314 -38.67 -61.44 11.70
CA GLN B 314 -39.40 -60.85 10.58
C GLN B 314 -40.68 -60.12 11.00
N LYS B 315 -41.35 -60.59 12.07
CA LYS B 315 -42.57 -59.97 12.60
C LYS B 315 -42.27 -58.55 13.14
N GLU B 316 -41.11 -58.39 13.78
CA GLU B 316 -40.63 -57.14 14.37
C GLU B 316 -39.95 -56.29 13.32
N ALA B 317 -39.38 -56.92 12.28
CA ALA B 317 -38.71 -56.22 11.18
C ALA B 317 -39.72 -55.39 10.38
N GLU B 318 -40.84 -56.01 9.98
CA GLU B 318 -41.92 -55.36 9.21
C GLU B 318 -42.72 -54.37 10.08
N LEU B 319 -42.41 -54.29 11.39
CA LEU B 319 -43.05 -53.37 12.32
C LEU B 319 -42.59 -51.91 12.06
N THR B 320 -43.57 -50.99 11.97
CA THR B 320 -43.35 -49.55 11.72
C THR B 320 -42.91 -48.85 13.00
N ASN B 321 -41.99 -47.88 12.87
CA ASN B 321 -41.38 -47.08 13.94
C ASN B 321 -42.34 -46.60 15.05
N ASP B 322 -43.55 -46.17 14.69
CA ASP B 322 -44.54 -45.63 15.62
C ASP B 322 -45.13 -46.66 16.60
N GLN B 323 -45.64 -47.79 16.06
CA GLN B 323 -46.23 -48.93 16.78
C GLN B 323 -45.15 -49.83 17.42
N LEU B 324 -43.91 -49.74 16.94
CA LEU B 324 -42.73 -50.46 17.42
C LEU B 324 -42.46 -50.02 18.84
N TYR B 325 -42.61 -48.71 19.10
CA TYR B 325 -42.38 -48.08 20.40
C TYR B 325 -43.57 -48.28 21.35
N GLU B 326 -44.82 -48.39 20.82
CA GLU B 326 -46.04 -48.65 21.62
C GLU B 326 -46.01 -50.07 22.25
N GLU B 327 -45.64 -51.08 21.41
CA GLU B 327 -45.54 -52.51 21.73
C GLU B 327 -44.40 -52.82 22.66
N PHE B 328 -43.28 -52.10 22.53
CA PHE B 328 -42.09 -52.27 23.37
C PHE B 328 -42.49 -52.02 24.81
N GLU B 329 -43.13 -50.87 25.06
CA GLU B 329 -43.63 -50.44 26.37
C GLU B 329 -44.47 -51.54 27.04
N VAL B 330 -45.33 -52.21 26.25
CA VAL B 330 -46.26 -53.25 26.68
C VAL B 330 -45.55 -54.45 27.33
N ILE B 331 -44.65 -55.14 26.58
CA ILE B 331 -43.91 -56.28 27.12
C ILE B 331 -42.92 -55.80 28.18
N GLN B 332 -42.35 -54.57 28.01
CA GLN B 332 -41.38 -53.96 28.94
C GLN B 332 -41.98 -53.91 30.34
N LYS B 333 -43.16 -53.28 30.47
CA LYS B 333 -43.86 -53.15 31.74
C LYS B 333 -44.33 -54.48 32.28
N TYR B 334 -44.58 -55.47 31.40
CA TYR B 334 -45.02 -56.82 31.78
C TYR B 334 -43.93 -57.56 32.56
N LEU B 335 -42.72 -57.64 31.97
CA LEU B 335 -41.54 -58.33 32.49
C LEU B 335 -40.97 -57.72 33.76
N TRP B 336 -41.04 -56.38 33.89
CA TRP B 336 -40.59 -55.64 35.07
C TRP B 336 -41.36 -56.14 36.31
N PHE B 337 -42.66 -56.48 36.14
CA PHE B 337 -43.50 -56.97 37.23
C PHE B 337 -44.33 -58.20 36.83
N ASP C 1 30.38 9.72 13.62
CA ASP C 1 31.42 10.72 13.87
C ASP C 1 31.63 11.63 12.63
N LYS C 2 32.78 12.36 12.55
CA LYS C 2 33.09 13.24 11.42
C LYS C 2 34.06 12.59 10.37
N THR C 3 34.16 11.24 10.32
CA THR C 3 34.97 10.52 9.33
C THR C 3 34.10 10.12 8.13
N VAL C 4 34.66 10.20 6.91
CA VAL C 4 34.02 9.77 5.66
C VAL C 4 34.81 8.56 5.13
N ARG C 5 34.12 7.41 5.00
CA ARG C 5 34.72 6.18 4.47
C ARG C 5 34.58 6.20 2.95
N TRP C 6 35.73 6.35 2.26
CA TRP C 6 35.77 6.40 0.81
C TRP C 6 36.03 5.04 0.21
N CYS C 7 35.33 4.75 -0.89
CA CYS C 7 35.41 3.48 -1.60
C CYS C 7 36.41 3.50 -2.75
N ALA C 8 37.33 2.53 -2.76
CA ALA C 8 38.34 2.36 -3.80
C ALA C 8 38.17 0.99 -4.46
N VAL C 9 38.10 0.97 -5.81
CA VAL C 9 37.84 -0.25 -6.61
C VAL C 9 39.13 -1.04 -7.03
N SER C 10 40.32 -0.50 -6.73
CA SER C 10 41.60 -1.14 -7.06
C SER C 10 42.66 -0.86 -5.98
N GLU C 11 43.83 -1.54 -6.08
CA GLU C 11 44.91 -1.37 -5.11
C GLU C 11 45.55 0.01 -5.22
N HIS C 12 45.71 0.51 -6.46
CA HIS C 12 46.30 1.83 -6.78
C HIS C 12 45.41 2.99 -6.34
N GLU C 13 44.08 2.73 -6.30
CA GLU C 13 43.07 3.68 -5.85
C GLU C 13 43.04 3.72 -4.32
N ALA C 14 43.27 2.55 -3.67
CA ALA C 14 43.32 2.40 -2.23
C ALA C 14 44.56 3.11 -1.62
N THR C 15 45.68 3.13 -2.35
CA THR C 15 46.92 3.76 -1.88
C THR C 15 46.88 5.28 -2.08
N LYS C 16 46.24 5.78 -3.16
CA LYS C 16 46.08 7.23 -3.41
C LYS C 16 45.21 7.83 -2.30
N CYS C 17 44.31 7.01 -1.82
CA CYS C 17 43.36 7.36 -0.80
C CYS C 17 44.04 7.44 0.56
N GLN C 18 45.02 6.55 0.85
CA GLN C 18 45.77 6.57 2.11
C GLN C 18 46.54 7.88 2.16
N SER C 19 47.05 8.30 0.99
CA SER C 19 47.77 9.54 0.76
C SER C 19 46.79 10.71 0.96
N PHE C 20 45.52 10.56 0.50
CA PHE C 20 44.48 11.57 0.66
C PHE C 20 44.18 11.81 2.14
N ARG C 21 43.99 10.72 2.93
CA ARG C 21 43.72 10.79 4.38
C ARG C 21 44.85 11.51 5.10
N ASP C 22 46.09 11.02 4.89
CA ASP C 22 47.33 11.50 5.52
C ASP C 22 47.57 12.98 5.27
N HIS C 23 47.34 13.43 4.03
CA HIS C 23 47.53 14.83 3.66
C HIS C 23 46.42 15.74 4.26
N MET C 24 45.19 15.19 4.44
CA MET C 24 44.03 15.89 5.04
C MET C 24 44.22 16.11 6.54
N LYS C 25 44.77 15.07 7.22
CA LYS C 25 45.11 15.03 8.64
C LYS C 25 46.11 16.15 8.98
N SER C 26 47.02 16.42 8.03
CA SER C 26 48.10 17.41 8.06
C SER C 26 47.65 18.87 7.83
N VAL C 27 46.35 19.12 7.52
CA VAL C 27 45.86 20.48 7.25
C VAL C 27 44.49 20.84 7.93
N ILE C 28 43.70 19.84 8.37
CA ILE C 28 42.38 20.07 8.98
C ILE C 28 42.38 19.77 10.51
N PRO C 29 41.70 20.62 11.34
CA PRO C 29 41.67 20.38 12.79
C PRO C 29 40.85 19.17 13.26
N SER C 30 41.01 18.79 14.56
CA SER C 30 40.36 17.67 15.25
C SER C 30 38.84 17.70 15.13
N ASP C 31 38.24 18.89 15.25
CA ASP C 31 36.80 19.12 15.15
C ASP C 31 36.23 18.84 13.74
N GLY C 32 36.98 19.22 12.70
CA GLY C 32 36.59 19.07 11.31
C GLY C 32 36.51 17.67 10.71
N PRO C 33 36.22 17.62 9.39
CA PRO C 33 36.08 16.33 8.68
C PRO C 33 37.39 15.55 8.46
N SER C 34 37.29 14.21 8.36
CA SER C 34 38.41 13.28 8.13
C SER C 34 38.07 12.18 7.09
N VAL C 35 39.10 11.59 6.43
CA VAL C 35 38.94 10.49 5.44
C VAL C 35 39.46 9.16 6.02
N ALA C 36 38.91 8.03 5.53
CA ALA C 36 39.26 6.65 5.90
C ALA C 36 38.96 5.84 4.65
N CYS C 37 39.81 4.87 4.27
CA CYS C 37 39.50 4.19 3.02
C CYS C 37 39.10 2.71 3.13
N VAL C 38 38.17 2.29 2.22
CA VAL C 38 37.56 0.96 2.06
C VAL C 38 37.81 0.43 0.63
N LYS C 39 38.28 -0.82 0.49
CA LYS C 39 38.53 -1.39 -0.84
C LYS C 39 37.46 -2.40 -1.24
N LYS C 40 36.96 -2.29 -2.49
CA LYS C 40 35.94 -3.18 -3.07
C LYS C 40 36.30 -3.64 -4.49
N ALA C 41 35.82 -4.83 -4.90
CA ALA C 41 36.11 -5.47 -6.18
C ALA C 41 35.76 -4.68 -7.46
N SER C 42 34.63 -3.97 -7.45
CA SER C 42 34.12 -3.18 -8.59
C SER C 42 33.28 -2.02 -8.08
N TYR C 43 32.73 -1.21 -9.01
CA TYR C 43 31.85 -0.09 -8.66
C TYR C 43 30.56 -0.56 -8.03
N LEU C 44 30.05 -1.72 -8.47
CA LEU C 44 28.79 -2.27 -7.93
C LEU C 44 28.94 -2.73 -6.50
N ASP C 45 30.14 -3.25 -6.15
CA ASP C 45 30.42 -3.69 -4.78
C ASP C 45 30.58 -2.49 -3.87
N CYS C 46 30.97 -1.34 -4.45
CA CYS C 46 31.09 -0.06 -3.75
C CYS C 46 29.71 0.51 -3.44
N ILE C 47 28.78 0.49 -4.44
CA ILE C 47 27.40 0.96 -4.33
C ILE C 47 26.73 0.16 -3.24
N ARG C 48 26.99 -1.16 -3.25
CA ARG C 48 26.47 -2.12 -2.28
C ARG C 48 26.99 -1.86 -0.85
N ALA C 49 28.33 -1.63 -0.71
CA ALA C 49 28.98 -1.34 0.58
C ALA C 49 28.37 -0.08 1.25
N ILE C 50 28.11 1.00 0.46
CA ILE C 50 27.49 2.23 0.96
C ILE C 50 26.10 1.95 1.51
N ALA C 51 25.27 1.26 0.71
CA ALA C 51 23.89 0.88 1.04
C ALA C 51 23.86 0.03 2.31
N ALA C 52 24.88 -0.83 2.47
CA ALA C 52 25.09 -1.73 3.63
C ALA C 52 25.90 -1.05 4.78
N ASN C 53 25.93 0.32 4.80
CA ASN C 53 26.59 1.22 5.78
C ASN C 53 28.02 0.78 6.14
N GLU C 54 28.77 0.23 5.16
CA GLU C 54 30.16 -0.20 5.33
C GLU C 54 31.09 0.95 4.93
N ALA C 55 30.76 1.61 3.80
CA ALA C 55 31.45 2.79 3.27
C ALA C 55 30.44 3.93 3.24
N ASP C 56 30.88 5.13 2.83
CA ASP C 56 29.99 6.30 2.81
C ASP C 56 29.87 6.98 1.45
N ALA C 57 30.99 7.05 0.68
CA ALA C 57 31.01 7.70 -0.63
C ALA C 57 31.91 7.04 -1.68
N VAL C 58 31.53 7.24 -2.96
CA VAL C 58 32.23 6.82 -4.17
C VAL C 58 31.81 7.76 -5.35
N THR C 59 32.76 8.04 -6.28
CA THR C 59 32.48 8.85 -7.45
C THR C 59 32.16 7.89 -8.61
N LEU C 60 31.07 8.19 -9.33
CA LEU C 60 30.56 7.36 -10.43
C LEU C 60 30.15 8.15 -11.67
N ASP C 61 30.14 7.46 -12.83
CA ASP C 61 29.65 8.02 -14.08
C ASP C 61 28.12 7.82 -14.04
N ALA C 62 27.38 8.67 -14.77
CA ALA C 62 25.91 8.70 -14.87
C ALA C 62 25.21 7.35 -14.94
N GLY C 63 25.78 6.41 -15.68
CA GLY C 63 25.24 5.07 -15.86
C GLY C 63 25.16 4.30 -14.57
N LEU C 64 26.19 4.44 -13.73
CA LEU C 64 26.23 3.78 -12.43
C LEU C 64 25.47 4.59 -11.36
N VAL C 65 25.36 5.92 -11.56
CA VAL C 65 24.58 6.84 -10.73
C VAL C 65 23.09 6.46 -10.84
N TYR C 66 22.67 5.93 -12.01
CA TYR C 66 21.32 5.43 -12.20
C TYR C 66 21.15 4.14 -11.39
N ASP C 67 22.07 3.16 -11.57
CA ASP C 67 22.06 1.87 -10.84
C ASP C 67 22.09 2.08 -9.34
N ALA C 68 22.80 3.12 -8.87
CA ALA C 68 22.92 3.45 -7.46
C ALA C 68 21.60 4.00 -6.91
N TYR C 69 20.82 4.76 -7.72
CA TYR C 69 19.57 5.28 -7.20
C TYR C 69 18.52 4.24 -7.11
N LEU C 70 18.64 3.16 -7.89
CA LEU C 70 17.67 2.06 -7.85
C LEU C 70 17.73 1.20 -6.58
N ALA C 71 16.54 0.73 -6.16
CA ALA C 71 16.36 -0.14 -5.00
C ALA C 71 17.15 -1.44 -5.20
N PRO C 72 17.76 -2.03 -4.15
CA PRO C 72 17.70 -1.65 -2.74
C PRO C 72 18.79 -0.67 -2.27
N ASN C 73 19.59 -0.15 -3.21
CA ASN C 73 20.70 0.75 -2.87
C ASN C 73 20.20 2.11 -2.37
N ASN C 74 19.32 2.72 -3.17
CA ASN C 74 18.67 4.00 -2.97
C ASN C 74 19.67 5.13 -2.63
N LEU C 75 20.84 5.15 -3.31
CA LEU C 75 21.86 6.19 -3.10
C LEU C 75 21.43 7.47 -3.87
N LYS C 76 22.15 8.60 -3.66
CA LYS C 76 21.79 9.85 -4.34
C LYS C 76 23.01 10.77 -4.64
N PRO C 77 22.91 11.64 -5.68
CA PRO C 77 24.02 12.55 -5.98
C PRO C 77 24.16 13.63 -4.89
N VAL C 78 25.38 13.77 -4.32
CA VAL C 78 25.60 14.74 -3.23
C VAL C 78 26.55 15.87 -3.63
N VAL C 79 27.63 15.51 -4.34
CA VAL C 79 28.69 16.41 -4.80
C VAL C 79 28.98 16.07 -6.26
N ALA C 80 29.27 17.10 -7.09
CA ALA C 80 29.56 16.99 -8.52
C ALA C 80 30.93 17.58 -8.88
N GLU C 81 31.64 16.92 -9.84
CA GLU C 81 32.93 17.37 -10.38
C GLU C 81 32.64 18.37 -11.50
N PHE C 82 33.41 19.48 -11.54
CA PHE C 82 33.25 20.49 -12.59
C PHE C 82 34.50 20.60 -13.43
N TYR C 83 34.33 21.05 -14.67
CA TYR C 83 35.43 21.16 -15.60
C TYR C 83 35.47 22.61 -16.14
N GLY C 84 36.67 23.14 -16.40
CA GLY C 84 36.85 24.51 -16.84
C GLY C 84 36.80 25.52 -15.69
N SER C 85 36.60 26.81 -16.03
CA SER C 85 36.55 27.93 -15.07
C SER C 85 35.45 27.81 -14.01
N LYS C 86 35.65 28.55 -12.88
CA LYS C 86 34.71 28.65 -11.74
C LYS C 86 33.44 29.40 -12.16
N GLU C 87 33.59 30.38 -13.08
CA GLU C 87 32.54 31.25 -13.65
C GLU C 87 31.57 30.43 -14.50
N ASP C 88 32.10 29.66 -15.48
CA ASP C 88 31.31 28.77 -16.31
C ASP C 88 31.77 27.33 -16.05
N PRO C 89 31.26 26.65 -14.98
CA PRO C 89 31.65 25.25 -14.75
C PRO C 89 30.95 24.29 -15.72
N GLN C 90 31.64 23.24 -16.16
CA GLN C 90 31.09 22.29 -17.13
C GLN C 90 30.80 20.94 -16.49
N THR C 91 29.77 20.94 -15.64
CA THR C 91 29.31 19.81 -14.83
C THR C 91 28.68 18.65 -15.65
N PHE C 92 27.96 19.01 -16.72
CA PHE C 92 27.21 18.11 -17.60
C PHE C 92 27.70 18.18 -19.03
N TYR C 93 27.49 17.12 -19.82
CA TYR C 93 27.75 17.14 -21.25
C TYR C 93 26.41 16.95 -21.96
N TYR C 94 26.30 17.36 -23.23
CA TYR C 94 25.05 17.23 -23.97
C TYR C 94 25.22 16.20 -25.06
N ALA C 95 24.42 15.13 -25.03
CA ALA C 95 24.47 14.10 -26.07
C ALA C 95 23.62 14.65 -27.20
N VAL C 96 24.22 14.76 -28.41
CA VAL C 96 23.57 15.32 -29.61
C VAL C 96 23.57 14.36 -30.79
N ALA C 97 22.72 14.64 -31.80
CA ALA C 97 22.61 13.89 -33.05
C ALA C 97 22.97 14.83 -34.20
N VAL C 98 24.26 14.86 -34.59
CA VAL C 98 24.78 15.73 -35.64
C VAL C 98 24.46 15.18 -37.02
N VAL C 99 23.96 16.06 -37.89
CA VAL C 99 23.60 15.80 -39.29
C VAL C 99 24.19 16.90 -40.16
N LYS C 100 24.07 16.74 -41.48
CA LYS C 100 24.57 17.76 -42.40
C LYS C 100 23.41 18.65 -42.77
N LYS C 101 23.70 19.94 -42.96
CA LYS C 101 22.73 20.96 -43.35
C LYS C 101 22.05 20.54 -44.66
N ASP C 102 20.70 20.66 -44.74
CA ASP C 102 19.86 20.35 -45.93
C ASP C 102 19.66 18.83 -46.23
N SER C 103 19.90 17.91 -45.25
CA SER C 103 19.72 16.47 -45.55
C SER C 103 18.24 16.01 -45.49
N GLY C 104 17.37 16.88 -44.97
CA GLY C 104 15.92 16.71 -44.93
C GLY C 104 15.28 15.49 -44.30
N PHE C 105 15.71 15.14 -43.09
CA PHE C 105 15.10 14.05 -42.31
C PHE C 105 15.10 14.45 -40.85
N GLN C 106 14.10 13.98 -40.08
CA GLN C 106 14.00 14.29 -38.65
C GLN C 106 14.30 13.09 -37.76
N MET C 107 14.15 13.24 -36.43
CA MET C 107 14.38 12.18 -35.46
C MET C 107 13.50 10.95 -35.71
N ASN C 108 12.23 11.18 -36.07
CA ASN C 108 11.25 10.12 -36.34
C ASN C 108 11.48 9.42 -37.70
N GLN C 109 12.36 9.98 -38.55
CA GLN C 109 12.69 9.47 -39.87
C GLN C 109 14.06 8.77 -39.93
N LEU C 110 14.66 8.44 -38.76
CA LEU C 110 15.97 7.78 -38.69
C LEU C 110 16.01 6.37 -39.25
N ARG C 111 14.86 5.67 -39.30
CA ARG C 111 14.81 4.32 -39.87
C ARG C 111 15.28 4.40 -41.34
N GLY C 112 16.17 3.47 -41.72
CA GLY C 112 16.72 3.39 -43.06
C GLY C 112 17.88 4.33 -43.31
N LYS C 113 18.37 5.06 -42.27
CA LYS C 113 19.51 5.95 -42.46
C LYS C 113 20.81 5.23 -42.08
N LYS C 114 21.95 5.85 -42.37
CA LYS C 114 23.26 5.32 -42.03
C LYS C 114 23.77 6.05 -40.80
N SER C 115 24.08 5.29 -39.74
CA SER C 115 24.48 5.84 -38.45
C SER C 115 25.94 5.65 -38.12
N CYS C 116 26.50 6.62 -37.38
CA CYS C 116 27.88 6.58 -36.92
C CYS C 116 27.85 6.68 -35.39
N HIS C 117 28.38 5.64 -34.72
CA HIS C 117 28.40 5.57 -33.26
C HIS C 117 29.83 5.59 -32.77
N THR C 118 30.03 6.15 -31.55
CA THR C 118 31.35 6.21 -30.93
C THR C 118 31.86 4.77 -30.69
N GLY C 119 30.97 3.94 -30.17
CA GLY C 119 31.23 2.53 -29.91
C GLY C 119 30.02 1.85 -29.30
N LEU C 120 30.01 0.52 -29.41
CA LEU C 120 28.96 -0.31 -28.84
C LEU C 120 29.02 -0.22 -27.34
N GLY C 121 27.88 0.06 -26.74
CA GLY C 121 27.76 0.16 -25.30
C GLY C 121 28.28 1.45 -24.70
N ARG C 122 28.64 2.44 -25.56
CA ARG C 122 29.10 3.75 -25.09
C ARG C 122 27.90 4.66 -24.78
N SER C 123 28.08 5.63 -23.86
CA SER C 123 27.00 6.50 -23.39
C SER C 123 26.33 7.35 -24.45
N ALA C 124 27.07 8.32 -25.01
CA ALA C 124 26.59 9.25 -26.03
C ALA C 124 26.41 8.60 -27.42
N GLY C 125 27.23 7.61 -27.73
CA GLY C 125 27.20 6.96 -29.03
C GLY C 125 26.25 5.81 -29.19
N TRP C 126 25.79 5.21 -28.07
CA TRP C 126 24.94 4.02 -28.13
C TRP C 126 23.80 4.02 -27.16
N ASN C 127 24.08 3.92 -25.85
CA ASN C 127 23.06 3.83 -24.79
C ASN C 127 22.00 4.94 -24.83
N ILE C 128 22.39 6.22 -25.08
CA ILE C 128 21.42 7.31 -25.14
C ILE C 128 20.56 7.25 -26.45
N PRO C 129 21.16 7.25 -27.67
CA PRO C 129 20.34 7.21 -28.90
C PRO C 129 19.46 5.97 -29.02
N ILE C 130 20.07 4.78 -29.00
CA ILE C 130 19.39 3.48 -29.08
C ILE C 130 18.37 3.30 -27.93
N GLY C 131 18.61 3.96 -26.80
CA GLY C 131 17.69 3.95 -25.69
C GLY C 131 16.41 4.70 -26.03
N LEU C 132 16.57 5.88 -26.64
CA LEU C 132 15.45 6.72 -27.05
C LEU C 132 14.73 6.14 -28.29
N LEU C 133 15.48 5.64 -29.26
CA LEU C 133 14.90 5.06 -30.47
C LEU C 133 14.42 3.61 -30.27
N TYR C 134 14.46 3.10 -29.03
CA TYR C 134 14.13 1.71 -28.72
C TYR C 134 12.83 1.21 -29.32
N CYS C 135 11.76 2.01 -29.19
CA CYS C 135 10.45 1.59 -29.67
C CYS C 135 10.25 1.77 -31.18
N ASP C 136 11.15 2.54 -31.83
CA ASP C 136 11.16 2.73 -33.27
C ASP C 136 11.85 1.54 -33.93
N LEU C 137 12.60 0.72 -33.15
CA LEU C 137 13.32 -0.46 -33.63
C LEU C 137 12.38 -1.61 -34.00
N PRO C 138 12.68 -2.43 -35.05
CA PRO C 138 11.77 -3.54 -35.37
C PRO C 138 11.83 -4.70 -34.41
N GLU C 139 10.71 -5.39 -34.30
CA GLU C 139 10.54 -6.54 -33.45
C GLU C 139 11.12 -7.78 -34.17
N PRO C 140 11.89 -8.66 -33.47
CA PRO C 140 12.26 -8.63 -32.04
C PRO C 140 13.42 -7.72 -31.71
N ARG C 141 13.23 -6.95 -30.65
CA ARG C 141 14.20 -6.00 -30.15
C ARG C 141 15.33 -6.66 -29.33
N LYS C 142 15.34 -8.00 -29.23
CA LYS C 142 16.36 -8.78 -28.53
C LYS C 142 16.88 -9.94 -29.43
N PRO C 143 18.21 -10.04 -29.72
CA PRO C 143 19.32 -9.17 -29.25
C PRO C 143 19.20 -7.76 -29.76
N LEU C 144 19.60 -6.75 -28.93
CA LEU C 144 19.53 -5.35 -29.31
C LEU C 144 20.30 -5.02 -30.59
N GLU C 145 21.50 -5.63 -30.75
CA GLU C 145 22.39 -5.45 -31.91
C GLU C 145 21.69 -5.83 -33.21
N LYS C 146 20.95 -6.96 -33.21
CA LYS C 146 20.22 -7.43 -34.39
C LYS C 146 19.20 -6.38 -34.82
N ALA C 147 18.39 -5.91 -33.86
CA ALA C 147 17.37 -4.90 -34.09
C ALA C 147 17.96 -3.58 -34.63
N VAL C 148 19.10 -3.13 -34.07
CA VAL C 148 19.75 -1.90 -34.52
C VAL C 148 20.21 -2.07 -35.98
N ALA C 149 20.76 -3.26 -36.30
CA ALA C 149 21.22 -3.61 -37.63
C ALA C 149 20.09 -3.58 -38.65
N ASN C 150 18.87 -3.97 -38.24
CA ASN C 150 17.70 -3.99 -39.12
C ASN C 150 16.92 -2.68 -39.16
N PHE C 151 17.32 -1.71 -38.34
CA PHE C 151 16.68 -0.41 -38.29
C PHE C 151 17.34 0.50 -39.27
N PHE C 152 18.68 0.63 -39.15
CA PHE C 152 19.52 1.45 -40.00
C PHE C 152 19.93 0.65 -41.23
N SER C 153 20.18 1.35 -42.34
CA SER C 153 20.57 0.72 -43.62
C SER C 153 22.11 0.56 -43.79
N GLY C 154 22.83 0.57 -42.67
CA GLY C 154 24.28 0.46 -42.61
C GLY C 154 24.83 1.30 -41.49
N SER C 155 25.66 0.71 -40.64
CA SER C 155 26.18 1.44 -39.49
C SER C 155 27.67 1.24 -39.24
N CYS C 156 28.17 1.95 -38.23
CA CYS C 156 29.51 1.83 -37.68
C CYS C 156 29.42 1.94 -36.17
N ALA C 157 29.37 0.76 -35.53
CA ALA C 157 29.30 0.62 -34.09
C ALA C 157 30.56 -0.17 -33.70
N PRO C 158 31.70 0.53 -33.44
CA PRO C 158 32.93 -0.17 -33.08
C PRO C 158 32.78 -0.96 -31.79
N CYS C 159 33.53 -2.09 -31.66
CA CYS C 159 33.55 -3.02 -30.52
C CYS C 159 32.39 -4.02 -30.57
N ALA C 160 31.69 -4.07 -31.72
CA ALA C 160 30.57 -4.98 -31.95
C ALA C 160 31.03 -6.14 -32.80
N ASP C 161 30.48 -7.35 -32.57
CA ASP C 161 30.85 -8.51 -33.36
C ASP C 161 30.26 -8.46 -34.76
N GLY C 162 31.13 -8.15 -35.74
CA GLY C 162 30.79 -8.06 -37.15
C GLY C 162 30.50 -9.41 -37.78
N THR C 163 30.94 -10.49 -37.11
CA THR C 163 30.74 -11.88 -37.50
C THR C 163 29.24 -12.22 -37.33
N ASP C 164 28.63 -11.68 -36.25
CA ASP C 164 27.21 -11.86 -35.93
C ASP C 164 26.35 -10.76 -36.52
N PHE C 165 26.80 -9.48 -36.40
CA PHE C 165 26.06 -8.31 -36.87
C PHE C 165 26.86 -7.54 -37.95
N PRO C 166 26.92 -8.04 -39.19
CA PRO C 166 27.69 -7.37 -40.23
C PRO C 166 27.19 -6.00 -40.68
N GLN C 167 25.89 -5.73 -40.54
CA GLN C 167 25.33 -4.42 -40.94
C GLN C 167 25.84 -3.29 -40.03
N LEU C 168 26.25 -3.65 -38.79
CA LEU C 168 26.78 -2.71 -37.80
C LEU C 168 28.22 -2.27 -38.11
N CYS C 169 28.89 -2.94 -39.06
CA CYS C 169 30.27 -2.65 -39.46
C CYS C 169 30.34 -2.21 -40.92
N GLN C 170 29.19 -2.05 -41.58
CA GLN C 170 29.11 -1.66 -42.99
C GLN C 170 29.95 -0.42 -43.32
N LEU C 171 30.08 0.52 -42.39
CA LEU C 171 30.86 1.75 -42.60
C LEU C 171 32.32 1.67 -42.07
N CYS C 172 32.62 0.74 -41.14
CA CYS C 172 33.96 0.51 -40.57
C CYS C 172 34.19 -1.00 -40.42
N PRO C 173 34.38 -1.72 -41.55
CA PRO C 173 34.50 -3.19 -41.51
C PRO C 173 35.40 -3.75 -40.43
N GLY C 174 34.82 -4.60 -39.59
CA GLY C 174 35.50 -5.25 -38.47
C GLY C 174 35.10 -4.67 -37.13
N CYS C 175 34.56 -3.44 -37.14
CA CYS C 175 34.14 -2.69 -35.94
C CYS C 175 35.29 -2.65 -34.92
N GLY C 176 36.46 -2.21 -35.42
CA GLY C 176 37.71 -2.09 -34.67
C GLY C 176 37.56 -1.27 -33.41
N CYS C 177 37.91 -1.88 -32.27
CA CYS C 177 37.80 -1.25 -30.98
C CYS C 177 39.07 -0.49 -30.52
N SER C 178 39.77 0.14 -31.48
CA SER C 178 40.98 0.94 -31.26
C SER C 178 40.95 2.18 -32.16
N THR C 179 41.79 3.19 -31.87
CA THR C 179 41.86 4.44 -32.66
C THR C 179 42.40 4.19 -34.09
N LEU C 180 42.86 2.95 -34.38
CA LEU C 180 43.35 2.52 -35.70
C LEU C 180 42.19 2.52 -36.68
N ASN C 181 40.99 2.22 -36.19
CA ASN C 181 39.74 2.29 -36.92
C ASN C 181 39.44 3.80 -37.02
N GLN C 182 39.57 4.37 -38.23
CA GLN C 182 39.34 5.79 -38.52
C GLN C 182 38.01 6.34 -37.96
N TYR C 183 36.95 5.51 -37.93
CA TYR C 183 35.63 5.91 -37.46
C TYR C 183 35.36 5.54 -36.01
N PHE C 184 36.42 5.32 -35.19
CA PHE C 184 36.32 4.98 -33.75
C PHE C 184 36.23 6.23 -32.85
N GLY C 185 35.48 6.13 -31.76
CA GLY C 185 35.31 7.22 -30.80
C GLY C 185 34.50 8.40 -31.32
N TYR C 186 34.49 9.53 -30.57
CA TYR C 186 33.75 10.76 -30.91
C TYR C 186 34.24 11.36 -32.22
N SER C 187 35.54 11.55 -32.31
CA SER C 187 36.22 12.10 -33.46
C SER C 187 35.91 11.29 -34.73
N GLY C 188 35.95 9.96 -34.61
CA GLY C 188 35.70 9.04 -35.71
C GLY C 188 34.26 8.99 -36.16
N ALA C 189 33.35 9.09 -35.20
CA ALA C 189 31.92 9.12 -35.47
C ALA C 189 31.62 10.39 -36.24
N PHE C 190 32.30 11.50 -35.89
CA PHE C 190 32.15 12.76 -36.60
C PHE C 190 32.75 12.64 -38.01
N LYS C 191 33.92 11.97 -38.12
CA LYS C 191 34.64 11.74 -39.37
C LYS C 191 33.79 10.88 -40.31
N CYS C 192 33.03 9.92 -39.77
CA CYS C 192 32.12 9.05 -40.51
C CYS C 192 31.02 9.88 -41.17
N LEU C 193 30.56 10.94 -40.49
CA LEU C 193 29.57 11.86 -41.01
C LEU C 193 30.22 12.81 -42.01
N LYS C 194 31.33 13.47 -41.60
CA LYS C 194 32.12 14.42 -42.41
C LYS C 194 32.49 13.81 -43.76
N ASP C 195 32.99 12.56 -43.78
CA ASP C 195 33.37 11.82 -44.99
C ASP C 195 32.15 11.36 -45.83
N GLY C 196 30.94 11.60 -45.29
CA GLY C 196 29.68 11.25 -45.95
C GLY C 196 29.35 9.78 -45.96
N ALA C 197 29.98 9.00 -45.06
CA ALA C 197 29.75 7.55 -44.91
C ALA C 197 28.37 7.34 -44.29
N GLY C 198 28.11 8.03 -43.18
CA GLY C 198 26.84 8.00 -42.48
C GLY C 198 26.07 9.30 -42.65
N ASP C 199 24.78 9.28 -42.28
CA ASP C 199 23.85 10.42 -42.35
C ASP C 199 23.72 11.15 -41.00
N VAL C 200 23.94 10.41 -39.89
CA VAL C 200 23.82 10.90 -38.51
C VAL C 200 24.99 10.40 -37.63
N ALA C 201 25.50 11.27 -36.75
CA ALA C 201 26.58 10.93 -35.84
C ALA C 201 26.08 11.13 -34.42
N PHE C 202 26.12 10.08 -33.57
CA PHE C 202 25.68 10.18 -32.17
C PHE C 202 26.88 10.47 -31.31
N VAL C 203 27.03 11.75 -30.97
CA VAL C 203 28.19 12.29 -30.25
C VAL C 203 27.78 13.27 -29.15
N LYS C 204 28.77 14.04 -28.65
CA LYS C 204 28.68 15.11 -27.66
C LYS C 204 28.55 16.45 -28.40
N HIS C 205 28.10 17.50 -27.68
CA HIS C 205 27.95 18.89 -28.17
C HIS C 205 29.30 19.43 -28.65
N SER C 206 30.40 19.09 -27.91
CA SER C 206 31.79 19.48 -28.13
C SER C 206 32.42 18.92 -29.38
N THR C 207 32.11 17.67 -29.75
CA THR C 207 32.69 16.90 -30.85
C THR C 207 32.93 17.71 -32.14
N ILE C 208 31.94 18.53 -32.57
CA ILE C 208 32.07 19.35 -33.78
C ILE C 208 33.14 20.43 -33.62
N PHE C 209 33.18 21.09 -32.45
CA PHE C 209 34.13 22.13 -32.10
C PHE C 209 35.56 21.56 -31.88
N GLU C 210 35.67 20.26 -31.52
CA GLU C 210 36.93 19.52 -31.33
C GLU C 210 37.53 19.05 -32.68
N ASN C 211 36.69 18.96 -33.73
CA ASN C 211 37.05 18.46 -35.07
C ASN C 211 37.01 19.51 -36.20
N LEU C 212 36.28 20.62 -36.00
CA LEU C 212 36.20 21.72 -36.97
C LEU C 212 36.48 23.05 -36.27
N ALA C 213 37.67 23.63 -36.55
CA ALA C 213 38.11 24.90 -35.95
C ALA C 213 37.42 26.12 -36.58
N ASN C 214 37.09 26.05 -37.88
CA ASN C 214 36.44 27.16 -38.60
C ASN C 214 34.94 27.20 -38.44
N LYS C 215 34.44 28.38 -38.02
CA LYS C 215 33.02 28.68 -37.80
C LYS C 215 32.20 28.55 -39.10
N ALA C 216 32.85 28.81 -40.24
CA ALA C 216 32.25 28.71 -41.56
C ALA C 216 32.06 27.24 -41.95
N ASP C 217 33.00 26.35 -41.54
CA ASP C 217 32.97 24.92 -41.81
C ASP C 217 31.86 24.22 -40.99
N ARG C 218 31.72 24.61 -39.69
CA ARG C 218 30.74 24.10 -38.72
C ARG C 218 29.31 24.49 -39.12
N ASP C 219 29.18 25.63 -39.83
CA ASP C 219 27.90 26.17 -40.29
C ASP C 219 27.15 25.20 -41.22
N GLN C 220 27.88 24.26 -41.85
CA GLN C 220 27.34 23.27 -42.79
C GLN C 220 26.79 22.01 -42.08
N TYR C 221 26.60 22.11 -40.77
CA TYR C 221 26.08 21.03 -39.93
C TYR C 221 24.95 21.53 -39.05
N GLU C 222 24.03 20.62 -38.70
CA GLU C 222 22.87 20.90 -37.86
C GLU C 222 22.67 19.78 -36.83
N LEU C 223 21.79 20.00 -35.86
CA LEU C 223 21.50 18.98 -34.84
C LEU C 223 20.04 18.56 -34.96
N LEU C 224 19.74 17.28 -34.67
CA LEU C 224 18.36 16.76 -34.66
C LEU C 224 17.80 16.92 -33.22
N CYS C 225 16.64 17.57 -33.08
CA CYS C 225 16.00 17.75 -31.78
C CYS C 225 14.89 16.73 -31.65
N LEU C 226 14.48 16.42 -30.41
CA LEU C 226 13.46 15.41 -30.14
C LEU C 226 12.03 15.81 -30.61
N ASP C 227 11.80 17.13 -30.85
CA ASP C 227 10.54 17.70 -31.34
C ASP C 227 10.39 17.58 -32.87
N ASN C 228 11.35 16.87 -33.52
CA ASN C 228 11.43 16.60 -34.96
C ASN C 228 11.62 17.90 -35.78
N THR C 229 12.68 18.65 -35.41
CA THR C 229 13.15 19.90 -36.05
C THR C 229 14.68 19.91 -35.98
N ARG C 230 15.31 20.82 -36.71
CA ARG C 230 16.77 20.98 -36.72
C ARG C 230 17.15 22.34 -36.14
N LYS C 231 18.39 22.48 -35.66
CA LYS C 231 18.93 23.71 -35.08
C LYS C 231 20.44 23.76 -35.28
N PRO C 232 21.07 24.96 -35.29
CA PRO C 232 22.53 25.02 -35.47
C PRO C 232 23.29 24.33 -34.34
N VAL C 233 24.50 23.85 -34.65
CA VAL C 233 25.38 23.12 -33.73
C VAL C 233 25.73 23.94 -32.47
N ASP C 234 25.65 25.28 -32.56
CA ASP C 234 25.90 26.21 -31.45
C ASP C 234 24.65 26.43 -30.56
N GLU C 235 23.53 25.74 -30.89
CA GLU C 235 22.26 25.78 -30.16
C GLU C 235 21.96 24.43 -29.47
N TYR C 236 23.03 23.72 -29.05
CA TYR C 236 22.99 22.40 -28.40
C TYR C 236 22.23 22.38 -27.08
N LYS C 237 22.23 23.50 -26.34
CA LYS C 237 21.54 23.66 -25.06
C LYS C 237 20.02 23.66 -25.22
N ASP C 238 19.53 23.98 -26.45
CA ASP C 238 18.11 24.02 -26.85
C ASP C 238 17.74 22.81 -27.72
N CYS C 239 18.76 22.11 -28.26
CA CYS C 239 18.54 20.99 -29.16
C CYS C 239 19.50 19.83 -28.90
N HIS C 240 19.12 18.94 -27.98
CA HIS C 240 19.93 17.77 -27.61
C HIS C 240 19.06 16.55 -27.32
N LEU C 241 19.70 15.35 -27.27
CA LEU C 241 19.05 14.08 -26.97
C LEU C 241 18.95 13.95 -25.46
N ALA C 242 20.07 14.20 -24.73
CA ALA C 242 20.13 14.09 -23.26
C ALA C 242 21.15 15.01 -22.66
N GLN C 243 20.97 15.37 -21.37
CA GLN C 243 21.90 16.17 -20.58
C GLN C 243 22.45 15.23 -19.49
N VAL C 244 23.74 14.87 -19.61
CA VAL C 244 24.41 13.85 -18.80
C VAL C 244 25.47 14.36 -17.84
N PRO C 245 25.32 14.07 -16.52
CA PRO C 245 26.36 14.48 -15.54
C PRO C 245 27.66 13.70 -15.71
N SER C 246 28.80 14.40 -15.68
CA SER C 246 30.09 13.79 -15.97
C SER C 246 30.61 12.82 -14.93
N HIS C 247 30.85 13.27 -13.71
CA HIS C 247 31.33 12.41 -12.63
C HIS C 247 30.68 12.88 -11.33
N THR C 248 29.92 11.97 -10.65
CA THR C 248 29.17 12.32 -9.45
C THR C 248 29.48 11.47 -8.22
N VAL C 249 29.64 12.15 -7.07
CA VAL C 249 29.85 11.56 -5.75
C VAL C 249 28.46 11.18 -5.25
N VAL C 250 28.30 9.92 -4.80
CA VAL C 250 27.02 9.41 -4.29
C VAL C 250 27.09 8.99 -2.84
N ALA C 251 25.92 9.05 -2.15
CA ALA C 251 25.71 8.69 -0.74
C ALA C 251 24.24 8.32 -0.49
N ARG C 252 23.96 7.66 0.67
CA ARG C 252 22.61 7.22 1.07
C ARG C 252 21.59 8.39 1.13
N SER C 253 20.33 8.14 0.69
CA SER C 253 19.21 9.12 0.68
C SER C 253 18.78 9.51 2.07
N MET C 254 18.88 8.56 3.00
CA MET C 254 18.57 8.67 4.42
C MET C 254 19.76 8.09 5.19
N GLY C 255 20.31 8.84 6.12
CA GLY C 255 21.44 8.41 6.93
C GLY C 255 22.78 8.48 6.23
N GLY C 256 22.81 9.20 5.11
CA GLY C 256 24.00 9.45 4.31
C GLY C 256 24.65 10.74 4.75
N LYS C 257 25.97 10.72 4.91
CA LYS C 257 26.72 11.88 5.41
C LYS C 257 26.93 12.99 4.37
N GLU C 258 25.82 13.43 3.72
CA GLU C 258 25.72 14.46 2.68
C GLU C 258 26.51 15.75 3.00
N ASP C 259 26.30 16.29 4.21
CA ASP C 259 26.94 17.52 4.66
C ASP C 259 28.39 17.33 5.04
N LEU C 260 28.72 16.15 5.59
CA LEU C 260 30.08 15.78 5.97
C LEU C 260 30.94 15.49 4.76
N ILE C 261 30.35 14.97 3.68
CA ILE C 261 31.10 14.71 2.45
C ILE C 261 31.41 16.06 1.78
N TRP C 262 30.40 16.97 1.71
CA TRP C 262 30.57 18.30 1.14
C TRP C 262 31.66 19.07 1.85
N GLU C 263 31.60 19.11 3.19
CA GLU C 263 32.59 19.79 4.04
C GLU C 263 33.99 19.24 3.75
N LEU C 264 34.18 17.90 3.77
CA LEU C 264 35.46 17.23 3.50
C LEU C 264 36.00 17.54 2.09
N LEU C 265 35.13 17.43 1.06
CA LEU C 265 35.53 17.68 -0.33
C LEU C 265 35.72 19.18 -0.65
N ASN C 266 35.02 20.12 0.07
CA ASN C 266 35.21 21.56 -0.12
C ASN C 266 36.55 21.95 0.49
N GLN C 267 36.88 21.36 1.65
CA GLN C 267 38.14 21.58 2.33
C GLN C 267 39.26 20.95 1.52
N ALA C 268 39.03 19.76 0.94
CA ALA C 268 40.00 19.04 0.10
C ALA C 268 40.42 19.79 -1.20
N GLN C 269 39.44 20.37 -1.94
CA GLN C 269 39.66 21.14 -3.18
C GLN C 269 40.38 22.48 -2.94
N GLU C 270 40.23 23.01 -1.71
CA GLU C 270 40.83 24.26 -1.28
C GLU C 270 42.29 24.05 -0.94
N HIS C 271 42.65 22.86 -0.41
CA HIS C 271 44.01 22.54 0.01
C HIS C 271 44.83 21.74 -1.00
N PHE C 272 44.24 20.74 -1.68
CA PHE C 272 45.00 19.91 -2.63
C PHE C 272 44.39 19.85 -4.05
N GLY C 273 43.47 20.77 -4.32
CA GLY C 273 42.76 20.89 -5.59
C GLY C 273 43.62 21.46 -6.70
N LYS C 274 42.93 21.94 -7.78
CA LYS C 274 43.58 22.48 -8.99
C LYS C 274 44.37 23.75 -8.69
N ASP C 275 45.69 23.69 -8.95
CA ASP C 275 46.69 24.75 -8.73
C ASP C 275 46.75 25.18 -7.24
N LYS C 276 46.87 24.21 -6.30
CA LYS C 276 46.88 24.56 -4.88
C LYS C 276 48.09 24.03 -4.13
N SER C 277 48.40 22.73 -4.26
CA SER C 277 49.56 22.20 -3.55
C SER C 277 50.41 21.31 -4.42
N LYS C 278 51.74 21.46 -4.25
CA LYS C 278 52.76 20.68 -4.96
C LYS C 278 52.99 19.35 -4.23
N GLU C 279 52.59 19.31 -2.95
CA GLU C 279 52.70 18.18 -2.03
C GLU C 279 51.81 17.01 -2.50
N PHE C 280 50.47 17.24 -2.55
CA PHE C 280 49.47 16.25 -2.97
C PHE C 280 48.47 16.84 -3.97
N GLN C 281 48.04 16.00 -4.93
CA GLN C 281 47.09 16.38 -5.96
C GLN C 281 45.89 15.44 -5.89
N LEU C 282 44.70 16.03 -5.79
CA LEU C 282 43.40 15.35 -5.69
C LEU C 282 43.02 14.75 -7.03
N PHE C 283 43.44 15.44 -8.11
CA PHE C 283 43.10 15.07 -9.46
C PHE C 283 44.32 14.58 -10.26
N SER C 284 45.29 13.88 -9.60
CA SER C 284 46.50 13.30 -10.21
C SER C 284 47.21 12.34 -9.27
N SER C 285 47.87 11.31 -9.85
CA SER C 285 48.62 10.31 -9.09
C SER C 285 49.62 9.52 -9.95
N PRO C 286 50.85 9.25 -9.45
CA PRO C 286 51.82 8.45 -10.24
C PRO C 286 51.47 6.96 -10.35
N HIS C 287 50.57 6.48 -9.48
CA HIS C 287 50.10 5.09 -9.44
C HIS C 287 49.04 4.75 -10.52
N GLY C 288 48.58 5.76 -11.26
CA GLY C 288 47.59 5.60 -12.32
C GLY C 288 46.77 6.84 -12.65
N LYS C 289 46.01 6.73 -13.75
CA LYS C 289 45.16 7.78 -14.29
C LYS C 289 43.68 7.61 -13.84
N ASP C 290 43.01 8.75 -13.50
CA ASP C 290 41.62 8.87 -13.05
C ASP C 290 41.32 8.06 -11.78
N LEU C 291 42.28 8.02 -10.84
CA LEU C 291 42.11 7.30 -9.57
C LEU C 291 41.25 8.12 -8.60
N LEU C 292 40.14 7.53 -8.09
CA LEU C 292 39.15 8.12 -7.18
C LEU C 292 38.28 9.20 -7.82
N PHE C 293 38.89 10.10 -8.61
CA PHE C 293 38.27 11.22 -9.31
C PHE C 293 38.94 11.35 -10.67
N LYS C 294 38.24 11.94 -11.65
CA LYS C 294 38.77 12.18 -12.98
C LYS C 294 39.86 13.23 -12.90
N ASP C 295 41.01 12.96 -13.52
CA ASP C 295 42.17 13.87 -13.51
C ASP C 295 41.89 15.22 -14.17
N SER C 296 40.92 15.22 -15.10
CA SER C 296 40.46 16.38 -15.85
C SER C 296 39.64 17.37 -15.00
N ALA C 297 39.16 16.94 -13.82
CA ALA C 297 38.38 17.80 -12.94
C ALA C 297 39.11 19.02 -12.42
N HIS C 298 38.35 20.12 -12.25
CA HIS C 298 38.83 21.38 -11.74
C HIS C 298 38.37 21.62 -10.29
N GLY C 299 37.57 20.73 -9.77
CA GLY C 299 37.07 20.81 -8.41
C GLY C 299 35.67 20.28 -8.30
N PHE C 300 34.98 20.65 -7.21
CA PHE C 300 33.64 20.21 -6.86
C PHE C 300 32.63 21.32 -6.60
N LEU C 301 31.35 20.97 -6.75
CA LEU C 301 30.20 21.83 -6.50
C LEU C 301 29.17 21.05 -5.70
N LYS C 302 28.43 21.72 -4.80
CA LYS C 302 27.39 21.04 -4.01
C LYS C 302 26.16 20.80 -4.88
N VAL C 303 25.54 19.61 -4.77
CA VAL C 303 24.34 19.31 -5.55
C VAL C 303 23.16 19.92 -4.77
N PRO C 304 22.28 20.78 -5.38
CA PRO C 304 21.15 21.36 -4.61
C PRO C 304 20.36 20.27 -3.86
N PRO C 305 19.94 20.50 -2.59
CA PRO C 305 19.29 19.40 -1.85
C PRO C 305 17.98 18.89 -2.44
N ARG C 306 17.16 19.78 -3.07
CA ARG C 306 15.89 19.42 -3.71
C ARG C 306 16.07 18.39 -4.86
N MET C 307 17.27 18.39 -5.48
CA MET C 307 17.70 17.52 -6.59
C MET C 307 17.82 16.02 -6.22
N ASP C 308 16.98 15.19 -6.87
CA ASP C 308 16.98 13.73 -6.73
C ASP C 308 17.61 13.15 -8.01
N ALA C 309 18.22 11.96 -7.91
CA ALA C 309 18.87 11.30 -9.04
C ALA C 309 18.13 11.43 -10.37
N LYS C 310 16.80 11.15 -10.41
CA LYS C 310 15.96 11.26 -11.61
C LYS C 310 16.01 12.63 -12.29
N MET C 311 15.85 13.69 -11.50
CA MET C 311 15.87 15.09 -11.94
C MET C 311 17.30 15.48 -12.37
N TYR C 312 18.29 15.04 -11.56
CA TYR C 312 19.72 15.29 -11.75
C TYR C 312 20.20 14.68 -13.06
N LEU C 313 19.77 13.45 -13.34
CA LEU C 313 20.11 12.73 -14.58
C LEU C 313 19.26 13.26 -15.75
N GLY C 314 18.08 13.80 -15.43
CA GLY C 314 17.17 14.37 -16.42
C GLY C 314 16.21 13.34 -16.96
N TYR C 315 15.05 13.80 -17.39
CA TYR C 315 14.00 12.93 -17.92
C TYR C 315 14.47 12.08 -19.11
N GLU C 316 15.13 12.74 -20.06
CA GLU C 316 15.65 12.17 -21.30
C GLU C 316 16.60 11.04 -21.02
N TYR C 317 17.67 11.27 -20.19
CA TYR C 317 18.65 10.23 -19.86
C TYR C 317 17.96 9.00 -19.21
N VAL C 318 17.08 9.28 -18.24
CA VAL C 318 16.31 8.28 -17.48
C VAL C 318 15.45 7.43 -18.44
N THR C 319 14.70 8.08 -19.35
CA THR C 319 13.84 7.43 -20.34
C THR C 319 14.64 6.51 -21.28
N ALA C 320 15.86 6.97 -21.70
CA ALA C 320 16.75 6.19 -22.57
C ALA C 320 17.21 4.89 -21.86
N ILE C 321 17.64 5.02 -20.59
CA ILE C 321 18.11 3.89 -19.80
C ILE C 321 16.96 2.95 -19.39
N ARG C 322 15.78 3.48 -19.04
CA ARG C 322 14.62 2.66 -18.69
C ARG C 322 14.28 1.75 -19.89
N ASN C 323 14.18 2.34 -21.12
CA ASN C 323 13.86 1.58 -22.33
C ASN C 323 14.77 0.40 -22.58
N LEU C 324 16.09 0.62 -22.42
CA LEU C 324 17.12 -0.40 -22.61
C LEU C 324 17.03 -1.49 -21.53
N ARG C 325 16.92 -1.10 -20.25
CA ARG C 325 16.85 -2.04 -19.14
C ARG C 325 15.55 -2.86 -19.18
N GLU C 326 14.39 -2.18 -19.17
CA GLU C 326 13.06 -2.79 -19.11
C GLU C 326 12.58 -3.47 -20.39
N GLY C 327 12.68 -2.77 -21.51
CA GLY C 327 12.22 -3.31 -22.79
C GLY C 327 10.72 -3.21 -22.98
N THR C 328 10.05 -2.50 -22.04
CA THR C 328 8.61 -2.21 -21.99
C THR C 328 8.26 -1.29 -23.16
N CYS C 329 7.39 -1.76 -24.04
CA CYS C 329 7.08 -1.05 -25.29
C CYS C 329 5.67 -1.45 -25.81
N PRO C 330 4.82 -0.49 -26.33
CA PRO C 330 3.46 -0.84 -26.81
C PRO C 330 3.35 -1.83 -27.97
N PRO C 339 -4.29 8.99 -21.04
CA PRO C 339 -4.95 10.20 -20.51
C PRO C 339 -3.97 11.15 -19.81
N VAL C 340 -4.43 12.38 -19.52
CA VAL C 340 -3.62 13.43 -18.89
C VAL C 340 -3.72 13.41 -17.37
N LYS C 341 -2.57 13.32 -16.68
CA LYS C 341 -2.56 13.36 -15.22
C LYS C 341 -2.40 14.79 -14.73
N TRP C 342 -3.51 15.36 -14.22
CA TRP C 342 -3.61 16.72 -13.71
C TRP C 342 -3.16 16.78 -12.27
N CYS C 343 -2.19 17.65 -11.98
CA CYS C 343 -1.66 17.84 -10.64
C CYS C 343 -2.59 18.77 -9.83
N ALA C 344 -2.95 18.38 -8.61
CA ALA C 344 -3.84 19.13 -7.73
C ALA C 344 -3.15 19.66 -6.47
N LEU C 345 -3.42 20.94 -6.13
CA LEU C 345 -2.89 21.68 -4.98
C LEU C 345 -3.75 21.44 -3.74
N SER C 346 -3.32 20.49 -2.89
CA SER C 346 -4.02 20.07 -1.67
C SER C 346 -5.39 19.41 -1.98
N HIS C 347 -6.09 19.01 -0.92
CA HIS C 347 -7.34 18.26 -0.97
C HIS C 347 -8.52 18.99 -1.58
N HIS C 348 -8.51 20.33 -1.55
CA HIS C 348 -9.57 21.16 -2.11
C HIS C 348 -9.58 21.03 -3.63
N GLU C 349 -8.39 21.18 -4.26
CA GLU C 349 -8.21 21.06 -5.70
C GLU C 349 -8.47 19.62 -6.15
N ARG C 350 -7.94 18.65 -5.39
CA ARG C 350 -8.07 17.21 -5.63
C ARG C 350 -9.52 16.74 -5.67
N LEU C 351 -10.36 17.29 -4.78
CA LEU C 351 -11.79 16.99 -4.70
C LEU C 351 -12.46 17.34 -6.02
N LYS C 352 -12.16 18.56 -6.55
CA LYS C 352 -12.65 19.07 -7.83
C LYS C 352 -12.11 18.20 -8.97
N CYS C 353 -10.79 17.94 -8.97
CA CYS C 353 -10.10 17.13 -9.96
C CYS C 353 -10.75 15.75 -10.09
N ASP C 354 -11.11 15.13 -8.95
CA ASP C 354 -11.76 13.81 -8.92
C ASP C 354 -13.08 13.83 -9.68
N GLU C 355 -13.91 14.89 -9.47
CA GLU C 355 -15.18 15.08 -10.16
C GLU C 355 -14.92 15.15 -11.65
N TRP C 356 -13.85 15.88 -12.03
CA TRP C 356 -13.42 16.03 -13.42
C TRP C 356 -12.93 14.70 -14.00
N SER C 357 -12.31 13.85 -13.19
CA SER C 357 -11.79 12.57 -13.66
C SER C 357 -12.91 11.61 -14.10
N VAL C 358 -13.93 11.47 -13.25
CA VAL C 358 -15.06 10.58 -13.49
C VAL C 358 -15.96 11.13 -14.59
N ASN C 359 -16.24 12.44 -14.56
CA ASN C 359 -17.09 13.11 -15.54
C ASN C 359 -16.51 13.04 -16.95
N SER C 360 -15.17 13.24 -17.09
CA SER C 360 -14.44 13.16 -18.36
C SER C 360 -14.34 11.72 -18.86
N VAL C 361 -14.68 10.76 -17.98
CA VAL C 361 -14.71 9.32 -18.20
C VAL C 361 -13.32 8.85 -18.74
N GLY C 362 -12.34 8.79 -17.83
CA GLY C 362 -10.98 8.34 -18.08
C GLY C 362 -10.14 9.10 -19.09
N LYS C 363 -10.37 10.43 -19.20
CA LYS C 363 -9.63 11.32 -20.11
C LYS C 363 -8.58 12.13 -19.32
N ILE C 364 -8.95 12.53 -18.09
CA ILE C 364 -8.12 13.26 -17.15
C ILE C 364 -8.01 12.43 -15.86
N GLU C 365 -6.78 12.26 -15.34
CA GLU C 365 -6.50 11.53 -14.09
C GLU C 365 -5.89 12.54 -13.09
N CYS C 366 -5.78 12.19 -11.78
CA CYS C 366 -5.27 13.14 -10.78
C CYS C 366 -4.07 12.66 -9.99
N VAL C 367 -3.33 13.60 -9.38
CA VAL C 367 -2.20 13.39 -8.47
C VAL C 367 -2.18 14.60 -7.52
N SER C 368 -1.94 14.39 -6.22
CA SER C 368 -1.89 15.50 -5.26
C SER C 368 -0.48 15.79 -4.75
N ALA C 369 -0.23 17.07 -4.41
CA ALA C 369 0.98 17.62 -3.82
C ALA C 369 0.56 18.87 -2.99
N GLU C 370 1.27 19.16 -1.88
CA GLU C 370 0.92 20.29 -1.01
C GLU C 370 1.37 21.66 -1.53
N THR C 371 2.42 21.71 -2.40
CA THR C 371 2.90 22.95 -3.01
C THR C 371 2.91 22.86 -4.55
N THR C 372 2.91 24.03 -5.17
CA THR C 372 2.93 24.21 -6.61
C THR C 372 4.26 23.73 -7.17
N GLU C 373 5.40 24.05 -6.50
CA GLU C 373 6.72 23.61 -6.99
C GLU C 373 6.89 22.08 -6.89
N ASP C 374 6.20 21.42 -5.91
CA ASP C 374 6.19 19.96 -5.71
C ASP C 374 5.46 19.31 -6.88
N CYS C 375 4.43 20.01 -7.38
CA CYS C 375 3.64 19.63 -8.54
C CYS C 375 4.45 19.80 -9.83
N ILE C 376 5.20 20.93 -9.96
CA ILE C 376 6.06 21.21 -11.12
C ILE C 376 7.09 20.06 -11.26
N ALA C 377 7.65 19.64 -10.12
CA ALA C 377 8.60 18.54 -10.01
C ALA C 377 7.98 17.22 -10.45
N LYS C 378 6.68 17.02 -10.13
CA LYS C 378 5.92 15.82 -10.52
C LYS C 378 5.75 15.79 -12.04
N ILE C 379 5.47 16.96 -12.67
CA ILE C 379 5.32 17.11 -14.12
C ILE C 379 6.67 16.77 -14.75
N MET C 380 7.76 17.42 -14.26
CA MET C 380 9.13 17.26 -14.69
C MET C 380 9.60 15.80 -14.83
N ASN C 381 9.57 15.02 -13.72
CA ASN C 381 9.98 13.61 -13.69
C ASN C 381 9.03 12.68 -14.45
N GLY C 382 7.73 12.93 -14.31
CA GLY C 382 6.71 12.15 -15.01
C GLY C 382 5.54 11.71 -14.17
N GLU C 383 5.61 11.93 -12.84
CA GLU C 383 4.54 11.55 -11.91
C GLU C 383 3.16 12.12 -12.30
N ALA C 384 3.16 13.33 -12.90
CA ALA C 384 2.00 14.04 -13.42
C ALA C 384 2.32 14.62 -14.81
N ASP C 385 1.28 15.03 -15.55
CA ASP C 385 1.45 15.51 -16.91
C ASP C 385 1.23 17.04 -17.09
N ALA C 386 0.17 17.61 -16.49
CA ALA C 386 -0.13 19.03 -16.67
C ALA C 386 -0.84 19.68 -15.50
N MET C 387 -0.75 21.03 -15.40
CA MET C 387 -1.41 21.85 -14.39
C MET C 387 -1.48 23.35 -14.82
N SER C 388 -2.55 24.06 -14.42
CA SER C 388 -2.70 25.49 -14.74
C SER C 388 -1.89 26.32 -13.75
N LEU C 389 -1.02 27.21 -14.26
CA LEU C 389 -0.15 28.02 -13.41
C LEU C 389 -0.28 29.51 -13.61
N ASP C 390 0.03 30.24 -12.53
CA ASP C 390 0.11 31.70 -12.50
C ASP C 390 1.44 32.04 -13.20
N GLY C 391 1.52 33.23 -13.77
CA GLY C 391 2.69 33.74 -14.49
C GLY C 391 4.05 33.52 -13.85
N GLY C 392 4.14 33.76 -12.53
CA GLY C 392 5.38 33.60 -11.78
C GLY C 392 5.86 32.18 -11.73
N PHE C 393 4.89 31.25 -11.65
CA PHE C 393 5.14 29.82 -11.62
C PHE C 393 5.39 29.27 -13.03
N VAL C 394 4.91 29.99 -14.10
CA VAL C 394 5.15 29.63 -15.52
C VAL C 394 6.65 29.88 -15.79
N TYR C 395 7.19 30.97 -15.21
CA TYR C 395 8.60 31.32 -15.29
C TYR C 395 9.45 30.19 -14.65
N ILE C 396 9.13 29.79 -13.39
CA ILE C 396 9.86 28.73 -12.68
C ILE C 396 9.75 27.41 -13.43
N ALA C 397 8.51 27.00 -13.76
CA ALA C 397 8.20 25.77 -14.49
C ALA C 397 8.91 25.69 -15.84
N GLY C 398 8.94 26.82 -16.57
CA GLY C 398 9.59 26.93 -17.87
C GLY C 398 11.09 26.74 -17.78
N LYS C 399 11.71 27.32 -16.71
CA LYS C 399 13.15 27.23 -16.38
C LYS C 399 13.52 25.81 -15.94
N CYS C 400 12.49 24.99 -15.67
CA CYS C 400 12.58 23.60 -15.30
C CYS C 400 12.29 22.69 -16.52
N GLY C 401 12.15 23.27 -17.70
CA GLY C 401 11.94 22.51 -18.92
C GLY C 401 10.53 22.39 -19.45
N LEU C 402 9.54 22.83 -18.67
CA LEU C 402 8.16 22.71 -19.11
C LEU C 402 7.74 23.83 -20.12
N VAL C 403 6.64 23.59 -20.88
CA VAL C 403 6.12 24.51 -21.92
C VAL C 403 4.61 24.83 -21.77
N PRO C 404 4.18 26.08 -22.06
CA PRO C 404 2.75 26.39 -21.98
C PRO C 404 1.99 25.93 -23.22
N VAL C 405 0.76 25.42 -23.05
CA VAL C 405 -0.01 24.91 -24.21
C VAL C 405 -1.34 25.63 -24.42
N LEU C 406 -1.97 26.13 -23.35
CA LEU C 406 -3.23 26.88 -23.41
C LEU C 406 -3.21 28.02 -22.40
N ALA C 407 -3.87 29.13 -22.75
CA ALA C 407 -3.93 30.32 -21.92
C ALA C 407 -5.34 30.54 -21.41
N GLU C 408 -5.45 31.03 -20.16
CA GLU C 408 -6.74 31.32 -19.55
C GLU C 408 -7.21 32.67 -20.05
N ASN C 409 -8.43 32.72 -20.61
CA ASN C 409 -9.03 33.97 -21.09
C ASN C 409 -10.13 34.39 -20.10
N TYR C 410 -10.18 35.71 -19.78
CA TYR C 410 -11.13 36.26 -18.80
C TYR C 410 -12.15 37.27 -19.36
N ASN C 411 -11.83 37.93 -20.50
CA ASN C 411 -12.75 38.88 -21.12
C ASN C 411 -13.80 38.14 -21.98
N LYS C 412 -15.04 38.64 -21.98
CA LYS C 412 -16.17 38.10 -22.73
C LYS C 412 -15.91 38.31 -24.24
N SER C 413 -15.67 37.20 -24.99
CA SER C 413 -15.40 37.24 -26.42
C SER C 413 -16.31 36.34 -27.25
N ASP C 414 -16.43 36.69 -28.55
CA ASP C 414 -17.21 35.99 -29.56
C ASP C 414 -16.59 34.61 -29.76
N ASN C 415 -15.32 34.56 -30.22
CA ASN C 415 -14.54 33.32 -30.34
C ASN C 415 -13.35 33.43 -29.35
N CYS C 416 -13.64 33.16 -28.07
CA CYS C 416 -12.68 33.21 -26.95
C CYS C 416 -11.45 32.32 -27.22
N GLU C 417 -11.69 31.11 -27.78
CA GLU C 417 -10.70 30.09 -28.09
C GLU C 417 -9.53 30.56 -28.98
N ASP C 418 -9.77 31.49 -29.92
CA ASP C 418 -8.70 31.96 -30.80
C ASP C 418 -8.41 33.47 -30.71
N THR C 419 -8.87 34.16 -29.64
CA THR C 419 -8.65 35.60 -29.42
C THR C 419 -7.71 35.85 -28.19
N PRO C 420 -6.37 35.96 -28.38
CA PRO C 420 -5.46 36.17 -27.24
C PRO C 420 -5.61 37.50 -26.52
N GLU C 421 -5.30 37.50 -25.22
CA GLU C 421 -5.39 38.65 -24.31
C GLU C 421 -4.01 39.14 -23.86
N ALA C 422 -3.88 40.45 -23.61
CA ALA C 422 -2.64 41.09 -23.17
C ALA C 422 -2.34 40.82 -21.71
N GLY C 423 -3.37 40.43 -20.97
CA GLY C 423 -3.25 40.11 -19.55
C GLY C 423 -4.11 40.93 -18.61
N TYR C 424 -4.09 40.54 -17.32
CA TYR C 424 -4.84 41.20 -16.25
C TYR C 424 -3.97 42.33 -15.67
N PHE C 425 -4.45 42.99 -14.58
CA PHE C 425 -3.70 44.08 -13.98
C PHE C 425 -3.37 43.83 -12.51
N ALA C 426 -2.10 44.06 -12.13
CA ALA C 426 -1.63 43.93 -10.76
C ALA C 426 -1.92 45.24 -10.05
N VAL C 427 -2.70 45.19 -8.95
CA VAL C 427 -3.10 46.40 -8.22
C VAL C 427 -2.73 46.34 -6.73
N ALA C 428 -2.56 47.53 -6.12
CA ALA C 428 -2.29 47.72 -4.69
C ALA C 428 -3.59 48.28 -4.09
N VAL C 429 -4.32 47.42 -3.32
CA VAL C 429 -5.62 47.76 -2.73
C VAL C 429 -5.48 48.23 -1.28
N VAL C 430 -6.09 49.41 -1.01
CA VAL C 430 -6.16 50.10 0.28
C VAL C 430 -7.63 50.43 0.60
N LYS C 431 -7.92 50.80 1.86
CA LYS C 431 -9.26 51.19 2.26
C LYS C 431 -9.40 52.68 1.97
N LYS C 432 -10.62 53.16 1.69
CA LYS C 432 -10.90 54.58 1.43
C LYS C 432 -10.64 55.39 2.70
N SER C 433 -10.87 54.74 3.86
CA SER C 433 -10.66 55.29 5.20
C SER C 433 -9.18 55.59 5.51
N ALA C 434 -8.24 54.73 5.06
CA ALA C 434 -6.80 54.91 5.28
C ALA C 434 -6.18 55.86 4.24
N SER C 435 -6.68 57.12 4.21
CA SER C 435 -6.27 58.21 3.30
C SER C 435 -4.80 58.63 3.38
N ASP C 436 -4.08 58.30 4.49
CA ASP C 436 -2.64 58.62 4.70
C ASP C 436 -1.68 57.81 3.80
N LEU C 437 -2.14 56.66 3.30
CA LEU C 437 -1.36 55.74 2.47
C LEU C 437 -1.13 56.22 1.06
N THR C 438 0.15 56.17 0.65
CA THR C 438 0.69 56.53 -0.66
C THR C 438 1.59 55.35 -1.07
N TRP C 439 1.77 55.12 -2.41
CA TRP C 439 2.65 54.07 -2.97
C TRP C 439 4.05 54.09 -2.31
N ASP C 440 4.57 55.30 -2.06
CA ASP C 440 5.87 55.57 -1.44
C ASP C 440 5.86 55.39 0.09
N ASN C 441 4.71 55.69 0.74
CA ASN C 441 4.46 55.63 2.19
C ASN C 441 4.13 54.21 2.73
N LEU C 442 4.60 53.15 2.06
CA LEU C 442 4.31 51.77 2.48
C LEU C 442 5.33 51.17 3.48
N LYS C 443 6.48 51.85 3.75
CA LYS C 443 7.53 51.41 4.68
C LYS C 443 7.05 51.36 6.13
N GLY C 444 7.26 50.21 6.77
CA GLY C 444 6.85 49.94 8.14
C GLY C 444 5.38 49.61 8.31
N LYS C 445 4.66 49.36 7.21
CA LYS C 445 3.23 49.04 7.21
C LYS C 445 2.93 47.53 7.05
N LYS C 446 1.64 47.13 7.06
CA LYS C 446 1.17 45.74 6.94
C LYS C 446 0.73 45.36 5.52
N SER C 447 1.38 44.33 4.93
CA SER C 447 1.07 43.88 3.58
C SER C 447 0.31 42.54 3.55
N CYS C 448 -0.43 42.29 2.47
CA CYS C 448 -1.20 41.07 2.26
C CYS C 448 -1.01 40.54 0.84
N HIS C 449 -0.16 39.52 0.69
CA HIS C 449 0.22 38.92 -0.58
C HIS C 449 -0.59 37.66 -0.86
N THR C 450 -0.88 37.36 -2.16
CA THR C 450 -1.60 36.15 -2.57
C THR C 450 -0.77 34.92 -2.16
N ALA C 451 0.56 34.95 -2.45
CA ALA C 451 1.59 33.95 -2.15
C ALA C 451 2.92 34.46 -2.73
N VAL C 452 4.06 34.00 -2.18
CA VAL C 452 5.39 34.36 -2.68
C VAL C 452 5.64 33.63 -4.03
N GLY C 453 6.16 34.35 -5.01
CA GLY C 453 6.41 33.82 -6.35
C GLY C 453 5.28 34.03 -7.35
N ARG C 454 4.15 34.61 -6.89
CA ARG C 454 2.94 34.91 -7.68
C ARG C 454 3.10 36.26 -8.39
N THR C 455 2.41 36.46 -9.55
CA THR C 455 2.51 37.69 -10.35
C THR C 455 2.07 38.97 -9.61
N ALA C 456 0.75 39.13 -9.38
CA ALA C 456 0.17 40.31 -8.74
C ALA C 456 0.48 40.41 -7.24
N GLY C 457 0.60 39.26 -6.58
CA GLY C 457 0.87 39.15 -5.15
C GLY C 457 2.31 39.31 -4.72
N TRP C 458 3.27 38.94 -5.57
CA TRP C 458 4.66 39.04 -5.16
C TRP C 458 5.58 39.70 -6.18
N ASN C 459 5.83 39.02 -7.32
CA ASN C 459 6.76 39.40 -8.39
C ASN C 459 6.68 40.86 -8.88
N ILE C 460 5.47 41.43 -9.02
CA ILE C 460 5.30 42.81 -9.50
C ILE C 460 5.56 43.83 -8.35
N PRO C 461 4.87 43.82 -7.17
CA PRO C 461 5.19 44.83 -6.14
C PRO C 461 6.57 44.73 -5.48
N MET C 462 7.08 43.49 -5.29
CA MET C 462 8.39 43.24 -4.66
C MET C 462 9.56 43.49 -5.61
N GLY C 463 9.28 43.44 -6.92
CA GLY C 463 10.23 43.74 -7.98
C GLY C 463 10.44 45.23 -8.11
N LEU C 464 9.33 46.00 -8.00
CA LEU C 464 9.32 47.46 -8.04
C LEU C 464 9.93 48.01 -6.77
N LEU C 465 9.83 47.26 -5.65
CA LEU C 465 10.41 47.60 -4.35
C LEU C 465 11.92 47.32 -4.36
N TYR C 466 12.35 46.17 -4.91
CA TYR C 466 13.77 45.80 -5.01
C TYR C 466 14.55 46.79 -5.89
N ASN C 467 13.89 47.34 -6.94
CA ASN C 467 14.48 48.33 -7.83
C ASN C 467 14.63 49.72 -7.17
N LYS C 468 14.19 49.86 -5.89
CA LYS C 468 14.25 51.09 -5.11
C LYS C 468 15.10 50.97 -3.83
N ILE C 469 14.88 49.93 -2.99
CA ILE C 469 15.62 49.70 -1.73
C ILE C 469 16.97 48.99 -1.98
N ASN C 470 17.11 48.38 -3.18
CA ASN C 470 18.27 47.63 -3.70
C ASN C 470 18.77 46.51 -2.74
N HIS C 471 17.83 45.90 -1.97
CA HIS C 471 18.09 44.78 -1.04
C HIS C 471 16.89 43.82 -0.95
N CYS C 472 17.18 42.55 -0.55
CA CYS C 472 16.24 41.43 -0.50
C CYS C 472 15.48 41.25 0.85
N ARG C 473 15.83 41.99 1.90
CA ARG C 473 15.16 41.85 3.19
C ARG C 473 13.80 42.58 3.18
N PHE C 474 12.73 41.93 2.64
CA PHE C 474 11.39 42.53 2.59
C PHE C 474 10.68 42.45 3.96
N ASP C 475 11.10 41.48 4.84
CA ASP C 475 10.58 41.30 6.20
C ASP C 475 10.99 42.46 7.14
N GLU C 476 12.09 43.20 6.78
CA GLU C 476 12.62 44.37 7.49
C GLU C 476 11.85 45.61 7.06
N PHE C 477 11.51 45.71 5.75
CA PHE C 477 10.75 46.82 5.16
C PHE C 477 9.34 46.94 5.74
N PHE C 478 8.64 45.80 5.89
CA PHE C 478 7.29 45.76 6.47
C PHE C 478 7.36 45.41 7.95
N SER C 479 6.35 45.87 8.72
CA SER C 479 6.21 45.59 10.15
C SER C 479 5.87 44.10 10.29
N GLU C 480 4.76 43.70 9.64
CA GLU C 480 4.24 42.33 9.54
C GLU C 480 3.33 42.18 8.30
N GLY C 481 2.85 40.96 8.06
CA GLY C 481 1.98 40.64 6.93
C GLY C 481 1.76 39.16 6.73
N CYS C 482 1.11 38.80 5.61
CA CYS C 482 0.86 37.42 5.25
C CYS C 482 1.15 37.17 3.78
N ALA C 483 2.23 36.40 3.52
CA ALA C 483 2.68 35.99 2.19
C ALA C 483 2.87 34.46 2.23
N PRO C 484 1.79 33.66 2.01
CA PRO C 484 1.92 32.19 2.09
C PRO C 484 3.08 31.64 1.26
N GLY C 485 3.92 30.83 1.90
CA GLY C 485 5.10 30.25 1.30
C GLY C 485 6.38 30.70 1.97
N SER C 486 6.32 31.87 2.65
CA SER C 486 7.44 32.49 3.39
C SER C 486 7.85 31.61 4.58
N LYS C 487 9.06 31.83 5.13
CA LYS C 487 9.55 31.07 6.29
C LYS C 487 8.65 31.37 7.47
N LYS C 488 8.11 30.31 8.12
CA LYS C 488 7.17 30.39 9.23
C LYS C 488 7.63 31.28 10.43
N ASP C 489 8.97 31.53 10.55
CA ASP C 489 9.60 32.37 11.58
C ASP C 489 9.80 33.84 11.15
N SER C 490 9.28 34.23 9.96
CA SER C 490 9.37 35.59 9.42
C SER C 490 8.20 36.45 9.93
N SER C 491 8.34 37.79 9.81
CA SER C 491 7.31 38.77 10.16
C SER C 491 6.19 38.70 9.10
N LEU C 492 6.51 38.18 7.89
CA LEU C 492 5.58 38.02 6.77
C LEU C 492 4.70 36.74 6.88
N CYS C 493 4.65 36.12 8.06
CA CYS C 493 3.80 34.97 8.37
C CYS C 493 2.98 35.26 9.64
N LYS C 494 3.28 36.41 10.29
CA LYS C 494 2.64 36.88 11.53
C LYS C 494 1.16 37.23 11.37
N LEU C 495 0.73 37.72 10.19
CA LEU C 495 -0.67 38.10 9.95
C LEU C 495 -1.51 37.01 9.26
N CYS C 496 -0.97 35.78 9.14
CA CYS C 496 -1.67 34.65 8.52
C CYS C 496 -2.74 34.03 9.45
N MET C 497 -3.76 33.32 8.88
CA MET C 497 -4.86 32.73 9.67
C MET C 497 -4.89 31.17 9.71
N GLY C 498 -3.90 30.51 9.09
CA GLY C 498 -3.80 29.05 9.05
C GLY C 498 -3.70 28.40 10.42
N SER C 499 -4.45 27.30 10.61
CA SER C 499 -4.54 26.54 11.87
C SER C 499 -3.27 25.71 12.17
N GLY C 500 -2.46 26.21 13.11
CA GLY C 500 -1.22 25.58 13.59
C GLY C 500 -0.38 25.40 12.35
N LEU C 501 0.02 24.14 12.09
CA LEU C 501 0.84 23.72 10.95
C LEU C 501 0.51 24.40 9.61
N ASN C 502 -0.80 24.61 9.35
CA ASN C 502 -1.36 25.24 8.14
C ASN C 502 -1.07 26.74 7.97
N LEU C 503 -0.47 27.38 9.00
CA LEU C 503 -0.10 28.81 9.00
C LEU C 503 1.03 29.08 8.02
N CYS C 504 0.81 30.07 7.11
CA CYS C 504 1.75 30.50 6.06
C CYS C 504 2.03 29.37 5.01
N GLU C 505 1.03 28.49 4.78
CA GLU C 505 1.08 27.37 3.82
C GLU C 505 0.61 27.81 2.42
N PRO C 506 1.35 27.48 1.31
CA PRO C 506 0.93 27.95 -0.02
C PRO C 506 -0.15 27.11 -0.70
N ASN C 507 -1.30 26.95 -0.01
CA ASN C 507 -2.49 26.24 -0.48
C ASN C 507 -3.74 26.74 0.25
N ASN C 508 -4.93 26.23 -0.15
CA ASN C 508 -6.24 26.64 0.38
C ASN C 508 -6.50 26.29 1.87
N LYS C 509 -5.55 25.58 2.55
CA LYS C 509 -5.61 25.25 3.99
C LYS C 509 -5.34 26.53 4.79
N GLU C 510 -4.54 27.45 4.19
CA GLU C 510 -4.24 28.79 4.72
C GLU C 510 -5.33 29.71 4.14
N GLY C 511 -6.11 30.33 5.02
CA GLY C 511 -7.23 31.20 4.67
C GLY C 511 -6.90 32.51 3.99
N TYR C 512 -5.62 32.93 4.02
CA TYR C 512 -5.19 34.18 3.37
C TYR C 512 -4.40 33.94 2.07
N TYR C 513 -4.41 32.69 1.55
CA TYR C 513 -3.77 32.29 0.30
C TYR C 513 -4.72 32.60 -0.87
N GLY C 514 -4.17 33.19 -1.92
CA GLY C 514 -4.90 33.54 -3.13
C GLY C 514 -5.38 34.98 -3.21
N TYR C 515 -6.06 35.32 -4.32
CA TYR C 515 -6.63 36.65 -4.58
C TYR C 515 -7.68 37.02 -3.54
N THR C 516 -8.67 36.12 -3.31
CA THR C 516 -9.76 36.29 -2.32
C THR C 516 -9.16 36.33 -0.90
N GLY C 517 -8.18 35.46 -0.64
CA GLY C 517 -7.46 35.32 0.63
C GLY C 517 -6.70 36.56 1.03
N ALA C 518 -5.99 37.18 0.08
CA ALA C 518 -5.24 38.42 0.31
C ALA C 518 -6.19 39.59 0.54
N PHE C 519 -7.38 39.57 -0.11
CA PHE C 519 -8.42 40.61 0.08
C PHE C 519 -9.01 40.50 1.48
N ARG C 520 -9.21 39.25 1.94
CA ARG C 520 -9.70 38.94 3.29
C ARG C 520 -8.68 39.44 4.32
N CYS C 521 -7.36 39.32 4.03
CA CYS C 521 -6.27 39.78 4.88
C CYS C 521 -6.33 41.31 5.10
N LEU C 522 -6.61 42.09 4.04
CA LEU C 522 -6.73 43.57 4.05
C LEU C 522 -7.88 44.05 4.95
N VAL C 523 -9.04 43.37 4.86
CA VAL C 523 -10.28 43.66 5.59
C VAL C 523 -10.13 43.35 7.10
N GLU C 524 -9.48 42.21 7.45
CA GLU C 524 -9.34 41.69 8.82
C GLU C 524 -8.04 42.05 9.57
N LYS C 525 -6.86 42.10 8.92
CA LYS C 525 -5.59 42.38 9.61
C LYS C 525 -4.68 43.47 8.98
N GLY C 526 -4.39 43.35 7.69
CA GLY C 526 -3.48 44.25 6.97
C GLY C 526 -3.99 45.64 6.62
N ASP C 527 -3.14 46.42 5.92
CA ASP C 527 -3.49 47.78 5.47
C ASP C 527 -3.22 47.99 3.95
N VAL C 528 -2.60 46.99 3.28
CA VAL C 528 -2.34 46.95 1.82
C VAL C 528 -2.39 45.48 1.33
N ALA C 529 -3.13 45.23 0.22
CA ALA C 529 -3.27 43.91 -0.39
C ALA C 529 -2.86 43.98 -1.87
N PHE C 530 -2.07 42.98 -2.34
CA PHE C 530 -1.57 42.92 -3.71
C PHE C 530 -2.32 41.82 -4.47
N VAL C 531 -3.25 42.22 -5.36
CA VAL C 531 -4.16 41.32 -6.11
C VAL C 531 -4.40 41.74 -7.57
N LYS C 532 -5.29 40.99 -8.28
CA LYS C 532 -5.75 41.29 -9.65
C LYS C 532 -6.77 42.44 -9.57
N HIS C 533 -6.95 43.19 -10.68
CA HIS C 533 -7.86 44.35 -10.77
C HIS C 533 -9.34 44.05 -10.49
N GLN C 534 -9.77 42.80 -10.75
CA GLN C 534 -11.15 42.35 -10.59
C GLN C 534 -11.45 41.67 -9.21
N THR C 535 -10.49 41.69 -8.24
CA THR C 535 -10.66 41.08 -6.90
C THR C 535 -11.69 41.82 -6.06
N VAL C 536 -11.58 43.16 -5.97
CA VAL C 536 -12.51 43.97 -5.19
C VAL C 536 -13.97 43.82 -5.74
N PRO C 537 -14.28 44.02 -7.07
CA PRO C 537 -15.68 43.83 -7.53
C PRO C 537 -16.28 42.42 -7.37
N GLN C 538 -15.44 41.36 -7.49
CA GLN C 538 -15.84 39.95 -7.39
C GLN C 538 -16.29 39.51 -5.98
N ASN C 539 -15.85 40.24 -4.93
CA ASN C 539 -16.14 39.91 -3.53
C ASN C 539 -17.08 40.92 -2.81
N THR C 540 -17.03 42.19 -3.22
CA THR C 540 -17.87 43.27 -2.67
C THR C 540 -19.29 43.24 -3.28
N GLY C 541 -20.20 43.98 -2.65
CA GLY C 541 -21.59 44.12 -3.08
C GLY C 541 -22.38 42.84 -3.00
N GLY C 542 -22.11 42.04 -1.95
CA GLY C 542 -22.77 40.77 -1.71
C GLY C 542 -22.39 39.59 -2.60
N LYS C 543 -21.64 39.85 -3.72
CA LYS C 543 -21.20 38.88 -4.74
C LYS C 543 -20.51 37.61 -4.17
N ASN C 544 -19.93 37.74 -2.97
CA ASN C 544 -19.31 36.67 -2.19
C ASN C 544 -20.24 36.45 -0.98
N PRO C 545 -20.93 35.28 -0.86
CA PRO C 545 -21.89 35.09 0.24
C PRO C 545 -21.30 34.89 1.64
N ASP C 546 -19.95 34.68 1.74
CA ASP C 546 -19.20 34.48 2.99
C ASP C 546 -19.47 35.56 4.06
N PRO C 547 -19.52 35.20 5.37
CA PRO C 547 -19.86 36.22 6.41
C PRO C 547 -19.03 37.50 6.41
N TRP C 548 -17.68 37.38 6.25
CA TRP C 548 -16.73 38.48 6.23
C TRP C 548 -16.93 39.46 5.05
N ALA C 549 -17.34 38.93 3.88
CA ALA C 549 -17.53 39.65 2.61
C ALA C 549 -18.97 40.11 2.30
N LYS C 550 -19.99 39.38 2.80
CA LYS C 550 -21.44 39.61 2.61
C LYS C 550 -21.88 41.09 2.68
N ASN C 551 -21.36 41.83 3.68
CA ASN C 551 -21.71 43.24 3.97
C ASN C 551 -20.68 44.29 3.47
N LEU C 552 -19.69 43.89 2.64
CA LEU C 552 -18.66 44.80 2.10
C LEU C 552 -19.09 45.40 0.76
N ASN C 553 -18.73 46.68 0.52
CA ASN C 553 -19.00 47.41 -0.73
C ASN C 553 -17.72 48.08 -1.30
N GLU C 554 -17.50 47.98 -2.63
CA GLU C 554 -16.30 48.47 -3.35
C GLU C 554 -16.07 49.99 -3.29
N LYS C 555 -17.08 50.75 -2.85
CA LYS C 555 -17.01 52.21 -2.68
C LYS C 555 -16.00 52.57 -1.57
N ASP C 556 -15.78 51.65 -0.61
CA ASP C 556 -14.90 51.79 0.56
C ASP C 556 -13.44 51.36 0.32
N TYR C 557 -13.06 51.07 -0.95
CA TYR C 557 -11.69 50.67 -1.29
C TYR C 557 -11.11 51.48 -2.45
N GLU C 558 -9.80 51.81 -2.34
CA GLU C 558 -9.05 52.61 -3.32
C GLU C 558 -7.84 51.85 -3.89
N LEU C 559 -7.20 52.42 -4.94
CA LEU C 559 -6.02 51.84 -5.59
C LEU C 559 -4.83 52.78 -5.45
N LEU C 560 -3.62 52.22 -5.22
CA LEU C 560 -2.40 53.03 -5.11
C LEU C 560 -1.71 53.11 -6.49
N CYS C 561 -1.67 54.32 -7.07
CA CYS C 561 -1.03 54.58 -8.37
C CYS C 561 0.48 54.82 -8.14
N LEU C 562 1.31 54.45 -9.13
CA LEU C 562 2.78 54.57 -9.11
C LEU C 562 3.31 56.01 -8.92
N ASP C 563 2.47 57.01 -9.24
CA ASP C 563 2.77 58.45 -9.10
C ASP C 563 2.26 59.04 -7.75
N GLY C 564 2.22 58.19 -6.70
CA GLY C 564 1.77 58.53 -5.36
C GLY C 564 0.32 59.00 -5.26
N THR C 565 -0.50 58.62 -6.28
CA THR C 565 -1.91 58.99 -6.45
C THR C 565 -2.85 57.85 -5.98
N ARG C 566 -4.11 58.18 -5.71
CA ARG C 566 -5.15 57.23 -5.30
C ARG C 566 -6.37 57.41 -6.22
N LYS C 567 -6.91 56.29 -6.73
CA LYS C 567 -8.06 56.25 -7.64
C LYS C 567 -9.02 55.10 -7.29
N PRO C 568 -10.33 55.17 -7.64
CA PRO C 568 -11.24 54.04 -7.34
C PRO C 568 -10.86 52.72 -8.03
N VAL C 569 -11.43 51.59 -7.54
CA VAL C 569 -11.17 50.22 -8.04
C VAL C 569 -11.55 50.06 -9.54
N GLU C 570 -12.65 50.71 -10.00
CA GLU C 570 -13.11 50.66 -11.40
C GLU C 570 -12.16 51.38 -12.38
N GLU C 571 -11.33 52.33 -11.86
CA GLU C 571 -10.34 53.13 -12.60
C GLU C 571 -8.95 52.42 -12.62
N TYR C 572 -8.95 51.07 -12.69
CA TYR C 572 -7.78 50.20 -12.73
C TYR C 572 -6.89 50.40 -13.95
N ALA C 573 -7.49 50.72 -15.12
CA ALA C 573 -6.84 50.92 -16.41
C ALA C 573 -5.69 51.94 -16.43
N ASN C 574 -5.80 52.99 -15.58
CA ASN C 574 -4.84 54.10 -15.46
C ASN C 574 -4.24 54.22 -14.04
N CYS C 575 -4.37 53.17 -13.22
CA CYS C 575 -3.85 53.09 -11.85
C CYS C 575 -3.54 51.63 -11.47
N HIS C 576 -2.66 51.01 -12.27
CA HIS C 576 -2.19 49.63 -12.07
C HIS C 576 -0.66 49.62 -11.92
N LEU C 577 -0.12 48.66 -11.14
CA LEU C 577 1.32 48.50 -10.89
C LEU C 577 2.06 48.01 -12.15
N ALA C 578 1.45 47.06 -12.90
CA ALA C 578 1.93 46.46 -14.14
C ALA C 578 0.89 45.50 -14.74
N ARG C 579 0.99 45.22 -16.05
CA ARG C 579 0.12 44.26 -16.72
C ARG C 579 0.67 42.88 -16.37
N ALA C 580 -0.22 41.94 -16.00
CA ALA C 580 0.17 40.59 -15.59
C ALA C 580 -0.15 39.54 -16.66
N PRO C 581 0.78 38.62 -17.00
CA PRO C 581 0.46 37.60 -18.01
C PRO C 581 -0.62 36.65 -17.49
N ASN C 582 -1.65 36.36 -18.34
CA ASN C 582 -2.76 35.44 -18.03
C ASN C 582 -2.24 34.08 -17.58
N HIS C 583 -3.00 33.37 -16.73
CA HIS C 583 -2.58 32.06 -16.25
C HIS C 583 -2.56 31.05 -17.43
N ALA C 584 -1.51 30.21 -17.53
CA ALA C 584 -1.35 29.26 -18.62
C ALA C 584 -1.13 27.82 -18.14
N VAL C 585 -1.62 26.84 -18.93
CA VAL C 585 -1.50 25.39 -18.66
C VAL C 585 -0.13 24.94 -19.15
N VAL C 586 0.73 24.52 -18.23
CA VAL C 586 2.07 24.05 -18.61
C VAL C 586 2.08 22.51 -18.69
N THR C 587 3.06 21.92 -19.40
CA THR C 587 3.21 20.47 -19.56
C THR C 587 4.65 20.11 -19.98
N ARG C 588 4.94 18.81 -20.10
CA ARG C 588 6.21 18.27 -20.58
C ARG C 588 6.14 18.47 -22.11
N LYS C 589 7.27 18.86 -22.74
CA LYS C 589 7.37 19.13 -24.19
C LYS C 589 6.76 17.99 -25.04
N ASP C 590 7.05 16.77 -24.61
CA ASP C 590 6.65 15.49 -25.17
C ASP C 590 5.23 15.08 -24.73
N LYS C 591 4.30 16.06 -24.72
CA LYS C 591 2.89 15.89 -24.36
C LYS C 591 1.99 16.97 -24.95
N GLU C 592 2.60 18.06 -25.49
CA GLU C 592 1.91 19.22 -26.09
C GLU C 592 0.64 18.88 -26.87
N ALA C 593 0.76 18.03 -27.90
CA ALA C 593 -0.35 17.65 -28.79
C ALA C 593 -1.52 16.99 -28.09
N CYS C 594 -1.25 16.00 -27.21
CA CYS C 594 -2.31 15.30 -26.49
C CYS C 594 -3.00 16.18 -25.44
N VAL C 595 -2.23 17.01 -24.68
CA VAL C 595 -2.80 17.93 -23.69
C VAL C 595 -3.74 18.90 -24.41
N HIS C 596 -3.23 19.55 -25.49
CA HIS C 596 -3.94 20.50 -26.34
C HIS C 596 -5.23 19.89 -26.90
N LYS C 597 -5.15 18.64 -27.44
CA LYS C 597 -6.29 17.92 -28.01
C LYS C 597 -7.36 17.62 -26.96
N ILE C 598 -6.99 16.94 -25.86
CA ILE C 598 -7.93 16.54 -24.82
C ILE C 598 -8.50 17.78 -24.11
N LEU C 599 -7.69 18.80 -23.80
CA LEU C 599 -8.21 19.98 -23.14
C LEU C 599 -9.24 20.74 -23.97
N ARG C 600 -9.00 20.92 -25.29
CA ARG C 600 -9.94 21.59 -26.21
C ARG C 600 -11.23 20.77 -26.29
N GLN C 601 -11.10 19.42 -26.46
CA GLN C 601 -12.18 18.43 -26.53
C GLN C 601 -13.02 18.56 -25.25
N GLN C 602 -12.34 18.49 -24.08
CA GLN C 602 -12.90 18.58 -22.72
C GLN C 602 -13.61 19.91 -22.44
N GLN C 603 -12.99 21.03 -22.86
CA GLN C 603 -13.46 22.42 -22.70
C GLN C 603 -14.84 22.64 -23.33
N HIS C 604 -15.06 22.07 -24.53
CA HIS C 604 -16.32 22.16 -25.25
C HIS C 604 -17.40 21.34 -24.57
N LEU C 605 -16.98 20.31 -23.81
CA LEU C 605 -17.88 19.44 -23.07
C LEU C 605 -18.23 20.04 -21.69
N PHE C 606 -17.22 20.46 -20.89
CA PHE C 606 -17.41 21.03 -19.55
C PHE C 606 -16.91 22.47 -19.45
N LYS C 625 -12.89 30.91 -4.87
CA LYS C 625 -12.05 29.79 -4.45
C LYS C 625 -10.85 29.53 -5.39
N ASP C 626 -11.07 29.67 -6.72
CA ASP C 626 -10.11 29.51 -7.83
C ASP C 626 -9.35 28.14 -7.83
N LEU C 627 -10.10 27.03 -7.69
CA LEU C 627 -9.55 25.67 -7.67
C LEU C 627 -9.25 25.12 -9.08
N LEU C 628 -8.02 24.62 -9.30
CA LEU C 628 -7.44 24.10 -10.57
C LEU C 628 -7.10 25.23 -11.54
N PHE C 629 -8.11 26.08 -11.85
CA PHE C 629 -8.08 27.25 -12.73
C PHE C 629 -8.74 28.41 -11.98
N ARG C 630 -8.47 29.66 -12.40
CA ARG C 630 -9.10 30.86 -11.84
C ARG C 630 -10.60 30.78 -12.15
N ASP C 631 -11.46 31.08 -11.17
CA ASP C 631 -12.92 30.99 -11.35
C ASP C 631 -13.49 32.00 -12.38
N ASP C 632 -12.69 33.02 -12.79
CA ASP C 632 -13.10 34.00 -13.79
C ASP C 632 -12.61 33.62 -15.22
N THR C 633 -12.31 32.31 -15.44
CA THR C 633 -11.90 31.77 -16.74
C THR C 633 -13.17 31.54 -17.57
N VAL C 634 -13.28 32.22 -18.71
CA VAL C 634 -14.44 32.06 -19.62
C VAL C 634 -14.21 30.88 -20.56
N CYS C 635 -12.92 30.63 -20.91
CA CYS C 635 -12.44 29.55 -21.78
C CYS C 635 -10.89 29.45 -21.81
N LEU C 636 -10.38 28.34 -22.38
CA LEU C 636 -8.95 28.01 -22.57
C LEU C 636 -8.61 28.30 -24.02
N ALA C 637 -7.75 29.30 -24.25
CA ALA C 637 -7.38 29.77 -25.59
C ALA C 637 -6.05 29.20 -26.12
N LYS C 638 -6.01 28.93 -27.45
CA LYS C 638 -4.88 28.38 -28.20
C LYS C 638 -3.70 29.33 -28.25
N LEU C 639 -2.49 28.76 -28.24
CA LEU C 639 -1.25 29.51 -28.39
C LEU C 639 -0.66 29.13 -29.75
N HIS C 640 0.07 30.07 -30.37
CA HIS C 640 0.65 29.79 -31.67
C HIS C 640 2.17 29.77 -31.56
N ASP C 641 2.87 30.82 -32.01
CA ASP C 641 4.33 30.91 -31.96
C ASP C 641 4.84 30.93 -30.52
N ARG C 642 3.97 31.33 -29.56
CA ARG C 642 4.27 31.45 -28.13
C ARG C 642 4.10 30.13 -27.39
N ASN C 643 4.99 29.16 -27.65
CA ASN C 643 4.96 27.86 -26.99
C ASN C 643 6.19 27.65 -26.08
N THR C 644 6.83 28.77 -25.67
CA THR C 644 7.98 28.81 -24.74
C THR C 644 7.66 29.84 -23.65
N TYR C 645 8.24 29.69 -22.44
CA TYR C 645 7.99 30.62 -21.32
C TYR C 645 8.36 32.05 -21.65
N GLU C 646 9.50 32.23 -22.38
CA GLU C 646 10.02 33.54 -22.80
C GLU C 646 9.05 34.19 -23.76
N LYS C 647 8.49 33.37 -24.67
CA LYS C 647 7.54 33.77 -25.72
C LYS C 647 6.15 34.08 -25.15
N TYR C 648 5.65 33.25 -24.23
CA TYR C 648 4.34 33.44 -23.64
C TYR C 648 4.28 34.66 -22.71
N LEU C 649 5.13 34.64 -21.66
CA LEU C 649 5.20 35.70 -20.64
C LEU C 649 5.62 37.06 -21.17
N GLY C 650 6.36 37.05 -22.27
CA GLY C 650 6.85 38.27 -22.89
C GLY C 650 8.18 38.72 -22.31
N GLU C 651 8.98 39.40 -23.15
CA GLU C 651 10.32 39.91 -22.83
C GLU C 651 10.34 40.80 -21.58
N GLU C 652 9.28 41.60 -21.37
CA GLU C 652 9.14 42.51 -20.24
C GLU C 652 9.02 41.79 -18.89
N TYR C 653 8.10 40.79 -18.79
CA TYR C 653 7.90 40.06 -17.53
C TYR C 653 9.14 39.24 -17.16
N VAL C 654 9.71 38.49 -18.12
CA VAL C 654 10.90 37.65 -17.92
C VAL C 654 12.05 38.49 -17.32
N LYS C 655 12.31 39.69 -17.90
CA LYS C 655 13.35 40.63 -17.45
C LYS C 655 13.13 41.07 -16.01
N ALA C 656 11.85 41.32 -15.65
CA ALA C 656 11.44 41.75 -14.30
C ALA C 656 11.60 40.64 -13.27
N VAL C 657 11.29 39.37 -13.63
CA VAL C 657 11.42 38.23 -12.73
C VAL C 657 12.91 37.88 -12.56
N GLY C 658 13.67 38.01 -13.65
CA GLY C 658 15.11 37.77 -13.68
C GLY C 658 15.86 38.66 -12.71
N ASN C 659 15.38 39.92 -12.56
CA ASN C 659 15.90 40.97 -11.66
C ASN C 659 15.78 40.56 -10.18
N LEU C 660 14.84 39.63 -9.86
CA LEU C 660 14.57 39.14 -8.50
C LEU C 660 15.28 37.82 -8.16
N ARG C 661 16.07 37.25 -9.09
CA ARG C 661 16.81 35.98 -8.92
C ARG C 661 17.72 35.97 -7.65
N LYS C 662 18.31 37.14 -7.30
CA LYS C 662 19.17 37.30 -6.12
C LYS C 662 18.40 37.08 -4.81
N CYS C 663 17.09 37.37 -4.82
CA CYS C 663 16.19 37.29 -3.67
C CYS C 663 15.29 36.04 -3.65
N SER C 664 15.52 35.09 -4.59
CA SER C 664 14.75 33.84 -4.72
C SER C 664 14.87 32.95 -3.48
N THR C 665 13.81 32.20 -3.19
CA THR C 665 13.74 31.28 -2.05
C THR C 665 13.51 29.83 -2.51
N SER C 666 13.07 29.67 -3.78
CA SER C 666 12.74 28.42 -4.45
C SER C 666 13.91 27.42 -4.57
N SER C 667 13.78 26.28 -3.86
CA SER C 667 14.75 25.17 -3.83
C SER C 667 14.75 24.43 -5.16
N LEU C 668 13.60 24.49 -5.88
CA LEU C 668 13.34 23.90 -7.20
C LEU C 668 14.05 24.72 -8.26
N LEU C 669 13.91 26.07 -8.20
CA LEU C 669 14.54 26.99 -9.14
C LEU C 669 16.06 26.88 -9.06
N GLU C 670 16.60 26.86 -7.81
CA GLU C 670 18.02 26.68 -7.50
C GLU C 670 18.54 25.37 -8.15
N ALA C 671 17.71 24.30 -8.12
CA ALA C 671 18.00 22.99 -8.70
C ALA C 671 17.92 22.98 -10.24
N CYS C 672 16.84 23.55 -10.82
CA CYS C 672 16.65 23.60 -12.27
C CYS C 672 17.72 24.42 -12.99
N THR C 673 18.17 25.52 -12.36
CA THR C 673 19.22 26.40 -12.89
C THR C 673 20.62 25.79 -12.70
N PHE C 674 20.76 24.70 -11.90
CA PHE C 674 22.05 24.00 -11.73
C PHE C 674 22.34 23.19 -13.02
N ARG C 675 21.27 22.86 -13.77
CA ARG C 675 21.32 22.14 -15.04
C ARG C 675 21.33 23.16 -16.24
N ARG C 676 20.41 24.17 -16.21
CA ARG C 676 20.29 25.24 -17.22
C ARG C 676 20.13 26.65 -16.57
N PRO C 677 21.25 27.38 -16.27
CA PRO C 677 21.12 28.72 -15.66
C PRO C 677 20.46 29.74 -16.59
#